data_1J20
#
_entry.id   1J20
#
_cell.length_a   228.78
_cell.length_b   228.78
_cell.length_c   159.41
_cell.angle_alpha   90
_cell.angle_beta   90
_cell.angle_gamma   120
#
_symmetry.space_group_name_H-M   'H 3'
#
loop_
_entity.id
_entity.type
_entity.pdbx_description
1 polymer 'Argininosuccinate Synthetase'
2 non-polymer 'SULFATE ION'
3 non-polymer 'ADENOSINE MONOPHOSPHATE'
4 non-polymer ARGININOSUCCINATE
5 water water
#
_entity_poly.entity_id   1
_entity_poly.type   'polypeptide(L)'
_entity_poly.pdbx_seq_one_letter_code
;MKIVLAYSGGLDTSIILKWLKETYRAEVIAFTADIGQGEEVEEAREKALRTGASKAIALDLKEEFVRDFVFPMMRAGAVY
EGYYLLGTSIARPLIAKHLVRIAEEEGAEAIAHGATGKGNDQVRFELTAYALKPDIKVIAPWREWSFQGRKEMIAYAEAH
GIPVPVTQEKPYSMDANLLHISYEGGVLEDPWAEPPKGMFRMTQDPEEAPDAPEYVEVEFFEGDPVAVNGERLSPAALLQ
RLNEIGGRHGVGRVDIVENRFVGMKSRGVYETPGGTILYHARRAVESLTLDREVLHQRDMLSPKYAELVYYGFWYAPERE
ALQAYFDHVARSVTGVARLKLYKGNVYVVGRKAPKSLYRQDLVSFDEAGGYDQKDAEGFIKIQALRLRVRALVEREGHGA
;
_entity_poly.pdbx_strand_id   A,B,C,D
#
loop_
_chem_comp.id
_chem_comp.type
_chem_comp.name
_chem_comp.formula
AMP non-polymer 'ADENOSINE MONOPHOSPHATE' 'C10 H14 N5 O7 P'
AS1 non-polymer ARGININOSUCCINATE 'C10 H18 N4 O6'
SO4 non-polymer 'SULFATE ION' 'O4 S -2'
#
# COMPACT_ATOMS: atom_id res chain seq x y z
N MET A 1 34.24 34.61 -6.56
CA MET A 1 33.23 33.52 -6.47
C MET A 1 33.66 32.32 -7.31
N LYS A 2 33.41 31.12 -6.80
CA LYS A 2 33.75 29.90 -7.50
C LYS A 2 32.49 29.06 -7.71
N ILE A 3 32.46 28.34 -8.83
CA ILE A 3 31.32 27.49 -9.16
C ILE A 3 31.84 26.14 -9.66
N VAL A 4 31.34 25.06 -9.07
CA VAL A 4 31.73 23.71 -9.48
C VAL A 4 30.68 23.25 -10.48
N LEU A 5 31.12 23.03 -11.71
CA LEU A 5 30.23 22.61 -12.78
C LEU A 5 30.35 21.13 -13.14
N ALA A 6 29.20 20.48 -13.29
CA ALA A 6 29.15 19.08 -13.70
C ALA A 6 29.40 19.24 -15.19
N TYR A 7 30.63 18.98 -15.59
CA TYR A 7 31.06 19.14 -16.99
C TYR A 7 31.29 17.79 -17.66
N SER A 8 30.58 17.55 -18.74
CA SER A 8 30.69 16.29 -19.46
C SER A 8 31.56 16.41 -20.71
N GLY A 9 32.01 17.63 -21.02
CA GLY A 9 32.85 17.82 -22.19
C GLY A 9 32.08 18.11 -23.47
N GLY A 10 30.74 18.09 -23.40
CA GLY A 10 29.93 18.35 -24.58
C GLY A 10 29.82 19.81 -24.97
N LEU A 11 29.03 20.10 -26.00
CA LEU A 11 28.86 21.48 -26.46
C LEU A 11 28.15 22.32 -25.41
N ASP A 12 26.98 21.85 -24.96
CA ASP A 12 26.21 22.59 -23.97
C ASP A 12 26.94 22.88 -22.66
N THR A 13 27.61 21.89 -22.07
CA THR A 13 28.31 22.20 -20.82
C THR A 13 29.54 23.08 -21.10
N SER A 14 30.03 23.06 -22.33
CA SER A 14 31.16 23.89 -22.70
C SER A 14 30.66 25.33 -22.82
N ILE A 15 29.48 25.49 -23.42
CA ILE A 15 28.85 26.79 -23.57
C ILE A 15 28.56 27.32 -22.15
N ILE A 16 28.09 26.41 -21.30
CA ILE A 16 27.78 26.74 -19.92
C ILE A 16 29.01 27.21 -19.16
N LEU A 17 30.15 26.59 -19.43
CA LEU A 17 31.36 26.98 -18.75
C LEU A 17 31.67 28.45 -19.08
N LYS A 18 31.58 28.82 -20.35
CA LYS A 18 31.84 30.21 -20.74
C LYS A 18 30.81 31.16 -20.15
N TRP A 19 29.54 30.78 -20.29
CA TRP A 19 28.41 31.55 -19.81
C TRP A 19 28.53 31.84 -18.31
N LEU A 20 28.91 30.83 -17.54
CA LEU A 20 29.06 31.00 -16.09
C LEU A 20 30.16 32.00 -15.74
N LYS A 21 31.30 31.87 -16.41
CA LYS A 21 32.44 32.77 -16.17
C LYS A 21 32.02 34.23 -16.30
N GLU A 22 31.43 34.57 -17.44
CA GLU A 22 31.02 35.95 -17.69
C GLU A 22 29.84 36.42 -16.85
N THR A 23 28.76 35.64 -16.84
CA THR A 23 27.55 35.98 -16.10
C THR A 23 27.76 36.17 -14.60
N TYR A 24 28.59 35.33 -13.99
CA TYR A 24 28.84 35.43 -12.56
C TYR A 24 30.23 35.92 -12.20
N ARG A 25 31.03 36.23 -13.21
CA ARG A 25 32.39 36.69 -13.01
C ARG A 25 33.01 35.74 -12.02
N ALA A 26 32.86 34.47 -12.33
CA ALA A 26 33.35 33.45 -11.46
C ALA A 26 34.41 32.55 -12.03
N GLU A 27 35.06 31.89 -11.10
CA GLU A 27 36.11 30.94 -11.37
C GLU A 27 35.31 29.63 -11.49
N VAL A 28 35.43 28.90 -12.59
CA VAL A 28 34.68 27.67 -12.72
C VAL A 28 35.56 26.43 -12.62
N ILE A 29 35.21 25.56 -11.68
CA ILE A 29 35.92 24.31 -11.46
C ILE A 29 35.08 23.22 -12.12
N ALA A 30 35.64 22.62 -13.16
CA ALA A 30 34.96 21.57 -13.91
C ALA A 30 35.11 20.20 -13.26
N PHE A 31 34.02 19.47 -13.18
CA PHE A 31 34.07 18.12 -12.63
C PHE A 31 33.49 17.16 -13.65
N THR A 32 34.26 16.14 -13.99
CA THR A 32 33.79 15.14 -14.94
C THR A 32 33.95 13.81 -14.23
N ALA A 33 32.90 12.99 -14.28
CA ALA A 33 32.94 11.70 -13.63
C ALA A 33 32.89 10.59 -14.66
N ASP A 34 33.73 9.57 -14.47
CA ASP A 34 33.68 8.43 -15.36
C ASP A 34 32.77 7.45 -14.64
N ILE A 35 31.56 7.26 -15.17
CA ILE A 35 30.62 6.33 -14.58
C ILE A 35 30.22 5.29 -15.62
N GLY A 36 31.10 5.05 -16.59
CA GLY A 36 30.84 4.06 -17.62
C GLY A 36 30.28 4.59 -18.94
N GLN A 37 30.46 5.87 -19.24
CA GLN A 37 29.92 6.45 -20.47
C GLN A 37 30.66 5.97 -21.72
N GLY A 38 31.86 5.43 -21.54
CA GLY A 38 32.62 4.96 -22.69
C GLY A 38 33.38 6.10 -23.34
N GLU A 39 33.67 7.14 -22.57
CA GLU A 39 34.40 8.27 -23.10
C GLU A 39 35.63 8.46 -22.23
N GLU A 40 36.73 8.90 -22.83
CA GLU A 40 37.92 9.13 -22.04
C GLU A 40 37.68 10.42 -21.31
N VAL A 41 37.42 10.33 -20.01
CA VAL A 41 37.15 11.54 -19.25
C VAL A 41 38.33 12.49 -19.19
N GLU A 42 39.54 11.98 -19.35
CA GLU A 42 40.69 12.89 -19.32
C GLU A 42 40.58 13.88 -20.46
N GLU A 43 39.97 13.45 -21.57
CA GLU A 43 39.84 14.36 -22.71
C GLU A 43 38.87 15.50 -22.35
N ALA A 44 37.88 15.18 -21.53
CA ALA A 44 36.90 16.19 -21.10
C ALA A 44 37.60 17.12 -20.13
N ARG A 45 38.42 16.56 -19.24
CA ARG A 45 39.11 17.39 -18.26
C ARG A 45 40.03 18.40 -18.95
N GLU A 46 40.62 18.01 -20.07
CA GLU A 46 41.52 18.91 -20.79
C GLU A 46 40.74 19.92 -21.62
N LYS A 47 39.64 19.49 -22.21
CA LYS A 47 38.82 20.41 -22.99
C LYS A 47 38.31 21.50 -22.06
N ALA A 48 38.03 21.16 -20.80
CA ALA A 48 37.54 22.14 -19.82
C ALA A 48 38.57 23.23 -19.56
N LEU A 49 39.83 22.85 -19.36
CA LEU A 49 40.86 23.83 -19.10
C LEU A 49 41.04 24.75 -20.31
N ARG A 50 40.89 24.19 -21.51
CA ARG A 50 41.00 24.93 -22.75
C ARG A 50 39.83 25.89 -22.84
N THR A 51 38.68 25.40 -22.40
CA THR A 51 37.46 26.16 -22.42
C THR A 51 37.47 27.28 -21.39
N GLY A 52 38.41 27.20 -20.44
CA GLY A 52 38.49 28.25 -19.44
C GLY A 52 38.35 27.90 -17.97
N ALA A 53 38.20 26.61 -17.65
CA ALA A 53 38.08 26.23 -16.25
C ALA A 53 39.33 26.64 -15.49
N SER A 54 39.18 27.08 -14.24
CA SER A 54 40.36 27.46 -13.47
C SER A 54 40.99 26.18 -12.93
N LYS A 55 40.17 25.13 -12.87
CA LYS A 55 40.62 23.83 -12.41
C LYS A 55 39.70 22.80 -13.01
N ALA A 56 40.23 21.63 -13.35
CA ALA A 56 39.41 20.59 -13.94
C ALA A 56 39.71 19.27 -13.23
N ILE A 57 38.66 18.66 -12.70
CA ILE A 57 38.77 17.40 -11.97
C ILE A 57 38.05 16.28 -12.71
N ALA A 58 38.68 15.11 -12.75
CA ALA A 58 38.10 13.95 -13.40
C ALA A 58 38.34 12.75 -12.49
N LEU A 59 37.28 12.00 -12.22
CA LEU A 59 37.38 10.84 -11.32
C LEU A 59 36.74 9.59 -11.87
N ASP A 60 37.34 8.45 -11.54
CA ASP A 60 36.80 7.17 -11.93
C ASP A 60 35.83 6.84 -10.80
N LEU A 61 34.54 6.94 -11.06
CA LEU A 61 33.54 6.65 -10.04
C LEU A 61 32.71 5.43 -10.37
N LYS A 62 33.20 4.60 -11.27
CA LYS A 62 32.47 3.41 -11.66
C LYS A 62 32.16 2.47 -10.50
N GLU A 63 33.17 2.17 -9.68
CA GLU A 63 32.96 1.28 -8.55
C GLU A 63 31.99 1.87 -7.53
N GLU A 64 32.16 3.14 -7.17
CA GLU A 64 31.25 3.75 -6.20
C GLU A 64 29.84 3.77 -6.77
N PHE A 65 29.72 4.05 -8.07
CA PHE A 65 28.41 4.10 -8.73
C PHE A 65 27.65 2.79 -8.55
N VAL A 66 28.25 1.68 -8.95
CA VAL A 66 27.58 0.38 -8.85
C VAL A 66 27.37 -0.11 -7.43
N ARG A 67 28.40 0.02 -6.59
CA ARG A 67 28.35 -0.43 -5.22
C ARG A 67 27.41 0.36 -4.31
N ASP A 68 27.49 1.68 -4.37
CA ASP A 68 26.67 2.54 -3.50
C ASP A 68 25.35 3.10 -4.05
N PHE A 69 25.09 2.90 -5.34
CA PHE A 69 23.84 3.40 -5.89
C PHE A 69 23.10 2.34 -6.69
N VAL A 70 23.76 1.75 -7.67
CA VAL A 70 23.11 0.73 -8.47
C VAL A 70 22.68 -0.49 -7.66
N PHE A 71 23.59 -1.06 -6.86
CA PHE A 71 23.25 -2.24 -6.06
C PHE A 71 22.12 -2.06 -5.04
N PRO A 72 22.16 -0.97 -4.24
CA PRO A 72 21.11 -0.73 -3.24
C PRO A 72 19.75 -0.60 -3.93
N MET A 73 19.74 0.00 -5.11
CA MET A 73 18.51 0.19 -5.86
C MET A 73 18.02 -1.13 -6.42
N MET A 74 18.93 -1.95 -6.93
CA MET A 74 18.54 -3.24 -7.48
C MET A 74 18.01 -4.16 -6.37
N ARG A 75 18.54 -4.00 -5.17
CA ARG A 75 18.11 -4.84 -4.04
C ARG A 75 16.63 -4.62 -3.77
N ALA A 76 16.14 -3.44 -4.12
CA ALA A 76 14.75 -3.07 -3.92
C ALA A 76 13.83 -3.53 -5.05
N GLY A 77 14.41 -4.03 -6.14
CA GLY A 77 13.61 -4.48 -7.26
C GLY A 77 12.93 -3.30 -7.95
N ALA A 78 13.56 -2.14 -7.88
CA ALA A 78 13.01 -0.92 -8.45
C ALA A 78 12.82 -0.89 -9.96
N VAL A 79 11.57 -0.67 -10.37
CA VAL A 79 11.21 -0.54 -11.77
C VAL A 79 10.21 0.60 -11.84
N TYR A 80 10.47 1.60 -12.67
CA TYR A 80 9.58 2.73 -12.80
C TYR A 80 8.59 2.50 -13.94
N GLU A 81 7.32 2.70 -13.62
CA GLU A 81 6.21 2.55 -14.56
C GLU A 81 6.30 1.30 -15.44
N GLY A 82 6.51 0.16 -14.79
CA GLY A 82 6.54 -1.11 -15.49
C GLY A 82 7.78 -1.51 -16.27
N TYR A 83 8.64 -0.57 -16.64
CA TYR A 83 9.81 -0.96 -17.43
C TYR A 83 11.14 -0.26 -17.20
N TYR A 84 11.11 1.03 -16.90
CA TYR A 84 12.34 1.78 -16.71
C TYR A 84 13.19 1.35 -15.51
N LEU A 85 14.38 0.83 -15.79
CA LEU A 85 15.30 0.36 -14.75
C LEU A 85 16.15 1.46 -14.14
N LEU A 86 15.76 2.70 -14.40
CA LEU A 86 16.38 3.89 -13.82
C LEU A 86 17.87 4.19 -14.01
N GLY A 87 18.43 3.77 -15.14
CA GLY A 87 19.85 4.00 -15.41
C GLY A 87 20.39 5.41 -15.22
N THR A 88 19.64 6.40 -15.70
CA THR A 88 20.08 7.78 -15.55
C THR A 88 19.73 8.27 -14.15
N SER A 89 18.56 7.87 -13.67
CA SER A 89 18.07 8.27 -12.35
C SER A 89 19.03 8.06 -11.17
N ILE A 90 19.57 6.84 -10.97
CA ILE A 90 20.50 6.64 -9.85
C ILE A 90 21.88 7.20 -10.02
N ALA A 91 22.20 7.70 -11.20
CA ALA A 91 23.54 8.24 -11.41
C ALA A 91 23.65 9.71 -11.01
N ARG A 92 22.56 10.46 -11.16
CA ARG A 92 22.59 11.88 -10.83
C ARG A 92 22.94 12.19 -9.35
N PRO A 93 22.40 11.42 -8.39
CA PRO A 93 22.72 11.70 -6.98
C PRO A 93 24.22 11.61 -6.74
N LEU A 94 24.85 10.64 -7.36
CA LEU A 94 26.28 10.39 -7.24
C LEU A 94 27.05 11.61 -7.74
N ILE A 95 26.68 12.11 -8.92
CA ILE A 95 27.35 13.27 -9.47
C ILE A 95 27.22 14.48 -8.57
N ALA A 96 25.99 14.76 -8.13
CA ALA A 96 25.76 15.93 -7.27
C ALA A 96 26.48 15.79 -5.94
N LYS A 97 26.62 14.56 -5.45
CA LYS A 97 27.31 14.31 -4.19
C LYS A 97 28.74 14.79 -4.31
N HIS A 98 29.38 14.51 -5.44
CA HIS A 98 30.76 14.95 -5.63
C HIS A 98 30.84 16.45 -5.91
N LEU A 99 29.83 17.00 -6.57
CA LEU A 99 29.83 18.44 -6.86
C LEU A 99 29.89 19.19 -5.52
N VAL A 100 29.05 18.78 -4.59
CA VAL A 100 28.99 19.41 -3.27
C VAL A 100 30.26 19.21 -2.44
N ARG A 101 30.86 18.02 -2.53
CA ARG A 101 32.08 17.73 -1.80
C ARG A 101 33.21 18.61 -2.36
N ILE A 102 33.31 18.67 -3.67
CA ILE A 102 34.33 19.47 -4.33
C ILE A 102 34.12 20.95 -4.03
N ALA A 103 32.85 21.37 -4.02
CA ALA A 103 32.51 22.76 -3.72
C ALA A 103 33.05 23.09 -2.34
N GLU A 104 32.84 22.19 -1.39
CA GLU A 104 33.32 22.38 -0.03
C GLU A 104 34.85 22.44 0.04
N GLU A 105 35.50 21.53 -0.66
CA GLU A 105 36.96 21.47 -0.68
C GLU A 105 37.60 22.69 -1.34
N GLU A 106 36.97 23.21 -2.39
CA GLU A 106 37.48 24.35 -3.13
C GLU A 106 37.04 25.70 -2.63
N GLY A 107 36.13 25.72 -1.67
CA GLY A 107 35.63 26.98 -1.14
C GLY A 107 34.64 27.63 -2.09
N ALA A 108 33.98 26.84 -2.93
CA ALA A 108 33.00 27.36 -3.87
C ALA A 108 31.61 27.48 -3.25
N GLU A 109 30.96 28.62 -3.44
CA GLU A 109 29.63 28.81 -2.86
C GLU A 109 28.52 28.25 -3.73
N ALA A 110 28.84 27.87 -4.96
CA ALA A 110 27.83 27.34 -5.86
C ALA A 110 28.28 26.18 -6.74
N ILE A 111 27.29 25.47 -7.28
CA ILE A 111 27.53 24.36 -8.19
C ILE A 111 26.59 24.62 -9.36
N ALA A 112 26.89 24.03 -10.51
CA ALA A 112 26.06 24.22 -11.69
C ALA A 112 25.97 22.92 -12.45
N HIS A 113 24.92 22.76 -13.23
CA HIS A 113 24.73 21.56 -14.02
C HIS A 113 24.05 21.97 -15.32
N GLY A 114 24.09 21.08 -16.31
CA GLY A 114 23.49 21.40 -17.59
C GLY A 114 22.20 20.69 -17.93
N ALA A 115 21.40 20.33 -16.94
CA ALA A 115 20.13 19.66 -17.21
C ALA A 115 19.14 20.77 -17.60
N THR A 116 18.20 20.48 -18.50
CA THR A 116 17.24 21.50 -18.92
C THR A 116 16.14 21.74 -17.88
N GLY A 117 15.38 22.81 -18.09
CA GLY A 117 14.30 23.14 -17.17
C GLY A 117 13.04 22.32 -17.33
N LYS A 118 12.99 21.43 -18.30
CA LYS A 118 11.80 20.61 -18.49
C LYS A 118 11.96 19.16 -18.11
N GLY A 119 13.07 18.83 -17.47
CA GLY A 119 13.25 17.45 -17.11
C GLY A 119 13.37 17.08 -15.64
N ASN A 120 13.71 15.80 -15.42
CA ASN A 120 13.89 15.21 -14.11
C ASN A 120 15.29 15.44 -13.55
N ASP A 121 16.29 15.44 -14.43
CA ASP A 121 17.67 15.61 -13.98
C ASP A 121 17.92 16.83 -13.11
N GLN A 122 17.32 17.96 -13.46
CA GLN A 122 17.48 19.18 -12.68
C GLN A 122 16.99 18.96 -11.25
N VAL A 123 15.91 18.19 -11.11
CA VAL A 123 15.36 17.90 -9.79
C VAL A 123 16.30 17.00 -9.00
N ARG A 124 16.79 15.93 -9.64
CA ARG A 124 17.70 15.00 -8.99
C ARG A 124 18.98 15.71 -8.51
N PHE A 125 19.56 16.53 -9.38
CA PHE A 125 20.78 17.26 -9.02
C PHE A 125 20.56 18.17 -7.82
N GLU A 126 19.52 19.00 -7.92
CA GLU A 126 19.23 19.96 -6.88
C GLU A 126 18.69 19.40 -5.58
N LEU A 127 17.82 18.39 -5.64
CA LEU A 127 17.33 17.79 -4.41
C LEU A 127 18.53 17.16 -3.69
N THR A 128 19.44 16.56 -4.44
CA THR A 128 20.61 15.97 -3.80
C THR A 128 21.48 17.06 -3.19
N ALA A 129 21.79 18.07 -3.99
CA ALA A 129 22.63 19.18 -3.52
C ALA A 129 22.08 19.79 -2.23
N TYR A 130 20.82 20.20 -2.26
CA TYR A 130 20.19 20.82 -1.10
C TYR A 130 20.11 19.92 0.13
N ALA A 131 19.90 18.63 -0.09
CA ALA A 131 19.81 17.67 1.00
C ALA A 131 21.14 17.46 1.71
N LEU A 132 22.24 17.54 0.95
CA LEU A 132 23.58 17.33 1.50
C LEU A 132 24.20 18.61 2.06
N LYS A 133 23.90 19.75 1.43
CA LYS A 133 24.42 21.04 1.85
C LYS A 133 23.29 22.04 1.66
N PRO A 134 22.45 22.22 2.69
CA PRO A 134 21.31 23.13 2.64
C PRO A 134 21.51 24.56 2.16
N ASP A 135 22.67 25.15 2.40
CA ASP A 135 22.84 26.52 1.93
C ASP A 135 23.71 26.67 0.68
N ILE A 136 23.91 25.57 -0.03
CA ILE A 136 24.68 25.59 -1.27
C ILE A 136 23.83 26.38 -2.25
N LYS A 137 24.47 27.00 -3.24
CA LYS A 137 23.77 27.75 -4.26
C LYS A 137 23.85 26.91 -5.53
N VAL A 138 22.72 26.77 -6.22
CA VAL A 138 22.70 25.99 -7.45
C VAL A 138 22.36 26.90 -8.63
N ILE A 139 23.09 26.73 -9.72
CA ILE A 139 22.85 27.52 -10.92
C ILE A 139 22.55 26.56 -12.06
N ALA A 140 21.35 26.70 -12.62
CA ALA A 140 20.92 25.87 -13.75
C ALA A 140 20.77 26.80 -14.95
N PRO A 141 21.87 27.08 -15.66
CA PRO A 141 21.83 27.96 -16.82
C PRO A 141 20.64 27.81 -17.78
N TRP A 142 20.17 26.59 -18.01
CA TRP A 142 19.05 26.40 -18.92
C TRP A 142 17.81 27.17 -18.46
N ARG A 143 17.71 27.41 -17.16
CA ARG A 143 16.58 28.14 -16.61
C ARG A 143 16.88 29.62 -16.45
N GLU A 144 18.14 30.02 -16.67
CA GLU A 144 18.54 31.41 -16.50
C GLU A 144 18.92 32.22 -17.75
N TRP A 145 19.46 31.57 -18.78
CA TRP A 145 19.84 32.33 -19.98
C TRP A 145 18.66 32.57 -20.90
N SER A 146 18.87 33.29 -21.99
CA SER A 146 17.75 33.54 -22.88
C SER A 146 17.96 33.11 -24.33
N PHE A 147 18.87 32.16 -24.54
CA PHE A 147 19.11 31.65 -25.88
C PHE A 147 17.75 31.36 -26.48
N GLN A 148 17.51 31.85 -27.69
CA GLN A 148 16.21 31.64 -28.32
C GLN A 148 16.07 30.34 -29.11
N GLY A 149 17.19 29.67 -29.36
CA GLY A 149 17.15 28.42 -30.11
C GLY A 149 18.55 27.85 -30.32
N ARG A 150 18.63 26.72 -31.01
CA ARG A 150 19.92 26.06 -31.27
C ARG A 150 20.91 26.89 -32.07
N LYS A 151 20.44 27.52 -33.13
CA LYS A 151 21.30 28.34 -33.99
C LYS A 151 22.05 29.36 -33.15
N GLU A 152 21.31 30.00 -32.24
CA GLU A 152 21.84 31.03 -31.37
C GLU A 152 22.93 30.47 -30.43
N MET A 153 22.73 29.23 -29.99
CA MET A 153 23.70 28.58 -29.11
C MET A 153 24.97 28.26 -29.90
N ILE A 154 24.82 27.83 -31.15
CA ILE A 154 25.98 27.53 -31.97
C ILE A 154 26.80 28.81 -32.24
N ALA A 155 26.12 29.92 -32.49
CA ALA A 155 26.85 31.17 -32.75
C ALA A 155 27.59 31.59 -31.48
N TYR A 156 26.95 31.43 -30.33
CA TYR A 156 27.58 31.80 -29.07
C TYR A 156 28.86 30.97 -28.91
N ALA A 157 28.74 29.67 -29.15
CA ALA A 157 29.89 28.77 -29.02
C ALA A 157 30.95 29.11 -30.06
N GLU A 158 30.53 29.34 -31.30
CA GLU A 158 31.50 29.68 -32.35
C GLU A 158 32.25 30.95 -31.92
N ALA A 159 31.51 31.94 -31.44
CA ALA A 159 32.10 33.20 -30.99
C ALA A 159 33.08 33.02 -29.84
N HIS A 160 32.89 31.98 -29.03
CA HIS A 160 33.77 31.75 -27.90
C HIS A 160 34.88 30.76 -28.19
N GLY A 161 34.99 30.35 -29.45
CA GLY A 161 36.02 29.40 -29.82
C GLY A 161 35.72 27.99 -29.40
N ILE A 162 34.45 27.70 -29.11
CA ILE A 162 34.11 26.35 -28.71
C ILE A 162 33.79 25.55 -29.95
N PRO A 163 34.46 24.41 -30.14
CA PRO A 163 34.19 23.61 -31.32
C PRO A 163 32.73 23.17 -31.38
N VAL A 164 32.10 23.47 -32.51
CA VAL A 164 30.71 23.11 -32.73
C VAL A 164 30.77 21.90 -33.64
N PRO A 165 29.88 20.93 -33.44
CA PRO A 165 29.97 19.78 -34.34
C PRO A 165 28.99 20.01 -35.49
N PRO A 171 19.75 12.99 -34.25
CA PRO A 171 18.29 13.26 -34.28
C PRO A 171 17.65 12.88 -32.94
N TYR A 172 18.48 12.78 -31.89
CA TYR A 172 18.02 12.45 -30.56
C TYR A 172 19.13 12.69 -29.56
N SER A 173 18.77 12.73 -28.29
CA SER A 173 19.70 13.00 -27.21
C SER A 173 20.04 11.73 -26.40
N MET A 174 21.30 11.61 -25.99
CA MET A 174 21.76 10.44 -25.26
C MET A 174 22.38 10.66 -23.89
N ASP A 175 22.21 9.67 -23.02
CA ASP A 175 22.84 9.72 -21.70
C ASP A 175 23.29 8.29 -21.44
N ALA A 176 24.60 8.12 -21.32
CA ALA A 176 25.19 6.80 -21.10
C ALA A 176 26.03 6.64 -19.84
N ASN A 177 25.95 5.46 -19.26
CA ASN A 177 26.73 5.08 -18.08
C ASN A 177 26.78 3.56 -18.00
N LEU A 178 27.44 3.02 -16.98
CA LEU A 178 27.57 1.56 -16.85
C LEU A 178 26.25 0.80 -16.81
N LEU A 179 25.19 1.44 -16.36
CA LEU A 179 23.89 0.78 -16.25
C LEU A 179 23.09 0.74 -17.54
N HIS A 180 23.11 1.82 -18.31
CA HIS A 180 22.34 1.85 -19.54
C HIS A 180 22.69 3.01 -20.46
N ILE A 181 21.94 3.12 -21.55
CA ILE A 181 22.07 4.24 -22.45
C ILE A 181 20.64 4.66 -22.73
N SER A 182 20.37 5.95 -22.50
CA SER A 182 19.05 6.50 -22.70
C SER A 182 18.97 7.27 -24.01
N TYR A 183 17.82 7.22 -24.66
CA TYR A 183 17.59 7.93 -25.91
C TYR A 183 16.23 8.58 -25.88
N GLU A 184 16.18 9.87 -26.18
CA GLU A 184 14.91 10.60 -26.25
C GLU A 184 15.08 11.95 -26.94
N GLY A 185 13.97 12.51 -27.41
CA GLY A 185 13.99 13.78 -28.10
C GLY A 185 14.11 13.55 -29.60
N GLY A 186 14.09 14.64 -30.36
CA GLY A 186 14.20 14.51 -31.80
C GLY A 186 13.15 13.62 -32.41
N VAL A 187 13.58 12.70 -33.27
CA VAL A 187 12.67 11.80 -33.94
C VAL A 187 11.94 10.85 -32.98
N LEU A 188 12.46 10.71 -31.76
CA LEU A 188 11.84 9.83 -30.77
C LEU A 188 10.58 10.44 -30.13
N GLU A 189 10.36 11.73 -30.34
CA GLU A 189 9.23 12.43 -29.77
C GLU A 189 7.84 12.01 -30.26
N ASP A 190 7.77 11.28 -31.37
CA ASP A 190 6.50 10.78 -31.88
C ASP A 190 6.36 9.36 -31.32
N PRO A 191 5.46 9.16 -30.34
CA PRO A 191 5.25 7.83 -29.73
C PRO A 191 4.80 6.75 -30.69
N TRP A 192 4.37 7.13 -31.88
CA TRP A 192 3.91 6.16 -32.84
C TRP A 192 5.01 5.74 -33.80
N ALA A 193 6.16 6.41 -33.73
CA ALA A 193 7.29 6.12 -34.61
C ALA A 193 8.36 5.20 -33.99
N GLU A 194 8.58 4.03 -34.60
CA GLU A 194 9.61 3.11 -34.09
C GLU A 194 10.97 3.79 -34.12
N PRO A 195 11.84 3.52 -33.13
CA PRO A 195 13.15 4.18 -33.16
C PRO A 195 13.90 3.82 -34.44
N PRO A 196 14.74 4.74 -34.94
CA PRO A 196 15.49 4.47 -36.17
C PRO A 196 16.51 3.35 -36.02
N LYS A 197 16.74 2.64 -37.12
CA LYS A 197 17.70 1.56 -37.15
C LYS A 197 19.11 2.10 -36.89
N GLY A 198 19.91 1.36 -36.15
CA GLY A 198 21.26 1.80 -35.86
C GLY A 198 21.45 2.67 -34.63
N MET A 199 20.35 3.14 -34.05
CA MET A 199 20.44 4.01 -32.87
C MET A 199 21.14 3.37 -31.68
N PHE A 200 20.80 2.13 -31.36
CA PHE A 200 21.38 1.45 -30.20
C PHE A 200 22.89 1.26 -30.32
N ARG A 201 23.57 1.43 -29.20
CA ARG A 201 25.02 1.33 -29.19
C ARG A 201 25.57 0.32 -28.20
N MET A 202 24.86 0.14 -27.10
CA MET A 202 25.30 -0.77 -26.06
C MET A 202 24.89 -2.21 -26.36
N THR A 203 23.81 -2.37 -27.09
CA THR A 203 23.34 -3.70 -27.42
C THR A 203 23.30 -3.94 -28.92
N GLN A 204 23.50 -5.20 -29.27
CA GLN A 204 23.47 -5.69 -30.63
C GLN A 204 22.02 -5.84 -31.05
N ASP A 205 21.70 -5.52 -32.30
CA ASP A 205 20.34 -5.69 -32.81
C ASP A 205 20.02 -7.17 -32.63
N PRO A 206 18.86 -7.51 -32.05
CA PRO A 206 18.51 -8.92 -31.86
C PRO A 206 18.53 -9.69 -33.17
N GLU A 207 18.28 -8.98 -34.26
CA GLU A 207 18.28 -9.61 -35.56
C GLU A 207 19.68 -9.97 -36.00
N GLU A 208 20.69 -9.39 -35.33
CA GLU A 208 22.10 -9.67 -35.64
C GLU A 208 22.81 -10.41 -34.51
N ALA A 209 22.04 -10.81 -33.50
CA ALA A 209 22.59 -11.52 -32.34
C ALA A 209 23.01 -12.95 -32.72
N PRO A 210 23.85 -13.58 -31.89
CA PRO A 210 24.32 -14.96 -32.15
C PRO A 210 23.21 -15.96 -32.47
N ASP A 211 23.50 -16.89 -33.38
CA ASP A 211 22.51 -17.89 -33.74
C ASP A 211 22.32 -18.95 -32.67
N ALA A 212 23.27 -19.03 -31.73
CA ALA A 212 23.15 -20.01 -30.65
C ALA A 212 22.91 -19.27 -29.34
N PRO A 213 22.03 -19.82 -28.49
CA PRO A 213 21.77 -19.18 -27.20
C PRO A 213 22.99 -19.31 -26.31
N GLU A 214 23.14 -18.41 -25.35
CA GLU A 214 24.27 -18.46 -24.43
C GLU A 214 23.74 -18.57 -23.01
N TYR A 215 24.36 -19.45 -22.22
CA TYR A 215 23.96 -19.62 -20.83
C TYR A 215 24.90 -18.82 -19.96
N VAL A 216 24.37 -18.28 -18.87
CA VAL A 216 25.17 -17.51 -17.95
C VAL A 216 24.67 -17.76 -16.54
N GLU A 217 25.58 -17.79 -15.58
CA GLU A 217 25.21 -17.99 -14.20
C GLU A 217 25.62 -16.77 -13.41
N VAL A 218 24.75 -16.35 -12.51
CA VAL A 218 25.05 -15.20 -11.68
C VAL A 218 24.84 -15.59 -10.22
N GLU A 219 25.88 -15.42 -9.42
CA GLU A 219 25.83 -15.74 -8.00
C GLU A 219 25.55 -14.48 -7.19
N PHE A 220 24.66 -14.61 -6.22
CA PHE A 220 24.32 -13.50 -5.33
C PHE A 220 24.72 -13.88 -3.91
N PHE A 221 25.20 -12.91 -3.16
CA PHE A 221 25.54 -13.15 -1.76
C PHE A 221 24.88 -12.05 -0.96
N GLU A 222 24.00 -12.43 -0.05
CA GLU A 222 23.30 -11.48 0.80
C GLU A 222 22.75 -10.27 0.03
N GLY A 223 22.06 -10.54 -1.08
CA GLY A 223 21.43 -9.47 -1.84
C GLY A 223 22.15 -8.81 -3.01
N ASP A 224 23.46 -9.00 -3.12
CA ASP A 224 24.22 -8.40 -4.22
C ASP A 224 24.90 -9.45 -5.07
N PRO A 225 25.01 -9.21 -6.38
CA PRO A 225 25.67 -10.17 -7.27
C PRO A 225 27.18 -10.10 -7.05
N VAL A 226 27.81 -11.26 -6.85
CA VAL A 226 29.24 -11.31 -6.59
C VAL A 226 30.09 -12.08 -7.60
N ALA A 227 29.44 -12.84 -8.47
CA ALA A 227 30.19 -13.61 -9.46
C ALA A 227 29.40 -13.89 -10.73
N VAL A 228 30.12 -14.06 -11.83
CA VAL A 228 29.51 -14.36 -13.12
C VAL A 228 30.22 -15.58 -13.69
N ASN A 229 29.45 -16.62 -13.97
CA ASN A 229 30.03 -17.84 -14.52
C ASN A 229 31.16 -18.33 -13.62
N GLY A 230 30.95 -18.26 -12.31
CA GLY A 230 31.95 -18.73 -11.38
C GLY A 230 33.13 -17.79 -11.13
N GLU A 231 33.20 -16.69 -11.86
CA GLU A 231 34.31 -15.76 -11.64
C GLU A 231 33.87 -14.64 -10.71
N ARG A 232 34.55 -14.48 -9.58
CA ARG A 232 34.18 -13.42 -8.67
C ARG A 232 34.61 -12.09 -9.31
N LEU A 233 33.71 -11.11 -9.27
CA LEU A 233 33.94 -9.80 -9.87
C LEU A 233 33.46 -8.64 -9.00
N SER A 234 34.24 -7.57 -8.96
CA SER A 234 33.89 -6.40 -8.18
C SER A 234 32.60 -5.84 -8.79
N PRO A 235 31.86 -5.03 -8.03
CA PRO A 235 30.60 -4.47 -8.54
C PRO A 235 30.66 -3.94 -9.98
N ALA A 236 31.55 -2.99 -10.25
CA ALA A 236 31.66 -2.41 -11.58
C ALA A 236 32.14 -3.41 -12.62
N ALA A 237 33.11 -4.23 -12.27
CA ALA A 237 33.61 -5.22 -13.21
C ALA A 237 32.48 -6.19 -13.52
N LEU A 238 31.64 -6.49 -12.53
CA LEU A 238 30.54 -7.43 -12.74
C LEU A 238 29.45 -6.89 -13.67
N LEU A 239 29.07 -5.63 -13.50
CA LEU A 239 28.04 -5.03 -14.36
C LEU A 239 28.57 -5.00 -15.79
N GLN A 240 29.84 -4.69 -15.92
CA GLN A 240 30.50 -4.60 -17.23
C GLN A 240 30.47 -5.94 -17.95
N ARG A 241 30.82 -7.01 -17.23
CA ARG A 241 30.82 -8.35 -17.81
C ARG A 241 29.42 -8.70 -18.29
N LEU A 242 28.41 -8.40 -17.48
CA LEU A 242 27.04 -8.70 -17.87
C LEU A 242 26.56 -7.80 -19.00
N ASN A 243 27.15 -6.61 -19.14
CA ASN A 243 26.77 -5.72 -20.23
C ASN A 243 27.30 -6.37 -21.52
N GLU A 244 28.53 -6.86 -21.46
CA GLU A 244 29.17 -7.52 -22.60
C GLU A 244 28.37 -8.74 -23.03
N ILE A 245 27.99 -9.56 -22.05
CA ILE A 245 27.24 -10.77 -22.33
C ILE A 245 25.82 -10.49 -22.78
N GLY A 246 25.07 -9.68 -22.03
CA GLY A 246 23.71 -9.38 -22.44
C GLY A 246 23.71 -8.56 -23.72
N GLY A 247 24.67 -7.64 -23.82
CA GLY A 247 24.77 -6.79 -24.99
C GLY A 247 24.89 -7.55 -26.29
N ARG A 248 25.81 -8.51 -26.36
CA ARG A 248 26.03 -9.29 -27.57
C ARG A 248 24.72 -9.91 -28.07
N HIS A 249 23.79 -10.19 -27.17
CA HIS A 249 22.53 -10.79 -27.57
C HIS A 249 21.34 -9.84 -27.75
N GLY A 250 21.57 -8.54 -27.60
CA GLY A 250 20.48 -7.59 -27.77
C GLY A 250 19.49 -7.51 -26.62
N VAL A 251 19.92 -7.97 -25.45
CA VAL A 251 19.09 -7.99 -24.24
C VAL A 251 18.93 -6.60 -23.59
N GLY A 252 17.76 -6.37 -22.99
CA GLY A 252 17.53 -5.13 -22.27
C GLY A 252 17.00 -3.88 -22.94
N ARG A 253 16.27 -4.03 -24.03
CA ARG A 253 15.73 -2.88 -24.75
C ARG A 253 14.30 -2.56 -24.35
N VAL A 254 14.07 -1.31 -23.99
CA VAL A 254 12.75 -0.86 -23.58
C VAL A 254 12.37 0.44 -24.32
N ASP A 255 11.09 0.57 -24.66
CA ASP A 255 10.57 1.74 -25.39
C ASP A 255 9.25 2.15 -24.72
N ILE A 256 9.29 3.23 -23.96
CA ILE A 256 8.11 3.69 -23.22
C ILE A 256 7.81 5.18 -23.27
N VAL A 257 6.57 5.53 -22.92
CA VAL A 257 6.16 6.92 -22.80
C VAL A 257 5.97 6.99 -21.29
N GLU A 258 6.82 7.77 -20.64
CA GLU A 258 6.83 7.91 -19.18
C GLU A 258 6.31 9.25 -18.67
N ASN A 259 5.99 9.29 -17.38
CA ASN A 259 5.51 10.52 -16.76
C ASN A 259 6.65 11.17 -16.01
N ARG A 260 7.09 12.35 -16.46
CA ARG A 260 8.17 13.04 -15.77
C ARG A 260 7.63 13.62 -14.46
N PHE A 261 8.54 13.89 -13.54
CA PHE A 261 8.16 14.46 -12.26
C PHE A 261 7.55 15.85 -12.47
N VAL A 262 8.08 16.60 -13.44
CA VAL A 262 7.55 17.93 -13.67
C VAL A 262 6.21 18.02 -14.41
N GLY A 263 5.53 16.88 -14.58
CA GLY A 263 4.21 16.93 -15.20
C GLY A 263 3.86 16.50 -16.61
N MET A 264 4.83 16.37 -17.50
CA MET A 264 4.50 15.98 -18.86
C MET A 264 5.01 14.58 -19.21
N LYS A 265 4.37 13.95 -20.19
CA LYS A 265 4.78 12.63 -20.64
C LYS A 265 5.94 12.80 -21.63
N SER A 266 6.84 11.83 -21.67
CA SER A 266 8.01 11.87 -22.52
C SER A 266 8.30 10.46 -23.07
N ARG A 267 8.65 10.37 -24.36
CA ARG A 267 8.95 9.08 -24.97
C ARG A 267 10.43 8.77 -24.80
N GLY A 268 10.73 7.67 -24.12
CA GLY A 268 12.12 7.30 -23.90
C GLY A 268 12.44 5.87 -24.32
N VAL A 269 13.66 5.67 -24.82
CA VAL A 269 14.12 4.36 -25.24
C VAL A 269 15.36 4.05 -24.42
N TYR A 270 15.42 2.83 -23.87
CA TYR A 270 16.54 2.45 -23.03
C TYR A 270 17.10 1.06 -23.29
N GLU A 271 18.42 0.94 -23.16
CA GLU A 271 19.07 -0.36 -23.30
C GLU A 271 19.84 -0.59 -22.00
N THR A 272 19.47 -1.66 -21.30
CA THR A 272 20.06 -2.02 -20.01
C THR A 272 20.40 -3.51 -20.02
N PRO A 273 21.37 -3.93 -20.84
CA PRO A 273 21.74 -5.35 -20.92
C PRO A 273 22.08 -6.02 -19.58
N GLY A 274 23.13 -5.56 -18.93
CA GLY A 274 23.55 -6.14 -17.66
C GLY A 274 22.49 -6.06 -16.57
N GLY A 275 21.88 -4.89 -16.43
CA GLY A 275 20.86 -4.68 -15.42
C GLY A 275 19.64 -5.56 -15.62
N THR A 276 19.29 -5.81 -16.88
CA THR A 276 18.12 -6.63 -17.20
C THR A 276 18.41 -8.07 -16.79
N ILE A 277 19.61 -8.55 -17.07
CA ILE A 277 19.98 -9.90 -16.68
C ILE A 277 19.91 -9.99 -15.17
N LEU A 278 20.44 -8.98 -14.49
CA LEU A 278 20.46 -8.95 -13.03
C LEU A 278 19.07 -8.92 -12.42
N TYR A 279 18.14 -8.21 -13.06
CA TYR A 279 16.77 -8.13 -12.59
C TYR A 279 16.16 -9.54 -12.50
N HIS A 280 16.27 -10.28 -13.59
CA HIS A 280 15.72 -11.62 -13.64
C HIS A 280 16.53 -12.63 -12.83
N ALA A 281 17.84 -12.42 -12.75
CA ALA A 281 18.70 -13.32 -11.97
C ALA A 281 18.34 -13.17 -10.48
N ARG A 282 18.15 -11.93 -10.05
CA ARG A 282 17.79 -11.67 -8.66
C ARG A 282 16.47 -12.34 -8.30
N ARG A 283 15.43 -12.09 -9.08
CA ARG A 283 14.14 -12.68 -8.79
C ARG A 283 14.21 -14.22 -8.78
N ALA A 284 15.09 -14.78 -9.61
CA ALA A 284 15.22 -16.24 -9.65
C ALA A 284 15.74 -16.77 -8.31
N VAL A 285 16.77 -16.12 -7.77
CA VAL A 285 17.32 -16.55 -6.49
C VAL A 285 16.31 -16.26 -5.37
N GLU A 286 15.61 -15.14 -5.47
CA GLU A 286 14.59 -14.77 -4.48
C GLU A 286 13.48 -15.81 -4.44
N SER A 287 13.21 -16.43 -5.59
CA SER A 287 12.14 -17.42 -5.66
C SER A 287 12.40 -18.64 -4.76
N LEU A 288 13.66 -18.87 -4.39
CA LEU A 288 14.00 -19.99 -3.50
C LEU A 288 14.28 -19.51 -2.09
N THR A 289 14.79 -18.28 -1.96
CA THR A 289 15.19 -17.77 -0.67
C THR A 289 14.26 -16.85 0.12
N LEU A 290 13.30 -16.21 -0.54
CA LEU A 290 12.40 -15.31 0.19
C LEU A 290 11.09 -15.98 0.57
N ASP A 291 10.55 -15.57 1.69
CA ASP A 291 9.27 -16.09 2.14
C ASP A 291 8.18 -15.45 1.32
N ARG A 292 7.08 -16.18 1.13
CA ARG A 292 5.95 -15.71 0.34
C ARG A 292 5.37 -14.36 0.75
N GLU A 293 5.09 -14.18 2.04
CA GLU A 293 4.52 -12.93 2.49
C GLU A 293 5.52 -11.79 2.37
N VAL A 294 6.78 -12.08 2.67
CA VAL A 294 7.82 -11.08 2.55
C VAL A 294 7.88 -10.61 1.10
N LEU A 295 7.97 -11.58 0.19
CA LEU A 295 8.03 -11.25 -1.23
C LEU A 295 6.86 -10.38 -1.67
N HIS A 296 5.64 -10.78 -1.31
CA HIS A 296 4.45 -10.03 -1.71
C HIS A 296 4.45 -8.59 -1.19
N GLN A 297 4.88 -8.40 0.06
CA GLN A 297 4.92 -7.06 0.65
C GLN A 297 6.00 -6.24 -0.06
N ARG A 298 7.15 -6.87 -0.27
CA ARG A 298 8.28 -6.23 -0.93
C ARG A 298 7.86 -5.73 -2.31
N ASP A 299 7.21 -6.58 -3.09
CA ASP A 299 6.77 -6.18 -4.42
C ASP A 299 5.77 -5.03 -4.42
N MET A 300 5.03 -4.88 -3.33
CA MET A 300 4.08 -3.79 -3.31
C MET A 300 4.73 -2.46 -2.94
N LEU A 301 5.96 -2.52 -2.46
CA LEU A 301 6.69 -1.31 -2.09
C LEU A 301 7.70 -0.89 -3.15
N SER A 302 8.15 -1.85 -3.96
CA SER A 302 9.13 -1.56 -5.02
C SER A 302 8.75 -0.34 -5.87
N PRO A 303 7.51 -0.29 -6.39
CA PRO A 303 7.07 0.83 -7.23
C PRO A 303 7.22 2.21 -6.58
N LYS A 304 6.93 2.29 -5.28
CA LYS A 304 7.05 3.56 -4.57
C LYS A 304 8.51 3.95 -4.54
N TYR A 305 9.35 2.98 -4.22
CA TYR A 305 10.79 3.22 -4.18
C TYR A 305 11.26 3.70 -5.56
N ALA A 306 10.77 3.07 -6.61
CA ALA A 306 11.15 3.43 -7.96
C ALA A 306 10.83 4.90 -8.26
N GLU A 307 9.64 5.35 -7.89
CA GLU A 307 9.30 6.74 -8.15
C GLU A 307 10.17 7.66 -7.30
N LEU A 308 10.60 7.20 -6.13
CA LEU A 308 11.45 8.01 -5.29
C LEU A 308 12.76 8.25 -6.03
N VAL A 309 13.31 7.19 -6.60
CA VAL A 309 14.56 7.30 -7.34
C VAL A 309 14.36 8.17 -8.57
N TYR A 310 13.32 7.89 -9.34
CA TYR A 310 13.01 8.62 -10.55
C TYR A 310 12.87 10.13 -10.32
N TYR A 311 12.14 10.50 -9.26
CA TYR A 311 11.91 11.90 -8.92
C TYR A 311 13.16 12.60 -8.39
N GLY A 312 14.08 11.84 -7.82
CA GLY A 312 15.29 12.43 -7.29
C GLY A 312 15.46 12.42 -5.79
N PHE A 313 14.57 11.74 -5.08
CA PHE A 313 14.68 11.67 -3.65
C PHE A 313 15.56 10.50 -3.22
N TRP A 314 16.84 10.59 -3.54
CA TRP A 314 17.77 9.53 -3.16
C TRP A 314 18.25 9.76 -1.74
N TYR A 315 18.84 10.93 -1.50
CA TYR A 315 19.29 11.27 -0.15
C TYR A 315 18.09 11.94 0.50
N ALA A 316 17.08 11.12 0.75
CA ALA A 316 15.84 11.58 1.36
C ALA A 316 15.47 10.53 2.41
N PRO A 317 14.93 10.97 3.55
CA PRO A 317 14.56 10.01 4.59
C PRO A 317 13.57 8.90 4.17
N GLU A 318 12.59 9.21 3.32
CA GLU A 318 11.62 8.19 2.87
C GLU A 318 12.37 7.05 2.19
N ARG A 319 13.27 7.44 1.29
CA ARG A 319 14.04 6.46 0.53
C ARG A 319 14.92 5.65 1.46
N GLU A 320 15.61 6.32 2.37
CA GLU A 320 16.48 5.62 3.30
C GLU A 320 15.69 4.68 4.21
N ALA A 321 14.47 5.06 4.57
CA ALA A 321 13.64 4.21 5.42
C ALA A 321 13.23 2.95 4.64
N LEU A 322 12.77 3.11 3.42
CA LEU A 322 12.37 1.95 2.63
C LEU A 322 13.60 1.06 2.41
N GLN A 323 14.76 1.69 2.24
CA GLN A 323 15.99 0.95 2.02
C GLN A 323 16.27 0.01 3.19
N ALA A 324 15.91 0.43 4.41
CA ALA A 324 16.12 -0.40 5.59
C ALA A 324 15.31 -1.68 5.41
N TYR A 325 14.08 -1.54 4.88
CA TYR A 325 13.22 -2.69 4.66
C TYR A 325 13.84 -3.59 3.59
N PHE A 326 14.11 -3.01 2.42
CA PHE A 326 14.65 -3.78 1.31
C PHE A 326 15.98 -4.48 1.64
N ASP A 327 16.89 -3.80 2.33
CA ASP A 327 18.17 -4.38 2.68
C ASP A 327 17.98 -5.58 3.59
N HIS A 328 17.04 -5.47 4.53
CA HIS A 328 16.74 -6.54 5.46
C HIS A 328 16.31 -7.78 4.68
N VAL A 329 15.35 -7.59 3.76
CA VAL A 329 14.83 -8.67 2.94
C VAL A 329 15.90 -9.27 2.03
N ALA A 330 16.67 -8.40 1.38
CA ALA A 330 17.70 -8.84 0.45
C ALA A 330 18.86 -9.62 1.08
N ARG A 331 19.05 -9.52 2.40
CA ARG A 331 20.15 -10.22 3.06
C ARG A 331 19.96 -11.73 2.91
N SER A 332 18.73 -12.17 2.68
CA SER A 332 18.43 -13.59 2.51
C SER A 332 18.70 -14.08 1.09
N VAL A 333 18.91 -13.15 0.16
CA VAL A 333 19.12 -13.52 -1.25
C VAL A 333 20.56 -13.97 -1.56
N THR A 334 20.79 -15.25 -1.34
CA THR A 334 22.07 -15.90 -1.55
C THR A 334 21.82 -17.19 -2.33
N GLY A 335 22.43 -17.28 -3.51
CA GLY A 335 22.24 -18.45 -4.34
C GLY A 335 22.73 -18.15 -5.75
N VAL A 336 22.38 -19.02 -6.69
CA VAL A 336 22.80 -18.85 -8.08
C VAL A 336 21.65 -18.96 -9.05
N ALA A 337 21.60 -18.04 -9.99
CA ALA A 337 20.56 -18.03 -11.02
C ALA A 337 21.24 -18.45 -12.32
N ARG A 338 20.56 -19.26 -13.12
CA ARG A 338 21.13 -19.67 -14.40
C ARG A 338 20.15 -19.19 -15.46
N LEU A 339 20.64 -18.37 -16.38
CA LEU A 339 19.80 -17.82 -17.44
C LEU A 339 20.27 -18.18 -18.84
N LYS A 340 19.33 -18.14 -19.78
CA LYS A 340 19.61 -18.46 -21.17
C LYS A 340 19.33 -17.21 -22.01
N LEU A 341 20.35 -16.73 -22.72
CA LEU A 341 20.22 -15.55 -23.54
C LEU A 341 20.07 -15.90 -25.01
N TYR A 342 19.08 -15.31 -25.67
CA TYR A 342 18.86 -15.60 -27.08
C TYR A 342 18.08 -14.48 -27.78
N LYS A 343 18.69 -14.00 -28.86
CA LYS A 343 18.14 -12.93 -29.69
C LYS A 343 17.15 -11.98 -29.02
N GLY A 344 17.71 -11.12 -28.17
CA GLY A 344 16.95 -10.11 -27.46
C GLY A 344 16.34 -10.48 -26.12
N ASN A 345 16.15 -11.77 -25.87
CA ASN A 345 15.52 -12.22 -24.65
C ASN A 345 16.40 -12.88 -23.61
N VAL A 346 15.91 -12.88 -22.37
CA VAL A 346 16.57 -13.48 -21.23
C VAL A 346 15.62 -14.51 -20.62
N TYR A 347 16.07 -15.75 -20.49
CA TYR A 347 15.23 -16.79 -19.91
C TYR A 347 15.84 -17.44 -18.67
N VAL A 348 15.09 -17.47 -17.58
CA VAL A 348 15.55 -18.13 -16.37
C VAL A 348 15.34 -19.60 -16.72
N VAL A 349 16.36 -20.43 -16.53
CA VAL A 349 16.25 -21.86 -16.83
C VAL A 349 16.65 -22.68 -15.61
N GLY A 350 17.20 -22.00 -14.61
CA GLY A 350 17.60 -22.70 -13.40
C GLY A 350 18.00 -21.78 -12.26
N ARG A 351 17.91 -22.29 -11.04
CA ARG A 351 18.30 -21.54 -9.85
C ARG A 351 18.51 -22.51 -8.70
N LYS A 352 19.43 -22.16 -7.81
CA LYS A 352 19.75 -22.97 -6.65
C LYS A 352 20.20 -22.05 -5.54
N ALA A 353 20.08 -22.52 -4.30
CA ALA A 353 20.48 -21.74 -3.14
C ALA A 353 20.82 -22.63 -1.96
N PRO A 354 21.83 -22.24 -1.17
CA PRO A 354 22.31 -22.98 0.01
C PRO A 354 21.19 -23.14 1.04
N LYS A 355 20.36 -22.12 1.18
CA LYS A 355 19.25 -22.19 2.13
C LYS A 355 17.92 -22.02 1.43
N SER A 356 17.77 -22.74 0.33
CA SER A 356 16.54 -22.73 -0.46
C SER A 356 15.38 -23.21 0.41
N LEU A 357 14.21 -22.58 0.22
CA LEU A 357 13.02 -22.93 0.98
C LEU A 357 12.15 -23.92 0.20
N TYR A 358 12.60 -24.30 -0.99
CA TYR A 358 11.86 -25.25 -1.80
C TYR A 358 12.12 -26.68 -1.35
N ARG A 359 11.06 -27.46 -1.23
CA ARG A 359 11.18 -28.87 -0.82
C ARG A 359 10.32 -29.74 -1.72
N GLN A 360 10.96 -30.53 -2.56
CA GLN A 360 10.24 -31.39 -3.49
C GLN A 360 9.30 -32.29 -2.70
N ASP A 361 9.66 -32.50 -1.43
CA ASP A 361 8.89 -33.32 -0.49
C ASP A 361 7.42 -32.93 -0.51
N LEU A 362 7.19 -31.62 -0.38
CA LEU A 362 5.84 -31.06 -0.31
C LEU A 362 4.99 -31.02 -1.59
N VAL A 363 5.61 -31.21 -2.76
CA VAL A 363 4.84 -31.17 -4.01
C VAL A 363 4.69 -32.52 -4.69
N SER A 364 5.66 -33.41 -4.47
CA SER A 364 5.66 -34.74 -5.08
C SER A 364 4.57 -35.58 -4.44
N PHE A 365 4.10 -36.59 -5.17
CA PHE A 365 3.07 -37.45 -4.62
C PHE A 365 3.70 -38.73 -4.07
N GLY A 370 5.97 -30.77 6.47
CA GLY A 370 5.23 -32.09 6.47
C GLY A 370 3.84 -31.80 5.95
N TYR A 371 3.23 -32.72 5.18
CA TYR A 371 1.90 -32.39 4.63
C TYR A 371 0.81 -33.44 4.59
N ASP A 372 -0.35 -33.11 5.19
CA ASP A 372 -1.53 -33.98 5.22
C ASP A 372 -2.67 -33.27 4.50
N GLN A 373 -3.16 -33.87 3.41
CA GLN A 373 -4.24 -33.27 2.61
C GLN A 373 -5.51 -32.93 3.40
N LYS A 374 -5.75 -33.63 4.50
CA LYS A 374 -6.94 -33.36 5.30
C LYS A 374 -6.89 -31.96 5.91
N ASP A 375 -5.69 -31.45 6.19
CA ASP A 375 -5.56 -30.13 6.77
C ASP A 375 -6.11 -29.09 5.80
N ALA A 376 -5.92 -29.34 4.50
CA ALA A 376 -6.38 -28.42 3.47
C ALA A 376 -7.89 -28.17 3.57
N GLU A 377 -8.65 -29.19 3.95
CA GLU A 377 -10.09 -29.01 4.06
C GLU A 377 -10.41 -27.98 5.14
N GLY A 378 -9.75 -28.10 6.28
CA GLY A 378 -9.99 -27.18 7.38
C GLY A 378 -9.62 -25.76 6.98
N PHE A 379 -8.48 -25.64 6.30
CA PHE A 379 -7.98 -24.36 5.82
C PHE A 379 -9.04 -23.72 4.94
N ILE A 380 -9.54 -24.50 3.98
CA ILE A 380 -10.57 -24.02 3.07
C ILE A 380 -11.86 -23.60 3.77
N LYS A 381 -12.33 -24.44 4.70
CA LYS A 381 -13.57 -24.11 5.42
C LYS A 381 -13.47 -22.78 6.17
N ILE A 382 -12.36 -22.58 6.87
CA ILE A 382 -12.14 -21.36 7.63
C ILE A 382 -12.02 -20.15 6.71
N GLN A 383 -11.22 -20.26 5.66
CA GLN A 383 -11.07 -19.16 4.71
C GLN A 383 -12.44 -18.82 4.12
N ALA A 384 -13.28 -19.83 3.96
CA ALA A 384 -14.61 -19.62 3.36
C ALA A 384 -15.70 -19.10 4.30
N LEU A 385 -15.51 -19.26 5.61
CA LEU A 385 -16.54 -18.83 6.55
C LEU A 385 -17.11 -17.45 6.27
N ARG A 386 -16.27 -16.42 6.16
CA ARG A 386 -16.77 -15.07 5.93
C ARG A 386 -17.49 -14.93 4.58
N LEU A 387 -17.08 -15.71 3.58
CA LEU A 387 -17.74 -15.65 2.28
C LEU A 387 -19.13 -16.28 2.40
N ARG A 388 -19.21 -17.38 3.16
CA ARG A 388 -20.48 -18.06 3.35
C ARG A 388 -21.46 -17.20 4.15
N VAL A 389 -20.98 -16.55 5.21
CA VAL A 389 -21.82 -15.67 6.02
C VAL A 389 -22.37 -14.55 5.12
N ARG A 390 -21.50 -13.96 4.31
CA ARG A 390 -21.89 -12.88 3.40
C ARG A 390 -22.98 -13.37 2.44
N ALA A 391 -22.84 -14.59 1.97
CA ALA A 391 -23.81 -15.19 1.04
C ALA A 391 -25.16 -15.43 1.70
N LEU A 392 -25.14 -15.95 2.93
CA LEU A 392 -26.38 -16.20 3.66
C LEU A 392 -27.09 -14.88 3.94
N VAL A 393 -26.33 -13.84 4.29
CA VAL A 393 -26.96 -12.55 4.55
C VAL A 393 -27.57 -11.98 3.28
N GLU A 394 -26.90 -12.16 2.14
CA GLU A 394 -27.47 -11.66 0.90
C GLU A 394 -28.79 -12.38 0.74
N ARG A 395 -28.81 -13.61 1.29
CA ARG A 395 -29.99 -14.48 1.28
C ARG A 395 -30.30 -15.02 -0.10
N MET B 1 -29.30 -39.26 -4.05
CA MET B 1 -28.31 -38.14 -3.98
C MET B 1 -27.68 -37.89 -5.34
N LYS B 2 -27.62 -36.62 -5.74
CA LYS B 2 -27.02 -36.23 -7.02
C LYS B 2 -25.77 -35.40 -6.75
N ILE B 3 -24.73 -35.66 -7.55
CA ILE B 3 -23.47 -34.97 -7.43
C ILE B 3 -23.03 -34.44 -8.80
N VAL B 4 -22.73 -33.15 -8.90
CA VAL B 4 -22.29 -32.60 -10.17
C VAL B 4 -20.77 -32.56 -10.16
N LEU B 5 -20.17 -33.28 -11.12
CA LEU B 5 -18.73 -33.39 -11.21
C LEU B 5 -18.08 -32.58 -12.33
N ALA B 6 -16.98 -31.90 -12.00
CA ALA B 6 -16.23 -31.16 -12.99
C ALA B 6 -15.47 -32.29 -13.67
N TYR B 7 -15.98 -32.70 -14.83
CA TYR B 7 -15.43 -33.83 -15.59
C TYR B 7 -14.64 -33.41 -16.84
N SER B 8 -13.34 -33.70 -16.83
CA SER B 8 -12.48 -33.34 -17.95
C SER B 8 -12.40 -34.42 -19.02
N GLY B 9 -12.83 -35.63 -18.70
CA GLY B 9 -12.75 -36.71 -19.66
C GLY B 9 -11.53 -37.60 -19.46
N GLY B 10 -10.61 -37.16 -18.60
CA GLY B 10 -9.41 -37.93 -18.35
C GLY B 10 -9.61 -39.18 -17.48
N LEU B 11 -8.53 -39.86 -17.17
CA LEU B 11 -8.57 -41.09 -16.36
C LEU B 11 -9.00 -40.83 -14.91
N ASP B 12 -8.39 -39.83 -14.28
CA ASP B 12 -8.71 -39.50 -12.90
C ASP B 12 -10.14 -39.04 -12.66
N THR B 13 -10.68 -38.18 -13.53
CA THR B 13 -12.06 -37.76 -13.31
C THR B 13 -13.02 -38.89 -13.67
N SER B 14 -12.58 -39.82 -14.53
CA SER B 14 -13.41 -40.96 -14.88
C SER B 14 -13.44 -41.91 -13.67
N ILE B 15 -12.27 -42.10 -13.06
CA ILE B 15 -12.14 -42.94 -11.86
C ILE B 15 -13.04 -42.31 -10.80
N ILE B 16 -12.92 -41.00 -10.66
CA ILE B 16 -13.70 -40.25 -9.69
C ILE B 16 -15.20 -40.43 -9.90
N LEU B 17 -15.64 -40.45 -11.16
CA LEU B 17 -17.06 -40.62 -11.45
C LEU B 17 -17.55 -41.96 -10.89
N LYS B 18 -16.81 -43.02 -11.16
CA LYS B 18 -17.16 -44.35 -10.65
C LYS B 18 -17.10 -44.33 -9.12
N TRP B 19 -16.02 -43.77 -8.57
CA TRP B 19 -15.81 -43.68 -7.13
C TRP B 19 -16.96 -42.99 -6.41
N LEU B 20 -17.41 -41.86 -6.97
CA LEU B 20 -18.51 -41.10 -6.38
C LEU B 20 -19.81 -41.86 -6.29
N LYS B 21 -20.18 -42.53 -7.38
CA LYS B 21 -21.42 -43.28 -7.41
C LYS B 21 -21.51 -44.32 -6.29
N GLU B 22 -20.44 -45.10 -6.12
CA GLU B 22 -20.44 -46.13 -5.11
C GLU B 22 -20.24 -45.64 -3.68
N THR B 23 -19.29 -44.75 -3.50
CA THR B 23 -18.99 -44.21 -2.18
C THR B 23 -20.18 -43.46 -1.58
N TYR B 24 -20.83 -42.64 -2.39
CA TYR B 24 -21.97 -41.85 -1.93
C TYR B 24 -23.32 -42.39 -2.34
N ARG B 25 -23.35 -43.56 -2.99
CA ARG B 25 -24.62 -44.14 -3.43
C ARG B 25 -25.41 -43.02 -4.10
N ALA B 26 -24.81 -42.40 -5.10
CA ALA B 26 -25.43 -41.28 -5.78
C ALA B 26 -25.30 -41.37 -7.30
N GLU B 27 -26.09 -40.57 -8.00
CA GLU B 27 -25.97 -40.52 -9.44
C GLU B 27 -25.11 -39.29 -9.71
N VAL B 28 -24.27 -39.37 -10.74
CA VAL B 28 -23.37 -38.28 -11.07
C VAL B 28 -23.69 -37.57 -12.37
N ILE B 29 -23.77 -36.25 -12.31
CA ILE B 29 -24.02 -35.43 -13.50
C ILE B 29 -22.66 -34.85 -13.85
N ALA B 30 -22.14 -35.25 -15.01
CA ALA B 30 -20.83 -34.77 -15.45
C ALA B 30 -20.93 -33.44 -16.17
N PHE B 31 -20.00 -32.55 -15.89
CA PHE B 31 -19.97 -31.25 -16.55
C PHE B 31 -18.59 -31.04 -17.14
N THR B 32 -18.55 -30.86 -18.46
CA THR B 32 -17.30 -30.63 -19.15
C THR B 32 -17.43 -29.27 -19.83
N ALA B 33 -16.41 -28.43 -19.66
CA ALA B 33 -16.45 -27.11 -20.25
C ALA B 33 -15.33 -26.92 -21.25
N ASP B 34 -15.67 -26.35 -22.39
CA ASP B 34 -14.65 -26.06 -23.38
C ASP B 34 -14.21 -24.64 -23.05
N ILE B 35 -12.97 -24.49 -22.60
CA ILE B 35 -12.46 -23.16 -22.29
C ILE B 35 -11.18 -23.00 -23.08
N GLY B 36 -11.13 -23.69 -24.22
CA GLY B 36 -9.98 -23.62 -25.10
C GLY B 36 -8.85 -24.59 -24.79
N GLN B 37 -9.16 -25.76 -24.24
CA GLN B 37 -8.12 -26.75 -23.93
C GLN B 37 -7.68 -27.48 -25.18
N GLY B 38 -8.39 -27.26 -26.28
CA GLY B 38 -8.03 -27.92 -27.53
C GLY B 38 -8.41 -29.39 -27.53
N GLU B 39 -9.56 -29.71 -26.97
CA GLU B 39 -10.03 -31.08 -26.92
C GLU B 39 -11.47 -31.05 -27.35
N GLU B 40 -11.98 -32.20 -27.77
CA GLU B 40 -13.35 -32.29 -28.20
C GLU B 40 -14.20 -32.58 -26.97
N VAL B 41 -14.94 -31.59 -26.47
CA VAL B 41 -15.73 -31.79 -25.27
C VAL B 41 -16.91 -32.73 -25.45
N GLU B 42 -17.39 -32.91 -26.69
CA GLU B 42 -18.50 -33.84 -26.87
C GLU B 42 -17.96 -35.23 -26.63
N GLU B 43 -16.66 -35.38 -26.80
CA GLU B 43 -16.04 -36.67 -26.58
C GLU B 43 -16.01 -36.99 -25.10
N ALA B 44 -15.67 -36.00 -24.29
CA ALA B 44 -15.65 -36.22 -22.85
C ALA B 44 -17.09 -36.47 -22.39
N ARG B 45 -18.03 -35.71 -22.97
CA ARG B 45 -19.43 -35.84 -22.60
C ARG B 45 -19.95 -37.26 -22.84
N GLU B 46 -19.64 -37.80 -24.01
CA GLU B 46 -20.08 -39.15 -24.35
C GLU B 46 -19.41 -40.17 -23.44
N LYS B 47 -18.11 -39.98 -23.19
CA LYS B 47 -17.39 -40.89 -22.32
C LYS B 47 -17.94 -40.89 -20.89
N ALA B 48 -18.43 -39.74 -20.44
CA ALA B 48 -19.00 -39.63 -19.09
C ALA B 48 -20.23 -40.53 -18.99
N LEU B 49 -21.03 -40.56 -20.05
CA LEU B 49 -22.21 -41.40 -20.05
C LEU B 49 -21.77 -42.87 -20.04
N ARG B 50 -20.75 -43.17 -20.84
CA ARG B 50 -20.19 -44.52 -20.94
C ARG B 50 -19.63 -44.93 -19.57
N THR B 51 -19.16 -43.95 -18.81
CA THR B 51 -18.57 -44.21 -17.51
C THR B 51 -19.64 -44.33 -16.43
N GLY B 52 -20.87 -43.98 -16.78
CA GLY B 52 -21.97 -44.11 -15.83
C GLY B 52 -22.70 -42.87 -15.36
N ALA B 53 -22.36 -41.70 -15.89
CA ALA B 53 -23.05 -40.49 -15.48
C ALA B 53 -24.52 -40.60 -15.84
N SER B 54 -25.41 -40.10 -14.98
CA SER B 54 -26.84 -40.15 -15.27
C SER B 54 -27.20 -39.05 -16.26
N LYS B 55 -26.31 -38.08 -16.40
CA LYS B 55 -26.48 -36.97 -17.33
C LYS B 55 -25.10 -36.35 -17.53
N ALA B 56 -24.78 -36.00 -18.76
CA ALA B 56 -23.50 -35.38 -19.06
C ALA B 56 -23.77 -34.09 -19.84
N ILE B 57 -23.20 -33.00 -19.35
CA ILE B 57 -23.37 -31.68 -19.93
C ILE B 57 -22.03 -31.13 -20.41
N ALA B 58 -22.02 -30.57 -21.61
CA ALA B 58 -20.81 -29.99 -22.18
C ALA B 58 -21.19 -28.64 -22.76
N LEU B 59 -20.46 -27.60 -22.37
CA LEU B 59 -20.75 -26.25 -22.84
C LEU B 59 -19.52 -25.55 -23.39
N ASP B 60 -19.73 -24.68 -24.38
CA ASP B 60 -18.66 -23.91 -24.96
C ASP B 60 -18.64 -22.64 -24.11
N LEU B 61 -17.63 -22.49 -23.28
CA LEU B 61 -17.54 -21.32 -22.41
C LEU B 61 -16.38 -20.40 -22.76
N LYS B 62 -15.85 -20.55 -23.97
CA LYS B 62 -14.73 -19.72 -24.39
C LYS B 62 -14.99 -18.23 -24.29
N GLU B 63 -16.13 -17.78 -24.78
CA GLU B 63 -16.45 -16.36 -24.75
C GLU B 63 -16.67 -15.84 -23.32
N GLU B 64 -17.42 -16.57 -22.50
CA GLU B 64 -17.67 -16.15 -21.12
C GLU B 64 -16.35 -16.11 -20.36
N PHE B 65 -15.51 -17.11 -20.61
CA PHE B 65 -14.21 -17.19 -19.96
C PHE B 65 -13.39 -15.93 -20.19
N VAL B 66 -13.20 -15.55 -21.45
CA VAL B 66 -12.41 -14.36 -21.78
C VAL B 66 -13.10 -13.04 -21.44
N ARG B 67 -14.39 -12.94 -21.74
CA ARG B 67 -15.15 -11.73 -21.50
C ARG B 67 -15.35 -11.43 -20.01
N ASP B 68 -15.76 -12.44 -19.25
CA ASP B 68 -16.05 -12.23 -17.83
C ASP B 68 -14.96 -12.59 -16.81
N PHE B 69 -13.88 -13.20 -17.24
CA PHE B 69 -12.84 -13.55 -16.29
C PHE B 69 -11.47 -13.03 -16.69
N VAL B 70 -11.05 -13.37 -17.90
CA VAL B 70 -9.76 -12.93 -18.38
C VAL B 70 -9.66 -11.41 -18.53
N PHE B 71 -10.59 -10.82 -19.27
CA PHE B 71 -10.55 -9.37 -19.49
C PHE B 71 -10.59 -8.54 -18.20
N PRO B 72 -11.50 -8.87 -17.27
CA PRO B 72 -11.57 -8.11 -16.02
C PRO B 72 -10.23 -8.19 -15.27
N MET B 73 -9.62 -9.37 -15.29
CA MET B 73 -8.34 -9.57 -14.63
C MET B 73 -7.24 -8.77 -15.32
N MET B 74 -7.25 -8.78 -16.65
CA MET B 74 -6.25 -8.06 -17.40
C MET B 74 -6.34 -6.55 -17.19
N ARG B 75 -7.55 -6.04 -17.06
CA ARG B 75 -7.74 -4.61 -16.85
C ARG B 75 -7.01 -4.17 -15.58
N ALA B 76 -6.86 -5.12 -14.65
CA ALA B 76 -6.20 -4.84 -13.38
C ALA B 76 -4.68 -4.95 -13.45
N GLY B 77 -4.16 -5.42 -14.58
CA GLY B 77 -2.72 -5.57 -14.73
C GLY B 77 -2.16 -6.64 -13.83
N ALA B 78 -3.00 -7.62 -13.50
CA ALA B 78 -2.64 -8.70 -12.59
C ALA B 78 -1.47 -9.59 -13.02
N VAL B 79 -0.46 -9.64 -12.17
CA VAL B 79 0.71 -10.49 -12.39
C VAL B 79 1.13 -11.03 -11.03
N TYR B 80 1.20 -12.36 -10.91
CA TYR B 80 1.57 -12.98 -9.64
C TYR B 80 3.07 -13.22 -9.56
N GLU B 81 3.65 -12.77 -8.45
CA GLU B 81 5.07 -12.92 -8.17
C GLU B 81 5.98 -12.61 -9.35
N GLY B 82 5.76 -11.45 -9.95
CA GLY B 82 6.57 -10.99 -11.06
C GLY B 82 6.36 -11.55 -12.46
N TYR B 83 5.85 -12.77 -12.59
CA TYR B 83 5.70 -13.33 -13.93
C TYR B 83 4.45 -14.12 -14.27
N TYR B 84 3.78 -14.71 -13.29
CA TYR B 84 2.62 -15.53 -13.59
C TYR B 84 1.37 -14.76 -14.01
N LEU B 85 0.97 -14.95 -15.25
CA LEU B 85 -0.20 -14.28 -15.79
C LEU B 85 -1.53 -14.93 -15.43
N LEU B 86 -1.49 -15.83 -14.44
CA LEU B 86 -2.69 -16.46 -13.90
C LEU B 86 -3.59 -17.29 -14.81
N GLY B 87 -2.99 -17.91 -15.82
CA GLY B 87 -3.75 -18.71 -16.77
C GLY B 87 -4.71 -19.74 -16.18
N THR B 88 -4.25 -20.54 -15.24
CA THR B 88 -5.12 -21.55 -14.64
C THR B 88 -6.01 -20.94 -13.56
N SER B 89 -5.45 -20.00 -12.81
CA SER B 89 -6.15 -19.32 -11.72
C SER B 89 -7.54 -18.73 -12.08
N ILE B 90 -7.64 -17.91 -13.13
CA ILE B 90 -8.94 -17.32 -13.49
C ILE B 90 -9.94 -18.26 -14.12
N ALA B 91 -9.50 -19.45 -14.52
CA ALA B 91 -10.40 -20.41 -15.15
C ALA B 91 -11.24 -21.17 -14.13
N ARG B 92 -10.65 -21.49 -12.98
CA ARG B 92 -11.37 -22.26 -11.97
C ARG B 92 -12.69 -21.68 -11.47
N PRO B 93 -12.77 -20.36 -11.21
CA PRO B 93 -14.01 -19.72 -10.73
C PRO B 93 -15.16 -19.96 -11.69
N LEU B 94 -14.86 -19.81 -12.97
CA LEU B 94 -15.83 -19.99 -14.04
C LEU B 94 -16.39 -21.43 -13.97
N ILE B 95 -15.51 -22.41 -13.88
CA ILE B 95 -15.94 -23.81 -13.82
C ILE B 95 -16.86 -24.04 -12.60
N ALA B 96 -16.39 -23.64 -11.42
CA ALA B 96 -17.16 -23.81 -10.18
C ALA B 96 -18.50 -23.08 -10.26
N LYS B 97 -18.50 -21.93 -10.91
CA LYS B 97 -19.73 -21.15 -11.05
C LYS B 97 -20.79 -22.02 -11.72
N HIS B 98 -20.40 -22.69 -12.82
CA HIS B 98 -21.33 -23.53 -13.54
C HIS B 98 -21.73 -24.77 -12.75
N LEU B 99 -20.78 -25.36 -12.03
CA LEU B 99 -21.07 -26.55 -11.21
C LEU B 99 -22.21 -26.23 -10.25
N VAL B 100 -22.13 -25.06 -9.62
CA VAL B 100 -23.14 -24.63 -8.67
C VAL B 100 -24.49 -24.38 -9.36
N ARG B 101 -24.45 -23.79 -10.55
CA ARG B 101 -25.67 -23.52 -11.30
C ARG B 101 -26.34 -24.83 -11.71
N ILE B 102 -25.54 -25.75 -12.22
CA ILE B 102 -26.06 -27.05 -12.63
C ILE B 102 -26.65 -27.78 -11.42
N ALA B 103 -25.94 -27.74 -10.31
CA ALA B 103 -26.43 -28.38 -9.09
C ALA B 103 -27.81 -27.85 -8.71
N GLU B 104 -28.00 -26.54 -8.82
CA GLU B 104 -29.28 -25.94 -8.47
C GLU B 104 -30.37 -26.34 -9.48
N GLU B 105 -30.02 -26.40 -10.76
CA GLU B 105 -30.99 -26.78 -11.79
C GLU B 105 -31.37 -28.26 -11.68
N GLU B 106 -30.38 -29.10 -11.38
CA GLU B 106 -30.60 -30.54 -11.28
C GLU B 106 -31.05 -30.98 -9.89
N GLY B 107 -31.07 -30.05 -8.95
CA GLY B 107 -31.46 -30.40 -7.60
C GLY B 107 -30.43 -31.30 -6.95
N ALA B 108 -29.14 -31.07 -7.25
CA ALA B 108 -28.07 -31.86 -6.66
C ALA B 108 -27.58 -31.15 -5.41
N GLU B 109 -27.39 -31.90 -4.33
CA GLU B 109 -26.95 -31.31 -3.08
C GLU B 109 -25.45 -31.09 -3.03
N ALA B 110 -24.70 -31.77 -3.90
CA ALA B 110 -23.25 -31.65 -3.88
C ALA B 110 -22.57 -31.53 -5.24
N ILE B 111 -21.33 -31.05 -5.19
CA ILE B 111 -20.49 -30.93 -6.39
C ILE B 111 -19.15 -31.56 -6.06
N ALA B 112 -18.42 -31.95 -7.10
CA ALA B 112 -17.14 -32.57 -6.92
C ALA B 112 -16.15 -32.14 -7.99
N HIS B 113 -14.87 -32.22 -7.66
CA HIS B 113 -13.81 -31.87 -8.58
C HIS B 113 -12.63 -32.80 -8.32
N GLY B 114 -11.71 -32.85 -9.28
CA GLY B 114 -10.56 -33.72 -9.13
C GLY B 114 -9.22 -33.04 -8.86
N ALA B 115 -9.24 -31.88 -8.22
CA ALA B 115 -8.00 -31.19 -7.90
C ALA B 115 -7.40 -31.90 -6.69
N THR B 116 -6.07 -31.94 -6.55
CA THR B 116 -5.50 -32.63 -5.40
C THR B 116 -5.51 -31.82 -4.12
N GLY B 117 -5.24 -32.50 -3.01
CA GLY B 117 -5.24 -31.87 -1.72
C GLY B 117 -4.01 -31.03 -1.43
N LYS B 118 -3.03 -31.01 -2.32
CA LYS B 118 -1.86 -30.19 -2.03
C LYS B 118 -1.68 -29.02 -2.97
N GLY B 119 -2.73 -28.67 -3.69
CA GLY B 119 -2.63 -27.56 -4.61
C GLY B 119 -3.54 -26.38 -4.38
N ASN B 120 -3.49 -25.44 -5.32
CA ASN B 120 -4.30 -24.23 -5.29
C ASN B 120 -5.70 -24.43 -5.85
N ASP B 121 -5.82 -25.19 -6.94
CA ASP B 121 -7.12 -25.41 -7.58
C ASP B 121 -8.25 -25.79 -6.63
N GLN B 122 -7.96 -26.65 -5.66
CA GLN B 122 -8.99 -27.08 -4.71
C GLN B 122 -9.58 -25.86 -4.01
N VAL B 123 -8.72 -24.93 -3.62
CA VAL B 123 -9.18 -23.73 -2.93
C VAL B 123 -10.03 -22.88 -3.86
N ARG B 124 -9.58 -22.71 -5.10
CA ARG B 124 -10.31 -21.90 -6.08
C ARG B 124 -11.72 -22.47 -6.31
N PHE B 125 -11.81 -23.78 -6.49
CA PHE B 125 -13.08 -24.44 -6.71
C PHE B 125 -14.01 -24.28 -5.52
N GLU B 126 -13.50 -24.60 -4.35
CA GLU B 126 -14.30 -24.55 -3.13
C GLU B 126 -14.65 -23.17 -2.58
N LEU B 127 -13.72 -22.22 -2.66
CA LEU B 127 -14.05 -20.89 -2.20
C LEU B 127 -15.14 -20.34 -3.11
N THR B 128 -15.03 -20.62 -4.41
CA THR B 128 -16.02 -20.16 -5.37
C THR B 128 -17.38 -20.76 -5.05
N ALA B 129 -17.42 -22.09 -4.91
CA ALA B 129 -18.66 -22.80 -4.61
C ALA B 129 -19.33 -22.26 -3.35
N TYR B 130 -18.58 -22.21 -2.26
CA TYR B 130 -19.12 -21.74 -0.98
C TYR B 130 -19.59 -20.29 -1.06
N ALA B 131 -18.87 -19.46 -1.80
CA ALA B 131 -19.23 -18.07 -1.93
C ALA B 131 -20.56 -17.93 -2.67
N LEU B 132 -20.79 -18.79 -3.65
CA LEU B 132 -22.02 -18.72 -4.45
C LEU B 132 -23.24 -19.42 -3.87
N LYS B 133 -23.02 -20.56 -3.22
CA LYS B 133 -24.11 -21.32 -2.62
C LYS B 133 -23.51 -21.86 -1.33
N PRO B 134 -23.62 -21.10 -0.23
CA PRO B 134 -23.09 -21.46 1.09
C PRO B 134 -23.46 -22.83 1.66
N ASP B 135 -24.60 -23.38 1.25
CA ASP B 135 -25.02 -24.68 1.78
C ASP B 135 -24.62 -25.85 0.89
N ILE B 136 -23.92 -25.57 -0.21
CA ILE B 136 -23.51 -26.64 -1.11
C ILE B 136 -22.53 -27.57 -0.41
N LYS B 137 -22.60 -28.85 -0.77
CA LYS B 137 -21.68 -29.83 -0.22
C LYS B 137 -20.62 -30.04 -1.30
N VAL B 138 -19.36 -30.01 -0.90
CA VAL B 138 -18.25 -30.20 -1.83
C VAL B 138 -17.51 -31.49 -1.51
N ILE B 139 -17.29 -32.31 -2.53
CA ILE B 139 -16.57 -33.55 -2.35
C ILE B 139 -15.30 -33.52 -3.18
N ALA B 140 -14.17 -33.67 -2.50
CA ALA B 140 -12.87 -33.68 -3.15
C ALA B 140 -12.29 -35.07 -2.90
N PRO B 141 -12.53 -36.01 -3.83
CA PRO B 141 -12.04 -37.38 -3.71
C PRO B 141 -10.57 -37.53 -3.33
N TRP B 142 -9.69 -36.71 -3.91
CA TRP B 142 -8.27 -36.80 -3.59
C TRP B 142 -8.00 -36.65 -2.11
N ARG B 143 -8.85 -35.90 -1.41
CA ARG B 143 -8.68 -35.69 0.02
C ARG B 143 -9.48 -36.71 0.85
N GLU B 144 -10.32 -37.50 0.19
CA GLU B 144 -11.18 -38.46 0.89
C GLU B 144 -10.96 -39.95 0.64
N TRP B 145 -10.57 -40.32 -0.57
CA TRP B 145 -10.41 -41.73 -0.87
C TRP B 145 -9.21 -42.42 -0.26
N SER B 146 -9.15 -43.74 -0.43
CA SER B 146 -8.06 -44.50 0.15
C SER B 146 -7.05 -45.08 -0.82
N PHE B 147 -7.13 -44.74 -2.11
CA PHE B 147 -6.15 -45.26 -3.06
C PHE B 147 -4.81 -44.92 -2.46
N GLN B 148 -3.90 -45.87 -2.51
CA GLN B 148 -2.56 -45.67 -1.97
C GLN B 148 -1.52 -45.84 -3.08
N GLY B 149 -1.71 -45.12 -4.18
CA GLY B 149 -0.75 -45.22 -5.27
C GLY B 149 -1.42 -45.25 -6.63
N ARG B 150 -0.62 -44.95 -7.65
CA ARG B 150 -1.10 -44.91 -9.02
C ARG B 150 -1.47 -46.27 -9.59
N LYS B 151 -0.73 -47.30 -9.19
CA LYS B 151 -0.99 -48.64 -9.70
C LYS B 151 -2.36 -49.13 -9.24
N GLU B 152 -2.74 -48.80 -8.00
CA GLU B 152 -4.04 -49.21 -7.50
C GLU B 152 -5.15 -48.45 -8.23
N MET B 153 -4.85 -47.22 -8.64
CA MET B 153 -5.82 -46.39 -9.36
C MET B 153 -6.06 -47.00 -10.75
N ILE B 154 -4.99 -47.46 -11.39
CA ILE B 154 -5.11 -48.07 -12.72
C ILE B 154 -5.90 -49.37 -12.62
N ALA B 155 -5.61 -50.15 -11.58
CA ALA B 155 -6.30 -51.43 -11.40
C ALA B 155 -7.79 -51.22 -11.22
N TYR B 156 -8.14 -50.17 -10.48
CA TYR B 156 -9.53 -49.84 -10.22
C TYR B 156 -10.24 -49.45 -11.51
N ALA B 157 -9.57 -48.65 -12.33
CA ALA B 157 -10.13 -48.20 -13.61
C ALA B 157 -10.31 -49.40 -14.54
N GLU B 158 -9.23 -50.15 -14.75
CA GLU B 158 -9.29 -51.32 -15.62
C GLU B 158 -10.39 -52.25 -15.14
N ALA B 159 -10.60 -52.28 -13.82
CA ALA B 159 -11.62 -53.14 -13.26
C ALA B 159 -13.01 -52.56 -13.56
N HIS B 160 -13.07 -51.24 -13.76
CA HIS B 160 -14.36 -50.60 -14.05
C HIS B 160 -14.56 -50.30 -15.54
N GLY B 161 -13.70 -50.85 -16.39
CA GLY B 161 -13.83 -50.64 -17.83
C GLY B 161 -13.28 -49.35 -18.38
N ILE B 162 -12.78 -48.48 -17.49
CA ILE B 162 -12.22 -47.21 -17.91
C ILE B 162 -10.89 -47.41 -18.63
N PRO B 163 -10.77 -46.90 -19.87
CA PRO B 163 -9.49 -47.10 -20.56
C PRO B 163 -8.35 -46.41 -19.82
N VAL B 164 -7.15 -46.96 -19.91
CA VAL B 164 -5.99 -46.38 -19.22
C VAL B 164 -4.92 -46.01 -20.23
N PRO B 165 -4.09 -44.99 -19.93
CA PRO B 165 -3.08 -44.69 -20.93
C PRO B 165 -2.31 -45.96 -21.29
N PRO B 171 5.91 -37.02 -17.95
CA PRO B 171 7.15 -36.61 -17.24
C PRO B 171 6.87 -35.28 -16.55
N TYR B 172 5.64 -34.81 -16.72
CA TYR B 172 5.15 -33.56 -16.14
C TYR B 172 3.66 -33.53 -16.42
N SER B 173 2.95 -32.68 -15.68
CA SER B 173 1.51 -32.54 -15.80
C SER B 173 1.13 -31.22 -16.47
N MET B 174 0.04 -31.21 -17.25
CA MET B 174 -0.36 -29.99 -17.95
C MET B 174 -1.78 -29.49 -17.73
N ASP B 175 -1.95 -28.17 -17.81
CA ASP B 175 -3.27 -27.59 -17.72
C ASP B 175 -3.35 -26.56 -18.84
N ALA B 176 -4.28 -26.77 -19.75
CA ALA B 176 -4.40 -25.88 -20.89
C ALA B 176 -5.78 -25.27 -21.10
N ASN B 177 -5.78 -24.01 -21.55
CA ASN B 177 -7.00 -23.30 -21.87
C ASN B 177 -6.64 -22.15 -22.80
N LEU B 178 -7.61 -21.33 -23.17
CA LEU B 178 -7.37 -20.22 -24.09
C LEU B 178 -6.28 -19.24 -23.68
N LEU B 179 -6.04 -19.08 -22.39
CA LEU B 179 -5.05 -18.14 -21.91
C LEU B 179 -3.62 -18.68 -21.88
N HIS B 180 -3.46 -19.93 -21.49
CA HIS B 180 -2.12 -20.51 -21.45
C HIS B 180 -2.11 -22.03 -21.35
N ILE B 181 -0.91 -22.55 -21.13
CA ILE B 181 -0.71 -23.97 -20.90
C ILE B 181 0.30 -24.00 -19.78
N SER B 182 -0.06 -24.67 -18.70
CA SER B 182 0.81 -24.80 -17.55
C SER B 182 1.50 -26.15 -17.55
N TYR B 183 2.76 -26.16 -17.12
CA TYR B 183 3.52 -27.39 -17.01
C TYR B 183 4.21 -27.46 -15.66
N GLU B 184 3.93 -28.51 -14.89
CA GLU B 184 4.59 -28.70 -13.61
C GLU B 184 4.66 -30.16 -13.22
N GLY B 185 5.51 -30.46 -12.24
CA GLY B 185 5.66 -31.83 -11.79
C GLY B 185 6.75 -32.58 -12.52
N GLY B 186 6.91 -33.86 -12.15
CA GLY B 186 7.92 -34.70 -12.77
C GLY B 186 9.29 -34.07 -12.82
N VAL B 187 9.87 -34.09 -14.02
CA VAL B 187 11.19 -33.56 -14.25
C VAL B 187 11.31 -32.05 -13.98
N LEU B 188 10.18 -31.37 -13.91
CA LEU B 188 10.20 -29.93 -13.66
C LEU B 188 10.34 -29.63 -12.17
N GLU B 189 10.24 -30.68 -11.34
CA GLU B 189 10.35 -30.49 -9.90
C GLU B 189 11.74 -30.11 -9.41
N ASP B 190 12.74 -30.16 -10.29
CA ASP B 190 14.10 -29.78 -9.94
C ASP B 190 14.32 -28.38 -10.52
N PRO B 191 14.24 -27.34 -9.66
CA PRO B 191 14.42 -25.95 -10.10
C PRO B 191 15.72 -25.59 -10.82
N TRP B 192 16.71 -26.48 -10.79
CA TRP B 192 17.99 -26.22 -11.45
C TRP B 192 18.03 -26.81 -12.86
N ALA B 193 17.08 -27.67 -13.18
CA ALA B 193 16.99 -28.33 -14.49
C ALA B 193 16.15 -27.57 -15.51
N GLU B 194 16.75 -27.22 -16.65
CA GLU B 194 16.01 -26.52 -17.70
C GLU B 194 14.90 -27.48 -18.16
N PRO B 195 13.72 -26.95 -18.54
CA PRO B 195 12.67 -27.86 -18.99
C PRO B 195 13.13 -28.63 -20.24
N PRO B 196 12.59 -29.85 -20.43
CA PRO B 196 12.95 -30.69 -21.58
C PRO B 196 12.58 -30.14 -22.96
N LYS B 197 13.46 -30.40 -23.94
CA LYS B 197 13.25 -29.96 -25.31
C LYS B 197 11.89 -30.43 -25.80
N GLY B 198 11.27 -29.63 -26.66
CA GLY B 198 9.98 -29.99 -27.21
C GLY B 198 8.81 -30.06 -26.26
N MET B 199 8.95 -29.52 -25.06
CA MET B 199 7.86 -29.58 -24.10
C MET B 199 6.70 -28.64 -24.47
N PHE B 200 7.02 -27.43 -24.91
CA PHE B 200 6.00 -26.44 -25.24
C PHE B 200 5.11 -26.83 -26.42
N ARG B 201 3.82 -26.52 -26.30
CA ARG B 201 2.85 -26.87 -27.32
C ARG B 201 2.20 -25.66 -27.99
N MET B 202 1.86 -24.66 -27.19
CA MET B 202 1.19 -23.48 -27.71
C MET B 202 2.14 -22.53 -28.43
N THR B 203 3.42 -22.59 -28.08
CA THR B 203 4.39 -21.69 -28.69
C THR B 203 5.53 -22.43 -29.37
N GLN B 204 5.98 -21.87 -30.49
CA GLN B 204 7.07 -22.43 -31.26
C GLN B 204 8.36 -22.02 -30.57
N ASP B 205 9.35 -22.90 -30.55
CA ASP B 205 10.62 -22.54 -29.93
C ASP B 205 11.18 -21.33 -30.66
N PRO B 206 11.75 -20.37 -29.91
CA PRO B 206 12.33 -19.17 -30.51
C PRO B 206 13.36 -19.50 -31.57
N GLU B 207 14.07 -20.62 -31.37
CA GLU B 207 15.07 -21.07 -32.33
C GLU B 207 14.44 -21.41 -33.67
N GLU B 208 13.16 -21.76 -33.67
CA GLU B 208 12.44 -22.12 -34.89
C GLU B 208 11.51 -21.03 -35.40
N ALA B 209 11.33 -19.98 -34.61
CA ALA B 209 10.45 -18.89 -34.98
C ALA B 209 10.97 -18.20 -36.23
N PRO B 210 10.09 -17.46 -36.93
CA PRO B 210 10.42 -16.74 -38.17
C PRO B 210 11.61 -15.80 -38.00
N ASP B 211 12.43 -15.67 -39.03
CA ASP B 211 13.57 -14.77 -38.95
C ASP B 211 13.08 -13.36 -39.22
N ALA B 212 11.85 -13.25 -39.69
CA ALA B 212 11.28 -11.94 -39.99
C ALA B 212 10.38 -11.47 -38.84
N PRO B 213 10.70 -10.33 -38.22
CA PRO B 213 9.82 -9.88 -37.14
C PRO B 213 8.45 -9.55 -37.70
N GLU B 214 7.43 -9.60 -36.86
CA GLU B 214 6.08 -9.30 -37.30
C GLU B 214 5.51 -8.19 -36.46
N TYR B 215 4.84 -7.24 -37.11
CA TYR B 215 4.23 -6.13 -36.39
C TYR B 215 2.76 -6.45 -36.18
N VAL B 216 2.24 -6.14 -35.00
CA VAL B 216 0.83 -6.40 -34.74
C VAL B 216 0.27 -5.20 -34.00
N GLU B 217 -0.96 -4.82 -34.34
CA GLU B 217 -1.58 -3.70 -33.66
C GLU B 217 -2.81 -4.17 -32.92
N VAL B 218 -2.92 -3.74 -31.68
CA VAL B 218 -4.06 -4.11 -30.86
C VAL B 218 -4.78 -2.84 -30.43
N GLU B 219 -6.06 -2.78 -30.75
CA GLU B 219 -6.88 -1.62 -30.41
C GLU B 219 -7.61 -1.89 -29.10
N PHE B 220 -7.59 -0.93 -28.19
CA PHE B 220 -8.29 -1.07 -26.92
C PHE B 220 -9.46 -0.10 -26.86
N PHE B 221 -10.55 -0.52 -26.25
CA PHE B 221 -11.68 0.38 -26.06
C PHE B 221 -12.13 0.27 -24.62
N GLU B 222 -12.00 1.35 -23.88
CA GLU B 222 -12.39 1.39 -22.48
C GLU B 222 -11.87 0.19 -21.68
N GLY B 223 -10.57 -0.04 -21.76
CA GLY B 223 -9.96 -1.12 -21.00
C GLY B 223 -9.86 -2.51 -21.59
N ASP B 224 -10.65 -2.82 -22.62
CA ASP B 224 -10.59 -4.14 -23.23
C ASP B 224 -10.13 -4.11 -24.68
N PRO B 225 -9.39 -5.15 -25.11
CA PRO B 225 -8.90 -5.21 -26.50
C PRO B 225 -10.10 -5.56 -27.38
N VAL B 226 -10.26 -4.84 -28.48
CA VAL B 226 -11.38 -5.07 -29.38
C VAL B 226 -11.03 -5.36 -30.83
N ALA B 227 -9.78 -5.15 -31.22
CA ALA B 227 -9.38 -5.43 -32.60
C ALA B 227 -7.90 -5.72 -32.74
N VAL B 228 -7.58 -6.58 -33.72
CA VAL B 228 -6.20 -6.94 -34.01
C VAL B 228 -5.96 -6.61 -35.47
N ASN B 229 -4.95 -5.78 -35.73
CA ASN B 229 -4.62 -5.36 -37.08
C ASN B 229 -5.84 -4.83 -37.82
N GLY B 230 -6.66 -4.05 -37.12
CA GLY B 230 -7.84 -3.46 -37.73
C GLY B 230 -9.06 -4.36 -37.82
N GLU B 231 -8.91 -5.65 -37.53
CA GLU B 231 -10.04 -6.56 -37.60
C GLU B 231 -10.69 -6.68 -36.22
N ARG B 232 -11.97 -6.32 -36.14
CA ARG B 232 -12.70 -6.39 -34.88
C ARG B 232 -12.92 -7.87 -34.58
N LEU B 233 -12.65 -8.27 -33.33
CA LEU B 233 -12.82 -9.68 -32.94
C LEU B 233 -13.49 -9.77 -31.57
N SER B 234 -14.30 -10.80 -31.38
CA SER B 234 -14.96 -11.01 -30.10
C SER B 234 -13.85 -11.39 -29.12
N PRO B 235 -14.10 -11.28 -27.80
CA PRO B 235 -13.06 -11.62 -26.81
C PRO B 235 -12.32 -12.94 -27.04
N ALA B 236 -13.05 -14.04 -27.16
CA ALA B 236 -12.41 -15.33 -27.38
C ALA B 236 -11.69 -15.43 -28.73
N ALA B 237 -12.31 -14.87 -29.78
CA ALA B 237 -11.66 -14.94 -31.09
C ALA B 237 -10.42 -14.05 -31.08
N LEU B 238 -10.46 -12.98 -30.31
CA LEU B 238 -9.33 -12.07 -30.23
C LEU B 238 -8.15 -12.73 -29.52
N LEU B 239 -8.41 -13.39 -28.39
CA LEU B 239 -7.34 -14.06 -27.65
C LEU B 239 -6.75 -15.16 -28.53
N GLN B 240 -7.63 -15.89 -29.22
CA GLN B 240 -7.20 -16.96 -30.13
C GLN B 240 -6.25 -16.41 -31.17
N ARG B 241 -6.64 -15.29 -31.80
CA ARG B 241 -5.82 -14.68 -32.82
C ARG B 241 -4.43 -14.33 -32.30
N LEU B 242 -4.37 -13.68 -31.14
CA LEU B 242 -3.09 -13.29 -30.57
C LEU B 242 -2.26 -14.51 -30.14
N ASN B 243 -2.92 -15.61 -29.81
CA ASN B 243 -2.20 -16.83 -29.44
C ASN B 243 -1.52 -17.37 -30.71
N GLU B 244 -2.24 -17.31 -31.82
CA GLU B 244 -1.69 -17.79 -33.10
C GLU B 244 -0.50 -16.94 -33.54
N ILE B 245 -0.66 -15.62 -33.53
CA ILE B 245 0.41 -14.72 -33.93
C ILE B 245 1.60 -14.83 -32.97
N GLY B 246 1.33 -14.61 -31.68
CA GLY B 246 2.39 -14.69 -30.70
C GLY B 246 3.00 -16.07 -30.60
N GLY B 247 2.17 -17.10 -30.77
CA GLY B 247 2.64 -18.47 -30.69
C GLY B 247 3.69 -18.78 -31.76
N ARG B 248 3.41 -18.34 -32.98
CA ARG B 248 4.35 -18.60 -34.07
C ARG B 248 5.71 -18.01 -33.74
N HIS B 249 5.73 -16.91 -32.98
CA HIS B 249 6.99 -16.29 -32.63
C HIS B 249 7.60 -16.74 -31.29
N GLY B 250 6.95 -17.71 -30.64
CA GLY B 250 7.48 -18.23 -29.38
C GLY B 250 7.44 -17.27 -28.22
N VAL B 251 6.48 -16.35 -28.30
CA VAL B 251 6.26 -15.32 -27.31
C VAL B 251 5.54 -15.83 -26.04
N GLY B 252 5.87 -15.25 -24.89
CA GLY B 252 5.19 -15.61 -23.64
C GLY B 252 5.60 -16.80 -22.77
N ARG B 253 6.87 -17.16 -22.75
CA ARG B 253 7.32 -18.29 -21.92
C ARG B 253 7.89 -17.83 -20.57
N VAL B 254 7.46 -18.48 -19.52
CA VAL B 254 7.87 -18.16 -18.16
C VAL B 254 8.31 -19.43 -17.41
N ASP B 255 9.34 -19.31 -16.57
CA ASP B 255 9.83 -20.43 -15.78
C ASP B 255 10.06 -19.90 -14.36
N ILE B 256 9.19 -20.28 -13.43
CA ILE B 256 9.30 -19.78 -12.06
C ILE B 256 9.08 -20.80 -10.95
N VAL B 257 9.56 -20.45 -9.76
CA VAL B 257 9.31 -21.24 -8.57
C VAL B 257 8.40 -20.27 -7.84
N GLU B 258 7.13 -20.64 -7.75
CA GLU B 258 6.10 -19.82 -7.13
C GLU B 258 5.70 -20.32 -5.75
N ASN B 259 5.00 -19.47 -5.00
CA ASN B 259 4.52 -19.82 -3.67
C ASN B 259 3.02 -20.14 -3.74
N ARG B 260 2.66 -21.38 -3.43
CA ARG B 260 1.26 -21.77 -3.43
C ARG B 260 0.59 -21.23 -2.18
N PHE B 261 -0.73 -21.13 -2.24
CA PHE B 261 -1.52 -20.63 -1.13
C PHE B 261 -1.49 -21.59 0.05
N VAL B 262 -1.39 -22.90 -0.23
CA VAL B 262 -1.35 -23.85 0.86
C VAL B 262 0.00 -23.90 1.57
N GLY B 263 0.89 -22.97 1.23
CA GLY B 263 2.17 -22.89 1.92
C GLY B 263 3.50 -23.33 1.34
N MET B 264 3.53 -24.15 0.29
CA MET B 264 4.83 -24.59 -0.24
C MET B 264 5.16 -24.02 -1.61
N LYS B 265 6.44 -24.09 -1.96
CA LYS B 265 6.93 -23.58 -3.25
C LYS B 265 6.88 -24.69 -4.30
N SER B 266 6.68 -24.30 -5.56
CA SER B 266 6.67 -25.26 -6.65
C SER B 266 7.10 -24.61 -7.94
N ARG B 267 7.80 -25.38 -8.74
CA ARG B 267 8.35 -24.95 -10.02
C ARG B 267 7.29 -25.10 -11.10
N GLY B 268 6.92 -23.99 -11.73
CA GLY B 268 5.94 -24.02 -12.79
C GLY B 268 6.47 -23.38 -14.05
N VAL B 269 6.06 -23.90 -15.19
CA VAL B 269 6.48 -23.36 -16.48
C VAL B 269 5.21 -22.98 -17.22
N TYR B 270 5.19 -21.77 -17.78
CA TYR B 270 3.99 -21.29 -18.47
C TYR B 270 4.23 -20.63 -19.83
N GLU B 271 3.29 -20.85 -20.74
CA GLU B 271 3.35 -20.19 -22.04
C GLU B 271 2.01 -19.50 -22.21
N THR B 272 2.08 -18.17 -22.40
CA THR B 272 0.91 -17.33 -22.53
C THR B 272 1.16 -16.33 -23.68
N PRO B 273 1.21 -16.83 -24.93
CA PRO B 273 1.45 -15.96 -26.09
C PRO B 273 0.50 -14.77 -26.26
N GLY B 274 -0.79 -15.04 -26.35
CA GLY B 274 -1.76 -13.96 -26.51
C GLY B 274 -1.79 -13.01 -25.32
N GLY B 275 -1.88 -13.58 -24.12
CA GLY B 275 -1.92 -12.77 -22.92
C GLY B 275 -0.71 -11.88 -22.74
N THR B 276 0.46 -12.38 -23.14
CA THR B 276 1.69 -11.60 -23.01
C THR B 276 1.68 -10.40 -23.95
N ILE B 277 1.16 -10.58 -25.17
CA ILE B 277 1.07 -9.48 -26.11
C ILE B 277 0.10 -8.47 -25.51
N LEU B 278 -1.02 -8.96 -25.01
CA LEU B 278 -2.04 -8.12 -24.40
C LEU B 278 -1.53 -7.35 -23.18
N TYR B 279 -0.63 -7.96 -22.41
CA TYR B 279 -0.09 -7.29 -21.23
C TYR B 279 0.67 -6.03 -21.64
N HIS B 280 1.58 -6.17 -22.60
CA HIS B 280 2.38 -5.05 -23.06
C HIS B 280 1.58 -4.06 -23.92
N ALA B 281 0.60 -4.57 -24.65
CA ALA B 281 -0.23 -3.72 -25.49
C ALA B 281 -1.04 -2.79 -24.60
N ARG B 282 -1.65 -3.34 -23.55
CA ARG B 282 -2.42 -2.52 -22.64
C ARG B 282 -1.56 -1.43 -22.02
N ARG B 283 -0.39 -1.79 -21.51
CA ARG B 283 0.47 -0.79 -20.90
C ARG B 283 0.89 0.29 -21.89
N ALA B 284 1.07 -0.07 -23.16
CA ALA B 284 1.45 0.89 -24.17
C ALA B 284 0.34 1.92 -24.34
N VAL B 285 -0.91 1.46 -24.39
CA VAL B 285 -2.02 2.39 -24.55
C VAL B 285 -2.18 3.19 -23.26
N GLU B 286 -1.96 2.54 -22.12
CA GLU B 286 -2.06 3.21 -20.83
C GLU B 286 -1.03 4.33 -20.69
N SER B 287 0.14 4.14 -21.31
CA SER B 287 1.19 5.16 -21.21
C SER B 287 0.75 6.52 -21.79
N LEU B 288 -0.29 6.51 -22.62
CA LEU B 288 -0.79 7.75 -23.22
C LEU B 288 -2.11 8.19 -22.63
N THR B 289 -2.90 7.24 -22.12
CA THR B 289 -4.22 7.53 -21.60
C THR B 289 -4.41 7.64 -20.10
N LEU B 290 -3.48 7.15 -19.30
CA LEU B 290 -3.62 7.23 -17.86
C LEU B 290 -2.79 8.31 -17.21
N ASP B 291 -3.34 8.92 -16.18
CA ASP B 291 -2.63 9.96 -15.46
C ASP B 291 -1.50 9.32 -14.65
N ARG B 292 -0.44 10.07 -14.44
CA ARG B 292 0.73 9.60 -13.69
C ARG B 292 0.38 9.04 -12.31
N GLU B 293 -0.29 9.84 -11.50
CA GLU B 293 -0.65 9.41 -10.17
C GLU B 293 -1.59 8.22 -10.15
N VAL B 294 -2.55 8.19 -11.08
CA VAL B 294 -3.48 7.06 -11.17
C VAL B 294 -2.66 5.81 -11.45
N LEU B 295 -1.79 5.89 -12.46
CA LEU B 295 -0.95 4.76 -12.83
C LEU B 295 -0.13 4.21 -11.68
N HIS B 296 0.56 5.10 -10.97
CA HIS B 296 1.38 4.70 -9.85
C HIS B 296 0.58 4.03 -8.75
N GLN B 297 -0.63 4.54 -8.50
CA GLN B 297 -1.48 3.94 -7.48
C GLN B 297 -1.91 2.56 -7.96
N ARG B 298 -2.42 2.51 -9.18
CA ARG B 298 -2.90 1.28 -9.79
C ARG B 298 -1.83 0.17 -9.75
N ASP B 299 -0.60 0.50 -10.09
CA ASP B 299 0.48 -0.48 -10.07
C ASP B 299 0.80 -0.99 -8.67
N MET B 300 0.54 -0.18 -7.64
CA MET B 300 0.82 -0.66 -6.29
C MET B 300 -0.28 -1.56 -5.76
N LEU B 301 -1.42 -1.58 -6.44
CA LEU B 301 -2.55 -2.44 -6.04
C LEU B 301 -2.65 -3.72 -6.86
N SER B 302 -2.08 -3.70 -8.07
CA SER B 302 -2.13 -4.87 -8.95
C SER B 302 -1.62 -6.17 -8.30
N PRO B 303 -0.48 -6.13 -7.61
CA PRO B 303 0.03 -7.37 -6.99
C PRO B 303 -0.95 -7.96 -5.98
N LYS B 304 -1.67 -7.10 -5.26
CA LYS B 304 -2.61 -7.58 -4.27
C LYS B 304 -3.73 -8.31 -5.00
N TYR B 305 -4.24 -7.68 -6.06
CA TYR B 305 -5.30 -8.29 -6.85
C TYR B 305 -4.81 -9.64 -7.40
N ALA B 306 -3.54 -9.69 -7.80
CA ALA B 306 -2.98 -10.92 -8.35
C ALA B 306 -3.02 -12.06 -7.33
N GLU B 307 -2.60 -11.80 -6.09
CA GLU B 307 -2.65 -12.88 -5.11
C GLU B 307 -4.09 -13.32 -4.83
N LEU B 308 -5.03 -12.39 -4.89
CA LEU B 308 -6.42 -12.75 -4.67
C LEU B 308 -6.86 -13.76 -5.72
N VAL B 309 -6.58 -13.44 -6.99
CA VAL B 309 -6.94 -14.36 -8.07
C VAL B 309 -6.21 -15.68 -7.88
N TYR B 310 -4.90 -15.61 -7.60
CA TYR B 310 -4.10 -16.81 -7.41
C TYR B 310 -4.61 -17.70 -6.28
N TYR B 311 -4.98 -17.08 -5.15
CA TYR B 311 -5.48 -17.83 -4.01
C TYR B 311 -6.88 -18.38 -4.21
N GLY B 312 -7.65 -17.76 -5.10
CA GLY B 312 -9.00 -18.23 -5.35
C GLY B 312 -10.10 -17.32 -4.86
N PHE B 313 -9.76 -16.09 -4.46
CA PHE B 313 -10.78 -15.17 -3.99
C PHE B 313 -11.33 -14.33 -5.14
N TRP B 314 -11.96 -15.00 -6.09
CA TRP B 314 -12.54 -14.31 -7.25
C TRP B 314 -13.90 -13.73 -6.87
N TYR B 315 -14.84 -14.60 -6.50
CA TYR B 315 -16.14 -14.13 -6.08
C TYR B 315 -16.00 -13.82 -4.59
N ALA B 316 -15.24 -12.79 -4.29
CA ALA B 316 -14.98 -12.36 -2.92
C ALA B 316 -15.11 -10.85 -2.88
N PRO B 317 -15.64 -10.30 -1.78
CA PRO B 317 -15.79 -8.85 -1.73
C PRO B 317 -14.50 -8.03 -1.91
N GLU B 318 -13.35 -8.47 -1.41
CA GLU B 318 -12.10 -7.70 -1.58
C GLU B 318 -11.80 -7.53 -3.06
N ARG B 319 -11.96 -8.62 -3.80
CA ARG B 319 -11.63 -8.62 -5.22
C ARG B 319 -12.59 -7.73 -6.00
N GLU B 320 -13.87 -7.81 -5.68
CA GLU B 320 -14.86 -7.01 -6.38
C GLU B 320 -14.70 -5.51 -6.06
N ALA B 321 -14.22 -5.21 -4.85
CA ALA B 321 -14.00 -3.82 -4.45
C ALA B 321 -12.82 -3.28 -5.25
N LEU B 322 -11.75 -4.05 -5.32
CA LEU B 322 -10.58 -3.64 -6.09
C LEU B 322 -10.96 -3.52 -7.57
N GLN B 323 -11.83 -4.42 -8.03
CA GLN B 323 -12.25 -4.40 -9.43
C GLN B 323 -12.96 -3.09 -9.76
N ALA B 324 -13.64 -2.51 -8.79
CA ALA B 324 -14.32 -1.24 -8.99
C ALA B 324 -13.26 -0.20 -9.29
N TYR B 325 -12.12 -0.27 -8.60
CA TYR B 325 -11.03 0.68 -8.82
C TYR B 325 -10.43 0.47 -10.22
N PHE B 326 -9.99 -0.75 -10.50
CA PHE B 326 -9.39 -1.06 -11.80
C PHE B 326 -10.30 -0.76 -13.00
N ASP B 327 -11.60 -1.05 -12.87
CA ASP B 327 -12.52 -0.80 -13.97
C ASP B 327 -12.71 0.70 -14.21
N HIS B 328 -12.65 1.48 -13.13
CA HIS B 328 -12.79 2.92 -13.25
C HIS B 328 -11.59 3.43 -14.05
N VAL B 329 -10.41 3.04 -13.61
CA VAL B 329 -9.16 3.44 -14.26
C VAL B 329 -9.10 2.96 -15.70
N ALA B 330 -9.38 1.68 -15.90
CA ALA B 330 -9.31 1.06 -17.23
C ALA B 330 -10.21 1.72 -18.29
N ARG B 331 -11.27 2.37 -17.86
CA ARG B 331 -12.20 2.99 -18.79
C ARG B 331 -11.55 4.06 -19.69
N SER B 332 -10.43 4.63 -19.25
CA SER B 332 -9.74 5.65 -20.03
C SER B 332 -8.79 5.02 -21.06
N VAL B 333 -8.58 3.71 -20.92
CA VAL B 333 -7.67 2.99 -21.78
C VAL B 333 -8.24 2.71 -23.17
N THR B 334 -8.15 3.73 -24.01
CA THR B 334 -8.65 3.67 -25.37
C THR B 334 -7.57 4.15 -26.33
N GLY B 335 -7.20 3.27 -27.25
CA GLY B 335 -6.16 3.62 -28.21
C GLY B 335 -5.64 2.37 -28.89
N VAL B 336 -4.52 2.52 -29.59
CA VAL B 336 -3.93 1.41 -30.29
C VAL B 336 -2.46 1.24 -29.94
N ALA B 337 -2.08 -0.02 -29.69
CA ALA B 337 -0.70 -0.35 -29.36
C ALA B 337 -0.07 -1.05 -30.57
N ARG B 338 1.18 -0.71 -30.88
CA ARG B 338 1.87 -1.34 -32.00
C ARG B 338 3.08 -2.11 -31.45
N LEU B 339 3.07 -3.43 -31.62
CA LEU B 339 4.16 -4.22 -31.12
C LEU B 339 4.94 -4.96 -32.20
N LYS B 340 6.19 -5.25 -31.90
CA LYS B 340 7.07 -5.97 -32.82
C LYS B 340 7.42 -7.30 -32.18
N LEU B 341 7.01 -8.39 -32.84
CA LEU B 341 7.27 -9.73 -32.33
C LEU B 341 8.47 -10.35 -33.02
N TYR B 342 9.38 -10.91 -32.23
CA TYR B 342 10.58 -11.51 -32.80
C TYR B 342 11.28 -12.49 -31.89
N LYS B 343 11.35 -13.74 -32.35
CA LYS B 343 12.02 -14.81 -31.62
C LYS B 343 11.92 -14.74 -30.09
N GLY B 344 10.72 -15.04 -29.60
CA GLY B 344 10.45 -15.06 -28.18
C GLY B 344 10.09 -13.75 -27.52
N ASN B 345 10.46 -12.64 -28.14
CA ASN B 345 10.17 -11.34 -27.55
C ASN B 345 9.04 -10.53 -28.15
N VAL B 346 8.53 -9.64 -27.31
CA VAL B 346 7.45 -8.73 -27.66
C VAL B 346 7.99 -7.31 -27.44
N TYR B 347 8.13 -6.53 -28.50
CA TYR B 347 8.64 -5.17 -28.33
C TYR B 347 7.58 -4.12 -28.65
N VAL B 348 7.33 -3.21 -27.71
CA VAL B 348 6.39 -2.13 -27.99
C VAL B 348 7.19 -1.17 -28.87
N VAL B 349 6.64 -0.78 -30.01
CA VAL B 349 7.35 0.15 -30.90
C VAL B 349 6.55 1.42 -31.20
N GLY B 350 5.29 1.42 -30.80
CA GLY B 350 4.46 2.59 -31.03
C GLY B 350 3.13 2.51 -30.32
N ARG B 351 2.54 3.67 -30.06
CA ARG B 351 1.24 3.74 -29.43
C ARG B 351 0.59 5.07 -29.81
N LYS B 352 -0.74 5.07 -29.84
CA LYS B 352 -1.50 6.27 -30.20
C LYS B 352 -2.86 6.16 -29.51
N ALA B 353 -3.52 7.29 -29.33
CA ALA B 353 -4.83 7.29 -28.68
C ALA B 353 -5.60 8.56 -29.03
N PRO B 354 -6.94 8.46 -29.11
CA PRO B 354 -7.82 9.59 -29.43
C PRO B 354 -7.66 10.71 -28.41
N LYS B 355 -7.59 10.34 -27.14
CA LYS B 355 -7.45 11.32 -26.07
C LYS B 355 -6.12 11.15 -25.36
N SER B 356 -5.05 11.08 -26.15
CA SER B 356 -3.71 10.94 -25.59
C SER B 356 -3.35 12.16 -24.75
N LEU B 357 -2.70 11.92 -23.61
CA LEU B 357 -2.30 13.01 -22.73
C LEU B 357 -0.89 13.50 -23.06
N TYR B 358 -0.28 12.91 -24.09
CA TYR B 358 1.05 13.32 -24.49
C TYR B 358 1.01 14.57 -25.38
N ARG B 359 1.91 15.51 -25.13
CA ARG B 359 2.00 16.77 -25.90
C ARG B 359 3.44 16.99 -26.33
N GLN B 360 3.73 16.93 -27.63
CA GLN B 360 5.12 17.17 -28.01
C GLN B 360 5.49 18.55 -27.49
N ASP B 361 4.46 19.41 -27.46
CA ASP B 361 4.50 20.80 -26.97
C ASP B 361 5.44 20.99 -25.78
N LEU B 362 5.18 20.16 -24.78
CA LEU B 362 5.88 20.22 -23.50
C LEU B 362 7.29 19.69 -23.42
N VAL B 363 7.69 18.86 -24.37
CA VAL B 363 9.04 18.32 -24.34
C VAL B 363 9.97 18.95 -25.37
N SER B 364 9.44 19.41 -26.49
CA SER B 364 10.27 20.00 -27.53
C SER B 364 10.87 21.33 -27.11
N PHE B 365 11.99 21.69 -27.73
CA PHE B 365 12.65 22.95 -27.41
C PHE B 365 12.47 24.04 -28.46
N GLY B 370 1.00 24.63 -20.42
CA GLY B 370 2.08 25.52 -20.96
C GLY B 370 3.30 25.42 -20.06
N TYR B 371 4.49 25.72 -20.59
CA TYR B 371 5.65 25.56 -19.73
C TYR B 371 6.76 26.61 -19.74
N ASP B 372 7.12 27.07 -18.55
CA ASP B 372 8.16 28.06 -18.41
C ASP B 372 9.16 27.55 -17.36
N GLN B 373 10.34 27.15 -17.84
CA GLN B 373 11.40 26.60 -17.01
C GLN B 373 11.53 27.24 -15.61
N LYS B 374 11.33 28.55 -15.47
CA LYS B 374 11.48 29.13 -14.12
C LYS B 374 10.47 28.59 -13.09
N ASP B 375 9.37 28.01 -13.56
CA ASP B 375 8.41 27.45 -12.62
C ASP B 375 9.10 26.29 -11.93
N ALA B 376 9.99 25.62 -12.68
CA ALA B 376 10.74 24.49 -12.18
C ALA B 376 11.55 24.83 -10.93
N GLU B 377 12.14 26.02 -10.88
CA GLU B 377 12.95 26.39 -9.73
C GLU B 377 12.11 26.42 -8.45
N GLY B 378 10.94 27.06 -8.53
CA GLY B 378 10.07 27.15 -7.37
C GLY B 378 9.65 25.76 -6.93
N PHE B 379 9.31 24.92 -7.89
CA PHE B 379 8.90 23.55 -7.65
C PHE B 379 10.01 22.85 -6.85
N ILE B 380 11.23 22.92 -7.38
CA ILE B 380 12.38 22.29 -6.73
C ILE B 380 12.62 22.84 -5.32
N LYS B 381 12.58 24.17 -5.17
CA LYS B 381 12.79 24.81 -3.87
C LYS B 381 11.80 24.31 -2.81
N ILE B 382 10.52 24.27 -3.17
CA ILE B 382 9.50 23.82 -2.26
C ILE B 382 9.69 22.33 -1.94
N GLN B 383 9.95 21.53 -2.97
CA GLN B 383 10.17 20.09 -2.77
C GLN B 383 11.36 19.85 -1.86
N ALA B 384 12.35 20.74 -1.93
CA ALA B 384 13.56 20.58 -1.14
C ALA B 384 13.51 21.13 0.28
N LEU B 385 12.54 21.99 0.58
CA LEU B 385 12.46 22.59 1.90
C LEU B 385 12.62 21.61 3.06
N ARG B 386 11.77 20.59 3.15
CA ARG B 386 11.88 19.65 4.26
C ARG B 386 13.23 18.95 4.34
N LEU B 387 13.89 18.79 3.19
CA LEU B 387 15.20 18.13 3.17
C LEU B 387 16.27 19.07 3.72
N ARG B 388 16.12 20.36 3.44
CA ARG B 388 17.08 21.35 3.92
C ARG B 388 16.93 21.53 5.42
N VAL B 389 15.68 21.53 5.89
CA VAL B 389 15.41 21.66 7.31
C VAL B 389 16.08 20.49 8.05
N ARG B 390 15.89 19.29 7.53
CA ARG B 390 16.47 18.07 8.11
C ARG B 390 17.99 18.20 8.20
N ALA B 391 18.61 18.62 7.09
CA ALA B 391 20.06 18.79 7.05
C ALA B 391 20.55 19.81 8.06
N LEU B 392 19.84 20.93 8.18
CA LEU B 392 20.23 21.95 9.13
C LEU B 392 20.16 21.43 10.57
N VAL B 393 19.13 20.63 10.87
CA VAL B 393 18.98 20.08 12.21
C VAL B 393 20.07 19.05 12.50
N GLU B 394 20.43 18.25 11.49
CA GLU B 394 21.49 17.26 11.68
C GLU B 394 22.75 18.09 11.87
N ARG B 395 22.59 19.40 11.63
CA ARG B 395 23.63 20.40 11.77
C ARG B 395 24.81 20.14 10.85
N MET C 1 4.80 -39.60 29.15
CA MET C 1 5.26 -38.47 28.29
C MET C 1 5.05 -37.16 29.04
N LYS C 2 5.90 -36.18 28.76
CA LYS C 2 5.76 -34.88 29.42
C LYS C 2 5.01 -33.90 28.52
N ILE C 3 4.23 -33.03 29.16
CA ILE C 3 3.46 -32.00 28.47
C ILE C 3 3.58 -30.72 29.28
N VAL C 4 3.92 -29.62 28.63
CA VAL C 4 4.04 -28.33 29.30
C VAL C 4 2.75 -27.56 29.03
N LEU C 5 2.00 -27.25 30.09
CA LEU C 5 0.75 -26.54 29.93
C LEU C 5 0.80 -25.06 30.30
N ALA C 6 0.24 -24.23 29.43
CA ALA C 6 0.17 -22.80 29.69
C ALA C 6 -0.94 -22.76 30.72
N TYR C 7 -0.56 -22.68 31.99
CA TYR C 7 -1.53 -22.70 33.09
C TYR C 7 -1.73 -21.35 33.76
N SER C 8 -2.95 -20.85 33.71
CA SER C 8 -3.30 -19.55 34.28
C SER C 8 -3.77 -19.62 35.73
N GLY C 9 -4.47 -20.70 36.09
CA GLY C 9 -4.97 -20.85 37.44
C GLY C 9 -6.49 -20.82 37.46
N GLY C 10 -7.09 -20.50 36.31
CA GLY C 10 -8.53 -20.44 36.21
C GLY C 10 -9.17 -21.82 36.18
N LEU C 11 -10.50 -21.85 36.12
CA LEU C 11 -11.25 -23.10 36.09
C LEU C 11 -10.91 -23.93 34.87
N ASP C 12 -11.02 -23.32 33.70
CA ASP C 12 -10.76 -24.01 32.46
C ASP C 12 -9.36 -24.61 32.36
N THR C 13 -8.32 -23.86 32.70
CA THR C 13 -6.99 -24.44 32.61
C THR C 13 -6.77 -25.48 33.71
N SER C 14 -7.59 -25.44 34.75
CA SER C 14 -7.47 -26.42 35.83
C SER C 14 -8.11 -27.71 35.34
N ILE C 15 -9.26 -27.58 34.70
CA ILE C 15 -9.96 -28.73 34.13
C ILE C 15 -9.05 -29.36 33.08
N ILE C 16 -8.31 -28.52 32.35
CA ILE C 16 -7.40 -28.98 31.32
C ILE C 16 -6.23 -29.77 31.89
N LEU C 17 -5.72 -29.33 33.03
CA LEU C 17 -4.59 -30.03 33.64
C LEU C 17 -5.03 -31.45 34.03
N LYS C 18 -6.24 -31.57 34.59
CA LYS C 18 -6.76 -32.89 34.99
C LYS C 18 -7.01 -33.72 33.74
N TRP C 19 -7.66 -33.11 32.74
CA TRP C 19 -7.97 -33.77 31.48
C TRP C 19 -6.73 -34.35 30.80
N LEU C 20 -5.60 -33.65 30.88
CA LEU C 20 -4.36 -34.12 30.26
C LEU C 20 -3.73 -35.31 30.98
N LYS C 21 -3.88 -35.32 32.30
CA LYS C 21 -3.32 -36.41 33.11
C LYS C 21 -4.13 -37.66 32.80
N GLU C 22 -5.44 -37.51 32.86
CA GLU C 22 -6.36 -38.60 32.61
C GLU C 22 -6.30 -39.15 31.19
N THR C 23 -6.40 -38.27 30.20
CA THR C 23 -6.39 -38.67 28.79
C THR C 23 -5.05 -39.16 28.25
N TYR C 24 -3.99 -38.39 28.48
CA TYR C 24 -2.67 -38.76 28.00
C TYR C 24 -1.83 -39.48 29.04
N ARG C 25 -2.34 -39.58 30.27
CA ARG C 25 -1.56 -40.21 31.35
C ARG C 25 -0.16 -39.62 31.26
N ALA C 26 -0.09 -38.29 31.15
CA ALA C 26 1.19 -37.62 31.02
C ALA C 26 1.63 -36.86 32.27
N GLU C 27 2.92 -36.58 32.32
CA GLU C 27 3.55 -35.83 33.40
C GLU C 27 3.32 -34.38 32.95
N VAL C 28 2.43 -33.66 33.63
CA VAL C 28 2.14 -32.29 33.25
C VAL C 28 2.97 -31.23 33.96
N ILE C 29 3.67 -30.40 33.17
CA ILE C 29 4.47 -29.33 33.74
C ILE C 29 3.66 -28.06 33.51
N ALA C 30 3.17 -27.48 34.59
CA ALA C 30 2.36 -26.26 34.49
C ALA C 30 3.26 -25.04 34.44
N PHE C 31 2.85 -24.05 33.64
CA PHE C 31 3.62 -22.82 33.50
C PHE C 31 2.72 -21.62 33.61
N THR C 32 3.03 -20.73 34.55
CA THR C 32 2.25 -19.52 34.71
C THR C 32 3.19 -18.35 34.51
N ALA C 33 2.76 -17.41 33.69
CA ALA C 33 3.58 -16.25 33.43
C ALA C 33 2.96 -15.04 34.08
N ASP C 34 3.77 -14.29 34.82
CA ASP C 34 3.28 -13.08 35.42
C ASP C 34 3.58 -12.03 34.36
N ILE C 35 2.54 -11.55 33.69
CA ILE C 35 2.71 -10.52 32.68
C ILE C 35 1.81 -9.35 33.04
N GLY C 36 1.54 -9.21 34.35
CA GLY C 36 0.72 -8.12 34.83
C GLY C 36 -0.76 -8.38 34.98
N GLN C 37 -1.17 -9.65 35.10
CA GLN C 37 -2.59 -9.96 35.25
C GLN C 37 -3.14 -9.53 36.62
N GLY C 38 -2.24 -9.13 37.52
CA GLY C 38 -2.70 -8.70 38.83
C GLY C 38 -3.27 -9.84 39.66
N GLU C 39 -2.62 -10.99 39.55
CA GLU C 39 -2.99 -12.20 40.27
C GLU C 39 -1.66 -12.66 40.86
N GLU C 40 -1.67 -13.27 42.03
CA GLU C 40 -0.41 -13.76 42.60
C GLU C 40 -0.14 -15.07 41.90
N VAL C 41 0.73 -15.00 40.90
CA VAL C 41 1.09 -16.16 40.11
C VAL C 41 1.60 -17.32 40.97
N GLU C 42 2.02 -17.03 42.19
CA GLU C 42 2.54 -18.10 43.04
C GLU C 42 1.38 -18.94 43.55
N GLU C 43 0.19 -18.34 43.60
CA GLU C 43 -0.99 -19.05 44.05
C GLU C 43 -1.37 -20.02 42.91
N ALA C 44 -1.28 -19.55 41.66
CA ALA C 44 -1.59 -20.39 40.53
C ALA C 44 -0.66 -21.60 40.51
N ARG C 45 0.61 -21.37 40.83
CA ARG C 45 1.62 -22.43 40.83
C ARG C 45 1.35 -23.53 41.86
N GLU C 46 0.85 -23.13 43.03
CA GLU C 46 0.57 -24.10 44.07
C GLU C 46 -0.73 -24.82 43.73
N LYS C 47 -1.70 -24.08 43.19
CA LYS C 47 -2.96 -24.70 42.81
C LYS C 47 -2.74 -25.73 41.71
N ALA C 48 -1.76 -25.49 40.84
CA ALA C 48 -1.46 -26.41 39.77
C ALA C 48 -0.92 -27.70 40.36
N LEU C 49 -0.01 -27.56 41.32
CA LEU C 49 0.57 -28.74 41.96
C LEU C 49 -0.55 -29.50 42.68
N ARG C 50 -1.46 -28.74 43.29
CA ARG C 50 -2.59 -29.31 44.00
C ARG C 50 -3.53 -30.02 43.03
N THR C 51 -3.65 -29.46 41.84
CA THR C 51 -4.53 -30.01 40.82
C THR C 51 -3.91 -31.25 40.18
N GLY C 52 -2.62 -31.48 40.43
CA GLY C 52 -1.99 -32.66 39.87
C GLY C 52 -0.71 -32.49 39.06
N ALA C 53 -0.26 -31.26 38.86
CA ALA C 53 0.95 -31.03 38.09
C ALA C 53 2.16 -31.71 38.73
N SER C 54 3.00 -32.35 37.91
CA SER C 54 4.18 -33.01 38.46
C SER C 54 5.24 -31.95 38.68
N LYS C 55 4.93 -30.74 38.22
CA LYS C 55 5.84 -29.62 38.37
C LYS C 55 5.10 -28.35 37.99
N ALA C 56 5.52 -27.23 38.56
CA ALA C 56 4.87 -25.97 38.26
C ALA C 56 5.93 -24.87 38.26
N ILE C 57 5.87 -24.05 37.22
CA ILE C 57 6.81 -22.96 37.03
C ILE C 57 6.06 -21.65 36.92
N ALA C 58 6.54 -20.65 37.66
CA ALA C 58 5.94 -19.32 37.63
C ALA C 58 7.11 -18.39 37.37
N LEU C 59 6.94 -17.50 36.42
CA LEU C 59 8.00 -16.57 36.08
C LEU C 59 7.46 -15.16 35.96
N ASP C 60 8.26 -14.20 36.38
CA ASP C 60 7.89 -12.80 36.29
C ASP C 60 8.42 -12.38 34.92
N LEU C 61 7.52 -12.20 33.97
CA LEU C 61 7.91 -11.81 32.62
C LEU C 61 7.47 -10.41 32.28
N LYS C 62 7.09 -9.63 33.29
CA LYS C 62 6.62 -8.30 32.99
C LYS C 62 7.61 -7.47 32.16
N GLU C 63 8.88 -7.44 32.54
CA GLU C 63 9.86 -6.66 31.79
C GLU C 63 10.06 -7.20 30.35
N GLU C 64 10.19 -8.51 30.19
CA GLU C 64 10.39 -9.07 28.85
C GLU C 64 9.19 -8.76 27.95
N PHE C 65 8.00 -8.89 28.52
CA PHE C 65 6.76 -8.61 27.81
C PHE C 65 6.77 -7.21 27.19
N VAL C 66 6.95 -6.20 28.04
CA VAL C 66 6.94 -4.81 27.58
C VAL C 66 8.15 -4.44 26.72
N ARG C 67 9.34 -4.88 27.11
CA ARG C 67 10.56 -4.56 26.37
C ARG C 67 10.65 -5.25 25.01
N ASP C 68 10.37 -6.55 24.99
CA ASP C 68 10.48 -7.32 23.75
C ASP C 68 9.23 -7.52 22.89
N PHE C 69 8.06 -7.20 23.42
CA PHE C 69 6.84 -7.37 22.64
C PHE C 69 6.00 -6.10 22.52
N VAL C 70 5.63 -5.50 23.65
CA VAL C 70 4.82 -4.29 23.61
C VAL C 70 5.55 -3.12 22.97
N PHE C 71 6.79 -2.84 23.39
CA PHE C 71 7.51 -1.70 22.82
C PHE C 71 7.73 -1.78 21.30
N PRO C 72 8.20 -2.93 20.77
CA PRO C 72 8.41 -3.04 19.32
C PRO C 72 7.11 -2.85 18.55
N MET C 73 6.01 -3.33 19.12
CA MET C 73 4.72 -3.19 18.49
C MET C 73 4.28 -1.72 18.48
N MET C 74 4.52 -1.04 19.60
CA MET C 74 4.15 0.37 19.70
C MET C 74 4.96 1.24 18.77
N ARG C 75 6.23 0.89 18.57
CA ARG C 75 7.10 1.66 17.70
C ARG C 75 6.51 1.68 16.28
N ALA C 76 5.75 0.64 15.94
CA ALA C 76 5.15 0.52 14.63
C ALA C 76 3.79 1.22 14.50
N GLY C 77 3.26 1.73 15.60
CA GLY C 77 1.98 2.42 15.56
C GLY C 77 0.82 1.48 15.26
N ALA C 78 0.99 0.21 15.63
CA ALA C 78 -0.01 -0.82 15.37
C ALA C 78 -1.38 -0.64 16.02
N VAL C 79 -2.41 -0.61 15.17
CA VAL C 79 -3.79 -0.49 15.63
C VAL C 79 -4.64 -1.35 14.71
N TYR C 80 -5.35 -2.32 15.29
CA TYR C 80 -6.19 -3.21 14.49
C TYR C 80 -7.59 -2.65 14.32
N GLU C 81 -8.02 -2.60 13.06
CA GLU C 81 -9.33 -2.12 12.68
C GLU C 81 -9.77 -0.83 13.40
N GLY C 82 -8.88 0.15 13.37
CA GLY C 82 -9.13 1.45 13.95
C GLY C 82 -9.06 1.69 15.45
N TYR C 83 -9.18 0.65 16.27
CA TYR C 83 -9.16 0.88 17.72
C TYR C 83 -8.42 -0.09 18.62
N TYR C 84 -8.35 -1.36 18.23
CA TYR C 84 -7.70 -2.35 19.07
C TYR C 84 -6.18 -2.23 19.17
N LEU C 85 -5.70 -1.93 20.38
CA LEU C 85 -4.28 -1.76 20.63
C LEU C 85 -3.55 -3.07 20.88
N LEU C 86 -4.22 -4.17 20.55
CA LEU C 86 -3.63 -5.51 20.62
C LEU C 86 -3.11 -6.06 21.96
N GLY C 87 -3.76 -5.70 23.06
CA GLY C 87 -3.32 -6.17 24.37
C GLY C 87 -3.16 -7.67 24.55
N THR C 88 -4.13 -8.44 24.11
CA THR C 88 -4.05 -9.89 24.24
C THR C 88 -3.09 -10.42 23.18
N SER C 89 -3.24 -9.92 21.97
CA SER C 89 -2.44 -10.31 20.82
C SER C 89 -0.92 -10.41 21.02
N ILE C 90 -0.25 -9.33 21.42
CA ILE C 90 1.21 -9.42 21.61
C ILE C 90 1.65 -10.22 22.81
N ALA C 91 0.71 -10.58 23.67
CA ALA C 91 1.10 -11.37 24.85
C ALA C 91 1.30 -12.84 24.53
N ARG C 92 0.45 -13.39 23.67
CA ARG C 92 0.53 -14.81 23.32
C ARG C 92 1.88 -15.32 22.81
N PRO C 93 2.56 -14.57 21.94
CA PRO C 93 3.86 -15.01 21.42
C PRO C 93 4.85 -15.25 22.55
N LEU C 94 4.84 -14.35 23.53
CA LEU C 94 5.73 -14.45 24.68
C LEU C 94 5.49 -15.74 25.44
N ILE C 95 4.23 -16.03 25.71
CA ILE C 95 3.88 -17.24 26.44
C ILE C 95 4.27 -18.51 25.68
N ALA C 96 3.94 -18.58 24.40
CA ALA C 96 4.27 -19.77 23.61
C ALA C 96 5.78 -19.98 23.53
N LYS C 97 6.52 -18.86 23.51
CA LYS C 97 7.98 -18.91 23.45
C LYS C 97 8.50 -19.67 24.66
N HIS C 98 8.05 -19.28 25.85
CA HIS C 98 8.51 -19.97 27.05
C HIS C 98 8.02 -21.42 27.10
N LEU C 99 6.78 -21.66 26.67
CA LEU C 99 6.26 -23.03 26.66
C LEU C 99 7.22 -23.94 25.91
N VAL C 100 7.66 -23.45 24.74
CA VAL C 100 8.57 -24.21 23.92
C VAL C 100 9.94 -24.39 24.58
N ARG C 101 10.43 -23.31 25.18
CA ARG C 101 11.72 -23.35 25.86
C ARG C 101 11.66 -24.34 27.02
N ILE C 102 10.60 -24.25 27.82
CA ILE C 102 10.41 -25.14 28.95
C ILE C 102 10.31 -26.59 28.49
N ALA C 103 9.56 -26.82 27.41
CA ALA C 103 9.41 -28.16 26.86
C ALA C 103 10.77 -28.73 26.47
N GLU C 104 11.61 -27.92 25.87
CA GLU C 104 12.94 -28.38 25.48
C GLU C 104 13.78 -28.65 26.72
N GLU C 105 13.63 -27.82 27.76
CA GLU C 105 14.40 -28.01 28.99
C GLU C 105 13.92 -29.21 29.80
N GLU C 106 12.61 -29.43 29.84
CA GLU C 106 12.06 -30.54 30.59
C GLU C 106 11.92 -31.80 29.74
N GLY C 107 12.45 -31.76 28.53
CA GLY C 107 12.34 -32.92 27.66
C GLY C 107 10.89 -33.32 27.47
N ALA C 108 10.03 -32.33 27.21
CA ALA C 108 8.61 -32.61 27.00
C ALA C 108 8.31 -32.72 25.50
N GLU C 109 7.39 -33.63 25.18
CA GLU C 109 6.96 -33.91 23.81
C GLU C 109 6.04 -32.85 23.25
N ALA C 110 5.02 -32.53 24.04
CA ALA C 110 4.01 -31.58 23.64
C ALA C 110 3.88 -30.39 24.58
N ILE C 111 3.13 -29.41 24.10
CA ILE C 111 2.81 -28.24 24.88
C ILE C 111 1.31 -28.14 24.67
N ALA C 112 0.63 -27.51 25.62
CA ALA C 112 -0.79 -27.37 25.50
C ALA C 112 -1.18 -25.98 25.97
N HIS C 113 -2.33 -25.51 25.52
CA HIS C 113 -2.83 -24.21 25.88
C HIS C 113 -4.33 -24.35 26.02
N GLY C 114 -4.96 -23.37 26.64
CA GLY C 114 -6.39 -23.43 26.84
C GLY C 114 -7.23 -22.47 26.03
N ALA C 115 -6.72 -22.04 24.87
CA ALA C 115 -7.48 -21.14 24.00
C ALA C 115 -8.54 -22.01 23.32
N THR C 116 -9.73 -21.48 23.04
CA THR C 116 -10.75 -22.31 22.43
C THR C 116 -10.59 -22.48 20.92
N GLY C 117 -11.43 -23.32 20.32
CA GLY C 117 -11.36 -23.56 18.90
C GLY C 117 -12.05 -22.51 18.07
N LYS C 118 -12.70 -21.55 18.73
CA LYS C 118 -13.42 -20.49 18.03
C LYS C 118 -12.64 -19.18 17.89
N GLY C 119 -11.46 -19.09 18.50
CA GLY C 119 -10.74 -17.85 18.43
C GLY C 119 -9.40 -17.68 17.77
N ASN C 120 -8.78 -16.52 18.04
CA ASN C 120 -7.48 -16.15 17.51
C ASN C 120 -6.33 -16.70 18.34
N ASP C 121 -6.51 -16.77 19.66
CA ASP C 121 -5.45 -17.26 20.53
C ASP C 121 -4.86 -18.60 20.12
N GLN C 122 -5.73 -19.55 19.75
CA GLN C 122 -5.23 -20.85 19.33
C GLN C 122 -4.22 -20.67 18.21
N VAL C 123 -4.52 -19.78 17.26
CA VAL C 123 -3.60 -19.54 16.15
C VAL C 123 -2.29 -18.93 16.64
N ARG C 124 -2.38 -17.91 17.49
CA ARG C 124 -1.21 -17.24 18.03
C ARG C 124 -0.29 -18.22 18.77
N PHE C 125 -0.87 -19.04 19.64
CA PHE C 125 -0.06 -20.03 20.37
C PHE C 125 0.62 -21.00 19.43
N GLU C 126 -0.16 -21.60 18.54
CA GLU C 126 0.37 -22.60 17.64
C GLU C 126 1.31 -22.11 16.54
N LEU C 127 1.01 -20.96 15.93
CA LEU C 127 1.91 -20.44 14.90
C LEU C 127 3.24 -20.12 15.55
N THR C 128 3.19 -19.59 16.78
CA THR C 128 4.43 -19.26 17.48
C THR C 128 5.22 -20.53 17.77
N ALA C 129 4.56 -21.54 18.31
CA ALA C 129 5.21 -22.80 18.64
C ALA C 129 5.87 -23.47 17.43
N TYR C 130 5.10 -23.63 16.35
CA TYR C 130 5.62 -24.25 15.13
C TYR C 130 6.75 -23.47 14.51
N ALA C 131 6.67 -22.14 14.61
CA ALA C 131 7.72 -21.31 14.05
C ALA C 131 9.02 -21.45 14.84
N LEU C 132 8.90 -21.69 16.14
CA LEU C 132 10.09 -21.83 17.00
C LEU C 132 10.63 -23.25 17.04
N LYS C 133 9.74 -24.24 17.09
CA LYS C 133 10.15 -25.66 17.10
C LYS C 133 9.18 -26.35 16.16
N PRO C 134 9.52 -26.43 14.86
CA PRO C 134 8.66 -27.06 13.86
C PRO C 134 8.23 -28.49 14.17
N ASP C 135 9.05 -29.22 14.94
CA ASP C 135 8.74 -30.61 15.31
C ASP C 135 7.89 -30.73 16.56
N ILE C 136 7.60 -29.61 17.22
CA ILE C 136 6.80 -29.65 18.44
C ILE C 136 5.41 -30.22 18.25
N LYS C 137 4.92 -30.88 19.30
CA LYS C 137 3.60 -31.46 19.28
C LYS C 137 2.74 -30.49 20.11
N VAL C 138 1.56 -30.17 19.58
CA VAL C 138 0.67 -29.26 20.29
C VAL C 138 -0.68 -29.89 20.57
N ILE C 139 -1.17 -29.67 21.78
CA ILE C 139 -2.46 -30.18 22.18
C ILE C 139 -3.36 -29.04 22.59
N ALA C 140 -4.53 -28.96 21.96
CA ALA C 140 -5.52 -27.94 22.25
C ALA C 140 -6.75 -28.67 22.78
N PRO C 141 -6.83 -28.88 24.10
CA PRO C 141 -7.98 -29.58 24.68
C PRO C 141 -9.37 -29.09 24.28
N TRP C 142 -9.55 -27.79 24.07
CA TRP C 142 -10.87 -27.32 23.68
C TRP C 142 -11.27 -27.93 22.33
N ARG C 143 -10.28 -28.25 21.51
CA ARG C 143 -10.57 -28.85 20.21
C ARG C 143 -10.62 -30.37 20.29
N GLU C 144 -9.97 -30.93 21.31
CA GLU C 144 -9.89 -32.39 21.46
C GLU C 144 -10.80 -33.09 22.45
N TRP C 145 -11.32 -32.39 23.45
CA TRP C 145 -12.17 -33.08 24.41
C TRP C 145 -13.63 -33.17 23.99
N SER C 146 -14.40 -33.96 24.73
CA SER C 146 -15.79 -34.16 24.40
C SER C 146 -16.82 -33.37 25.19
N PHE C 147 -16.38 -32.51 26.10
CA PHE C 147 -17.32 -31.71 26.88
C PHE C 147 -18.18 -30.86 25.94
N GLN C 148 -19.45 -30.73 26.29
CA GLN C 148 -20.39 -29.92 25.52
C GLN C 148 -21.14 -29.05 26.54
N GLY C 149 -20.71 -27.80 26.73
CA GLY C 149 -21.40 -26.95 27.67
C GLY C 149 -20.75 -26.76 29.02
N ARG C 150 -21.08 -25.64 29.66
CA ARG C 150 -20.51 -25.28 30.97
C ARG C 150 -20.87 -26.26 32.08
N LYS C 151 -22.09 -26.77 32.07
CA LYS C 151 -22.54 -27.71 33.10
C LYS C 151 -21.67 -28.96 33.18
N GLU C 152 -21.39 -29.55 32.02
CA GLU C 152 -20.57 -30.75 31.96
C GLU C 152 -19.16 -30.51 32.49
N MET C 153 -18.58 -29.37 32.09
CA MET C 153 -17.23 -29.05 32.52
C MET C 153 -17.19 -28.85 34.03
N ILE C 154 -18.24 -28.22 34.57
CA ILE C 154 -18.32 -27.98 36.01
C ILE C 154 -18.48 -29.30 36.76
N ALA C 155 -19.30 -30.20 36.20
CA ALA C 155 -19.54 -31.50 36.81
C ALA C 155 -18.22 -32.25 36.86
N TYR C 156 -17.50 -32.22 35.74
CA TYR C 156 -16.20 -32.89 35.62
C TYR C 156 -15.24 -32.24 36.63
N ALA C 157 -15.36 -30.93 36.77
CA ALA C 157 -14.51 -30.17 37.69
C ALA C 157 -14.73 -30.66 39.12
N GLU C 158 -15.99 -30.63 39.53
CA GLU C 158 -16.37 -31.06 40.87
C GLU C 158 -15.99 -32.50 41.15
N ALA C 159 -16.14 -33.34 40.14
CA ALA C 159 -15.79 -34.75 40.30
C ALA C 159 -14.34 -34.88 40.68
N HIS C 160 -13.47 -34.03 40.12
CA HIS C 160 -12.06 -34.14 40.45
C HIS C 160 -11.67 -33.29 41.65
N GLY C 161 -12.66 -32.60 42.23
CA GLY C 161 -12.41 -31.78 43.41
C GLY C 161 -11.83 -30.42 43.10
N ILE C 162 -11.99 -29.97 41.86
CA ILE C 162 -11.50 -28.65 41.44
C ILE C 162 -12.50 -27.57 41.85
N PRO C 163 -12.02 -26.52 42.54
CA PRO C 163 -12.84 -25.41 42.99
C PRO C 163 -13.70 -24.88 41.85
N VAL C 164 -15.01 -24.83 42.06
CA VAL C 164 -15.92 -24.36 41.04
C VAL C 164 -16.57 -23.09 41.60
N PRO C 165 -17.05 -22.18 40.71
CA PRO C 165 -17.68 -20.90 41.09
C PRO C 165 -18.83 -20.96 42.10
N PRO C 171 -20.83 -13.87 33.02
CA PRO C 171 -21.47 -12.72 32.32
C PRO C 171 -20.59 -12.30 31.14
N TYR C 172 -19.31 -12.65 31.23
CA TYR C 172 -18.34 -12.34 30.18
C TYR C 172 -17.01 -12.94 30.56
N SER C 173 -16.06 -12.95 29.63
CA SER C 173 -14.76 -13.49 29.93
C SER C 173 -13.69 -12.41 29.88
N MET C 174 -12.74 -12.47 30.82
CA MET C 174 -11.68 -11.48 30.88
C MET C 174 -10.29 -12.01 30.63
N ASP C 175 -9.46 -11.16 30.01
CA ASP C 175 -8.06 -11.51 29.77
C ASP C 175 -7.29 -10.27 30.12
N ALA C 176 -6.53 -10.34 31.20
CA ALA C 176 -5.77 -9.19 31.66
C ALA C 176 -4.26 -9.33 31.68
N ASN C 177 -3.57 -8.22 31.43
CA ASN C 177 -2.13 -8.18 31.49
C ASN C 177 -1.71 -6.72 31.64
N LEU C 178 -0.42 -6.45 31.67
CA LEU C 178 0.05 -5.08 31.86
C LEU C 178 -0.46 -4.08 30.83
N LEU C 179 -0.72 -4.55 29.61
CA LEU C 179 -1.17 -3.66 28.54
C LEU C 179 -2.66 -3.34 28.59
N HIS C 180 -3.49 -4.33 28.88
CA HIS C 180 -4.92 -4.07 28.93
C HIS C 180 -5.70 -5.17 29.63
N ILE C 181 -7.02 -5.03 29.58
CA ILE C 181 -7.93 -6.03 30.08
C ILE C 181 -8.95 -6.09 28.97
N SER C 182 -9.21 -7.30 28.52
CA SER C 182 -10.17 -7.56 27.46
C SER C 182 -11.43 -8.19 28.02
N TYR C 183 -12.57 -7.80 27.47
CA TYR C 183 -13.85 -8.34 27.89
C TYR C 183 -14.68 -8.72 26.67
N GLU C 184 -15.15 -9.96 26.62
CA GLU C 184 -16.02 -10.39 25.53
C GLU C 184 -16.79 -11.66 25.92
N GLY C 185 -17.89 -11.89 25.22
CA GLY C 185 -18.72 -13.05 25.50
C GLY C 185 -19.89 -12.68 26.39
N GLY C 186 -20.77 -13.64 26.64
CA GLY C 186 -21.92 -13.39 27.47
C GLY C 186 -22.75 -12.20 27.05
N VAL C 187 -23.05 -11.32 28.02
CA VAL C 187 -23.84 -10.14 27.77
C VAL C 187 -23.24 -9.22 26.70
N LEU C 188 -21.95 -9.37 26.44
CA LEU C 188 -21.28 -8.54 25.45
C LEU C 188 -21.49 -9.00 24.00
N GLU C 189 -22.06 -10.20 23.83
CA GLU C 189 -22.30 -10.76 22.51
C GLU C 189 -23.36 -10.02 21.67
N ASP C 190 -24.14 -9.16 22.31
CA ASP C 190 -25.15 -8.40 21.58
C ASP C 190 -24.53 -7.03 21.27
N PRO C 191 -24.14 -6.80 20.01
CA PRO C 191 -23.53 -5.54 19.55
C PRO C 191 -24.34 -4.28 19.82
N TRP C 192 -25.64 -4.42 20.03
CA TRP C 192 -26.47 -3.27 20.28
C TRP C 192 -26.56 -2.94 21.78
N ALA C 193 -26.08 -3.86 22.61
CA ALA C 193 -26.11 -3.67 24.07
C ALA C 193 -24.86 -3.04 24.68
N GLU C 194 -25.04 -1.94 25.40
CA GLU C 194 -23.94 -1.26 26.05
C GLU C 194 -23.32 -2.16 27.10
N PRO C 195 -22.00 -2.04 27.33
CA PRO C 195 -21.41 -2.93 28.35
C PRO C 195 -22.06 -2.62 29.70
N PRO C 196 -22.13 -3.61 30.60
CA PRO C 196 -22.74 -3.37 31.92
C PRO C 196 -21.91 -2.45 32.82
N LYS C 197 -22.61 -1.54 33.50
CA LYS C 197 -21.98 -0.60 34.43
C LYS C 197 -21.20 -1.40 35.47
N GLY C 198 -20.00 -0.95 35.78
CA GLY C 198 -19.18 -1.64 36.78
C GLY C 198 -18.32 -2.78 36.27
N MET C 199 -18.27 -2.98 34.95
CA MET C 199 -17.48 -4.06 34.37
C MET C 199 -15.99 -3.80 34.39
N PHE C 200 -15.58 -2.59 34.03
CA PHE C 200 -14.18 -2.23 33.98
C PHE C 200 -13.45 -2.33 35.31
N ARG C 201 -12.19 -2.73 35.24
CA ARG C 201 -11.41 -2.92 36.43
C ARG C 201 -10.13 -2.07 36.48
N MET C 202 -9.49 -1.90 35.33
CA MET C 202 -8.26 -1.14 35.26
C MET C 202 -8.56 0.36 35.21
N THR C 203 -9.69 0.73 34.66
CA THR C 203 -10.02 2.13 34.55
C THR C 203 -11.23 2.57 35.34
N GLN C 204 -11.05 3.70 36.02
CA GLN C 204 -12.09 4.32 36.80
C GLN C 204 -13.06 4.83 35.76
N ASP C 205 -14.33 4.92 36.14
CA ASP C 205 -15.36 5.40 35.25
C ASP C 205 -15.19 6.89 34.96
N PRO C 206 -15.34 7.30 33.69
CA PRO C 206 -15.19 8.72 33.34
C PRO C 206 -16.03 9.64 34.24
N GLU C 207 -17.26 9.22 34.52
CA GLU C 207 -18.16 10.01 35.36
C GLU C 207 -17.68 10.09 36.81
N GLU C 208 -16.78 9.19 37.21
CA GLU C 208 -16.23 9.22 38.56
C GLU C 208 -14.79 9.71 38.56
N ALA C 209 -14.29 10.15 37.41
CA ALA C 209 -12.90 10.61 37.33
C ALA C 209 -12.73 12.02 37.93
N PRO C 210 -11.50 12.36 38.36
CA PRO C 210 -11.24 13.67 38.95
C PRO C 210 -11.89 14.81 38.19
N ASP C 211 -12.25 15.87 38.92
CA ASP C 211 -12.87 17.03 38.30
C ASP C 211 -11.78 17.96 37.81
N ALA C 212 -10.58 17.79 38.35
CA ALA C 212 -9.46 18.61 37.94
C ALA C 212 -8.68 17.82 36.89
N PRO C 213 -8.34 18.46 35.77
CA PRO C 213 -7.57 17.71 34.76
C PRO C 213 -6.17 17.50 35.31
N GLU C 214 -5.47 16.48 34.80
CA GLU C 214 -4.12 16.19 35.25
C GLU C 214 -3.17 16.16 34.06
N TYR C 215 -2.03 16.84 34.18
CA TYR C 215 -1.06 16.84 33.09
C TYR C 215 0.01 15.81 33.35
N VAL C 216 0.50 15.22 32.27
CA VAL C 216 1.55 14.22 32.36
C VAL C 216 2.49 14.38 31.16
N GLU C 217 3.77 14.12 31.39
CA GLU C 217 4.77 14.21 30.34
C GLU C 217 5.45 12.86 30.21
N VAL C 218 5.64 12.43 28.96
CA VAL C 218 6.30 11.16 28.69
C VAL C 218 7.47 11.46 27.77
N GLU C 219 8.65 10.97 28.16
CA GLU C 219 9.85 11.17 27.36
C GLU C 219 10.15 9.92 26.55
N PHE C 220 10.47 10.12 25.29
CA PHE C 220 10.83 9.03 24.39
C PHE C 220 12.29 9.18 23.99
N PHE C 221 12.98 8.06 23.86
CA PHE C 221 14.36 8.10 23.43
C PHE C 221 14.50 7.01 22.36
N GLU C 222 14.80 7.44 21.15
CA GLU C 222 14.96 6.51 20.03
C GLU C 222 13.79 5.54 19.88
N GLY C 223 12.58 6.08 19.93
CA GLY C 223 11.38 5.28 19.73
C GLY C 223 10.69 4.62 20.92
N ASP C 224 11.34 4.57 22.08
CA ASP C 224 10.72 3.96 23.26
C ASP C 224 10.54 4.95 24.40
N PRO C 225 9.45 4.81 25.16
CA PRO C 225 9.20 5.72 26.29
C PRO C 225 10.19 5.35 27.39
N VAL C 226 10.88 6.35 27.95
CA VAL C 226 11.86 6.07 28.99
C VAL C 226 11.64 6.76 30.34
N ALA C 227 10.67 7.67 30.40
CA ALA C 227 10.40 8.39 31.65
C ALA C 227 9.00 8.98 31.67
N VAL C 228 8.46 9.15 32.87
CA VAL C 228 7.16 9.76 33.06
C VAL C 228 7.35 10.87 34.07
N ASN C 229 6.89 12.07 33.73
CA ASN C 229 7.03 13.22 34.60
C ASN C 229 8.44 13.40 35.14
N GLY C 230 9.42 13.18 34.28
CA GLY C 230 10.81 13.36 34.67
C GLY C 230 11.43 12.16 35.37
N GLU C 231 10.65 11.15 35.67
CA GLU C 231 11.19 9.97 36.35
C GLU C 231 11.50 8.84 35.38
N ARG C 232 12.77 8.45 35.31
CA ARG C 232 13.21 7.36 34.45
C ARG C 232 12.59 6.07 35.01
N LEU C 233 11.92 5.31 34.16
CA LEU C 233 11.29 4.07 34.58
C LEU C 233 11.55 2.95 33.58
N SER C 234 11.73 1.72 34.07
CA SER C 234 11.95 0.58 33.20
C SER C 234 10.69 0.37 32.39
N PRO C 235 10.78 -0.40 31.29
CA PRO C 235 9.60 -0.66 30.45
C PRO C 235 8.34 -1.06 31.22
N ALA C 236 8.42 -2.10 32.04
CA ALA C 236 7.26 -2.55 32.81
C ALA C 236 6.82 -1.54 33.87
N ALA C 237 7.78 -0.96 34.56
CA ALA C 237 7.43 0.03 35.58
C ALA C 237 6.77 1.23 34.90
N LEU C 238 7.26 1.59 33.72
CA LEU C 238 6.68 2.72 32.99
C LEU C 238 5.24 2.46 32.54
N LEU C 239 4.97 1.28 32.01
CA LEU C 239 3.62 0.95 31.56
C LEU C 239 2.70 0.96 32.79
N GLN C 240 3.20 0.41 33.89
CA GLN C 240 2.46 0.35 35.15
C GLN C 240 2.08 1.76 35.62
N ARG C 241 3.07 2.65 35.64
CA ARG C 241 2.83 4.03 36.05
C ARG C 241 1.77 4.70 35.19
N LEU C 242 1.89 4.58 33.87
CA LEU C 242 0.90 5.19 32.99
C LEU C 242 -0.47 4.56 33.14
N ASN C 243 -0.50 3.28 33.54
CA ASN C 243 -1.77 2.59 33.75
C ASN C 243 -2.43 3.26 34.97
N GLU C 244 -1.63 3.52 35.99
CA GLU C 244 -2.13 4.16 37.21
C GLU C 244 -2.66 5.56 36.91
N ILE C 245 -1.86 6.40 36.27
CA ILE C 245 -2.30 7.76 35.96
C ILE C 245 -3.50 7.76 35.01
N GLY C 246 -3.39 7.09 33.88
CA GLY C 246 -4.51 7.05 32.95
C GLY C 246 -5.73 6.37 33.53
N GLY C 247 -5.51 5.32 34.33
CA GLY C 247 -6.61 4.59 34.92
C GLY C 247 -7.50 5.44 35.81
N ARG C 248 -6.89 6.27 36.65
CA ARG C 248 -7.65 7.14 37.54
C ARG C 248 -8.57 8.05 36.75
N HIS C 249 -8.20 8.35 35.51
CA HIS C 249 -9.01 9.24 34.68
C HIS C 249 -9.95 8.55 33.68
N GLY C 250 -9.98 7.22 33.66
CA GLY C 250 -10.89 6.50 32.78
C GLY C 250 -10.51 6.46 31.30
N VAL C 251 -9.23 6.72 31.05
CA VAL C 251 -8.64 6.74 29.71
C VAL C 251 -8.46 5.36 29.04
N GLY C 252 -8.64 5.31 27.72
CA GLY C 252 -8.40 4.07 27.00
C GLY C 252 -9.48 2.99 26.87
N ARG C 253 -10.74 3.39 26.85
CA ARG C 253 -11.82 2.42 26.70
C ARG C 253 -12.21 2.34 25.23
N VAL C 254 -12.32 1.11 24.74
CA VAL C 254 -12.67 0.84 23.36
C VAL C 254 -13.77 -0.24 23.32
N ASP C 255 -14.73 -0.07 22.42
CA ASP C 255 -15.86 -0.99 22.26
C ASP C 255 -16.05 -1.24 20.76
N ILE C 256 -15.63 -2.41 20.28
CA ILE C 256 -15.72 -2.72 18.86
C ILE C 256 -16.19 -4.12 18.47
N VAL C 257 -16.67 -4.24 17.23
CA VAL C 257 -17.05 -5.52 16.68
C VAL C 257 -15.90 -5.71 15.69
N GLU C 258 -15.04 -6.68 15.99
CA GLU C 258 -13.87 -6.95 15.20
C GLU C 258 -13.98 -8.22 14.39
N ASN C 259 -13.08 -8.35 13.42
CA ASN C 259 -13.05 -9.52 12.55
C ASN C 259 -11.96 -10.47 13.01
N ARG C 260 -12.35 -11.66 13.45
CA ARG C 260 -11.36 -12.63 13.87
C ARG C 260 -10.71 -13.24 12.64
N PHE C 261 -9.51 -13.75 12.83
CA PHE C 261 -8.73 -14.38 11.78
C PHE C 261 -9.46 -15.64 11.31
N VAL C 262 -10.13 -16.32 12.22
CA VAL C 262 -10.83 -17.54 11.85
C VAL C 262 -12.14 -17.32 11.14
N GLY C 263 -12.43 -16.08 10.75
CA GLY C 263 -13.62 -15.82 9.97
C GLY C 263 -14.88 -15.15 10.47
N MET C 264 -15.12 -15.10 11.79
CA MET C 264 -16.37 -14.45 12.22
C MET C 264 -16.14 -13.16 12.99
N LYS C 265 -17.15 -12.32 13.04
CA LYS C 265 -17.06 -11.07 13.77
C LYS C 265 -17.39 -11.33 15.23
N SER C 266 -16.82 -10.54 16.13
CA SER C 266 -17.12 -10.68 17.55
C SER C 266 -16.96 -9.34 18.26
N ARG C 267 -17.81 -9.13 19.26
CA ARG C 267 -17.82 -7.89 20.03
C ARG C 267 -16.82 -7.93 21.19
N GLY C 268 -15.86 -7.03 21.14
CA GLY C 268 -14.86 -6.97 22.20
C GLY C 268 -14.81 -5.59 22.84
N VAL C 269 -14.51 -5.57 24.13
CA VAL C 269 -14.40 -4.32 24.89
C VAL C 269 -13.01 -4.36 25.51
N TYR C 270 -12.30 -3.25 25.43
CA TYR C 270 -10.94 -3.17 25.94
C TYR C 270 -10.61 -1.91 26.70
N GLU C 271 -9.75 -2.04 27.71
CA GLU C 271 -9.31 -0.88 28.46
C GLU C 271 -7.79 -0.93 28.46
N THR C 272 -7.20 0.10 27.85
CA THR C 272 -5.76 0.21 27.70
C THR C 272 -5.32 1.62 28.10
N PRO C 273 -5.45 1.97 29.39
CA PRO C 273 -5.06 3.31 29.87
C PRO C 273 -3.63 3.74 29.55
N GLY C 274 -2.65 3.00 30.06
CA GLY C 274 -1.27 3.35 29.81
C GLY C 274 -0.93 3.35 28.32
N GLY C 275 -1.33 2.28 27.63
CA GLY C 275 -1.06 2.16 26.21
C GLY C 275 -1.68 3.26 25.38
N THR C 276 -2.89 3.68 25.75
CA THR C 276 -3.56 4.74 25.04
C THR C 276 -2.79 6.05 25.22
N ILE C 277 -2.31 6.30 26.44
CA ILE C 277 -1.54 7.51 26.67
C ILE C 277 -0.28 7.45 25.82
N LEU C 278 0.34 6.28 25.78
CA LEU C 278 1.57 6.09 25.01
C LEU C 278 1.37 6.21 23.50
N TYR C 279 0.17 5.90 23.03
CA TYR C 279 -0.13 6.00 21.60
C TYR C 279 -0.10 7.46 21.17
N HIS C 280 -0.79 8.31 21.92
CA HIS C 280 -0.84 9.72 21.60
C HIS C 280 0.44 10.46 21.93
N ALA C 281 1.16 10.00 22.96
CA ALA C 281 2.41 10.63 23.32
C ALA C 281 3.42 10.43 22.19
N ARG C 282 3.50 9.19 21.69
CA ARG C 282 4.42 8.88 20.60
C ARG C 282 4.15 9.70 19.35
N ARG C 283 2.89 9.78 18.94
CA ARG C 283 2.54 10.54 17.76
C ARG C 283 2.87 12.02 17.96
N ALA C 284 2.80 12.49 19.20
CA ALA C 284 3.11 13.88 19.53
C ALA C 284 4.60 14.15 19.32
N VAL C 285 5.43 13.22 19.77
CA VAL C 285 6.86 13.38 19.58
C VAL C 285 7.19 13.16 18.10
N GLU C 286 6.46 12.26 17.45
CA GLU C 286 6.68 12.01 16.03
C GLU C 286 6.37 13.24 15.19
N SER C 287 5.40 14.02 15.63
CA SER C 287 5.00 15.21 14.89
C SER C 287 6.12 16.24 14.74
N LEU C 288 7.14 16.15 15.58
CA LEU C 288 8.24 17.09 15.49
C LEU C 288 9.48 16.41 14.95
N THR C 289 9.56 15.09 15.15
CA THR C 289 10.75 14.35 14.77
C THR C 289 10.74 13.50 13.50
N LEU C 290 9.58 13.21 12.94
CA LEU C 290 9.54 12.39 11.73
C LEU C 290 9.27 13.24 10.50
N ASP C 291 9.91 12.88 9.40
CA ASP C 291 9.74 13.57 8.15
C ASP C 291 8.34 13.28 7.59
N ARG C 292 7.78 14.24 6.88
CA ARG C 292 6.44 14.11 6.30
C ARG C 292 6.24 12.83 5.48
N GLU C 293 7.08 12.62 4.48
CA GLU C 293 6.93 11.45 3.63
C GLU C 293 7.20 10.12 4.36
N VAL C 294 8.13 10.14 5.31
CA VAL C 294 8.42 8.95 6.10
C VAL C 294 7.17 8.61 6.90
N LEU C 295 6.56 9.63 7.49
CA LEU C 295 5.35 9.43 8.29
C LEU C 295 4.17 8.89 7.48
N HIS C 296 3.88 9.50 6.33
CA HIS C 296 2.78 9.04 5.52
C HIS C 296 2.96 7.59 5.07
N GLN C 297 4.20 7.22 4.76
CA GLN C 297 4.47 5.84 4.35
C GLN C 297 4.27 4.91 5.54
N ARG C 298 4.83 5.29 6.67
CA ARG C 298 4.74 4.50 7.90
C ARG C 298 3.29 4.20 8.28
N ASP C 299 2.43 5.22 8.23
CA ASP C 299 1.02 5.03 8.59
C ASP C 299 0.26 4.12 7.66
N MET C 300 0.69 4.01 6.41
CA MET C 300 0.00 3.14 5.48
C MET C 300 0.41 1.67 5.66
N LEU C 301 1.46 1.46 6.45
CA LEU C 301 1.94 0.11 6.72
C LEU C 301 1.55 -0.40 8.11
N SER C 302 1.30 0.53 9.03
CA SER C 302 0.91 0.17 10.39
C SER C 302 -0.24 -0.85 10.42
N PRO C 303 -1.32 -0.60 9.65
CA PRO C 303 -2.46 -1.53 9.64
C PRO C 303 -2.08 -2.97 9.24
N LYS C 304 -1.11 -3.11 8.34
CA LYS C 304 -0.69 -4.43 7.93
C LYS C 304 0.04 -5.11 9.08
N TYR C 305 0.92 -4.36 9.74
CA TYR C 305 1.66 -4.88 10.88
C TYR C 305 0.66 -5.26 11.97
N ALA C 306 -0.40 -4.45 12.09
CA ALA C 306 -1.43 -4.72 13.10
C ALA C 306 -2.11 -6.08 12.87
N GLU C 307 -2.56 -6.35 11.65
CA GLU C 307 -3.20 -7.64 11.41
C GLU C 307 -2.22 -8.78 11.60
N LEU C 308 -0.94 -8.54 11.32
CA LEU C 308 0.06 -9.59 11.50
C LEU C 308 0.08 -9.98 12.97
N VAL C 309 0.12 -8.97 13.84
CA VAL C 309 0.13 -9.23 15.29
C VAL C 309 -1.17 -9.94 15.71
N TYR C 310 -2.29 -9.39 15.26
CA TYR C 310 -3.62 -9.92 15.57
C TYR C 310 -3.80 -11.40 15.17
N TYR C 311 -3.37 -11.73 13.96
CA TYR C 311 -3.48 -13.09 13.44
C TYR C 311 -2.51 -14.06 14.10
N GLY C 312 -1.42 -13.55 14.66
CA GLY C 312 -0.46 -14.40 15.32
C GLY C 312 0.88 -14.59 14.62
N PHE C 313 1.14 -13.79 13.60
CA PHE C 313 2.41 -13.91 12.89
C PHE C 313 3.45 -12.97 13.51
N TRP C 314 3.83 -13.25 14.76
CA TRP C 314 4.84 -12.44 15.44
C TRP C 314 6.20 -12.94 15.02
N TYR C 315 6.48 -14.23 15.25
CA TYR C 315 7.76 -14.78 14.83
C TYR C 315 7.57 -15.30 13.41
N ALA C 316 7.34 -14.37 12.50
CA ALA C 316 7.14 -14.69 11.09
C ALA C 316 8.03 -13.71 10.34
N PRO C 317 8.60 -14.14 9.20
CA PRO C 317 9.47 -13.25 8.44
C PRO C 317 8.87 -11.93 7.97
N GLU C 318 7.61 -11.92 7.58
CA GLU C 318 7.02 -10.68 7.12
C GLU C 318 6.92 -9.65 8.25
N ARG C 319 6.65 -10.10 9.46
CA ARG C 319 6.56 -9.16 10.58
C ARG C 319 7.96 -8.64 10.93
N GLU C 320 8.94 -9.52 10.98
CA GLU C 320 10.31 -9.11 11.30
C GLU C 320 10.85 -8.15 10.24
N ALA C 321 10.42 -8.32 8.99
CA ALA C 321 10.87 -7.44 7.92
C ALA C 321 10.28 -6.04 8.12
N LEU C 322 8.97 -5.99 8.37
CA LEU C 322 8.33 -4.70 8.61
C LEU C 322 8.92 -4.03 9.84
N GLN C 323 9.32 -4.85 10.82
CA GLN C 323 9.90 -4.34 12.06
C GLN C 323 11.19 -3.58 11.77
N ALA C 324 11.94 -4.02 10.75
CA ALA C 324 13.18 -3.36 10.37
C ALA C 324 12.87 -1.94 9.88
N TYR C 325 11.74 -1.79 9.20
CA TYR C 325 11.31 -0.48 8.69
C TYR C 325 10.89 0.38 9.88
N PHE C 326 9.94 -0.12 10.65
CA PHE C 326 9.44 0.63 11.80
C PHE C 326 10.52 1.01 12.81
N ASP C 327 11.47 0.10 13.06
CA ASP C 327 12.56 0.38 14.00
C ASP C 327 13.48 1.47 13.46
N HIS C 328 13.71 1.45 12.15
CA HIS C 328 14.55 2.45 11.51
C HIS C 328 13.90 3.82 11.71
N VAL C 329 12.62 3.90 11.38
CA VAL C 329 11.87 5.16 11.50
C VAL C 329 11.78 5.63 12.95
N ALA C 330 11.46 4.70 13.86
CA ALA C 330 11.30 5.05 15.28
C ALA C 330 12.58 5.56 15.95
N ARG C 331 13.72 5.23 15.38
CA ARG C 331 15.00 5.64 15.97
C ARG C 331 15.10 7.16 16.14
N SER C 332 14.36 7.91 15.32
CA SER C 332 14.36 9.37 15.35
C SER C 332 13.41 9.94 16.40
N VAL C 333 12.51 9.11 16.91
CA VAL C 333 11.54 9.58 17.88
C VAL C 333 12.12 9.77 19.29
N THR C 334 12.65 10.97 19.50
CA THR C 334 13.26 11.36 20.76
C THR C 334 12.75 12.75 21.12
N GLY C 335 12.11 12.84 22.28
CA GLY C 335 11.55 14.10 22.72
C GLY C 335 10.55 13.88 23.86
N VAL C 336 9.74 14.89 24.13
CA VAL C 336 8.76 14.80 25.21
C VAL C 336 7.37 15.25 24.80
N ALA C 337 6.38 14.46 25.20
CA ALA C 337 4.99 14.80 24.90
C ALA C 337 4.35 15.23 26.23
N ARG C 338 3.52 16.27 26.18
CA ARG C 338 2.81 16.74 27.37
C ARG C 338 1.33 16.55 27.06
N LEU C 339 0.67 15.74 27.88
CA LEU C 339 -0.74 15.45 27.68
C LEU C 339 -1.59 15.87 28.86
N LYS C 340 -2.86 16.16 28.58
CA LYS C 340 -3.80 16.57 29.60
C LYS C 340 -4.89 15.50 29.68
N LEU C 341 -5.01 14.89 30.85
CA LEU C 341 -5.98 13.83 31.06
C LEU C 341 -7.21 14.41 31.74
N TYR C 342 -8.38 14.06 31.23
CA TYR C 342 -9.60 14.57 31.80
C TYR C 342 -10.83 13.75 31.41
N LYS C 343 -11.50 13.24 32.44
CA LYS C 343 -12.71 12.46 32.28
C LYS C 343 -12.80 11.57 31.04
N GLY C 344 -11.89 10.61 30.97
CA GLY C 344 -11.87 9.65 29.88
C GLY C 344 -11.10 10.00 28.62
N ASN C 345 -10.69 11.26 28.49
CA ASN C 345 -9.96 11.73 27.31
C ASN C 345 -8.48 11.95 27.56
N VAL C 346 -7.72 11.91 26.48
CA VAL C 346 -6.29 12.16 26.52
C VAL C 346 -6.08 13.29 25.53
N TYR C 347 -5.64 14.45 26.00
CA TYR C 347 -5.42 15.55 25.08
C TYR C 347 -3.95 15.91 24.95
N VAL C 348 -3.43 15.90 23.74
CA VAL C 348 -2.05 16.30 23.57
C VAL C 348 -2.12 17.83 23.69
N VAL C 349 -1.29 18.42 24.54
CA VAL C 349 -1.29 19.87 24.70
C VAL C 349 0.06 20.50 24.41
N GLY C 350 1.08 19.67 24.31
CA GLY C 350 2.42 20.16 24.03
C GLY C 350 3.38 19.06 23.64
N ARG C 351 4.49 19.46 23.04
CA ARG C 351 5.51 18.51 22.63
C ARG C 351 6.80 19.25 22.29
N LYS C 352 7.92 18.60 22.53
CA LYS C 352 9.21 19.19 22.24
C LYS C 352 10.21 18.09 21.97
N ALA C 353 11.28 18.43 21.27
CA ALA C 353 12.30 17.45 20.94
C ALA C 353 13.61 18.18 20.72
N PRO C 354 14.72 17.56 21.14
CA PRO C 354 16.03 18.19 20.97
C PRO C 354 16.40 18.35 19.49
N LYS C 355 15.89 17.48 18.63
CA LYS C 355 16.15 17.57 17.21
C LYS C 355 14.85 17.81 16.43
N SER C 356 14.01 18.71 16.94
CA SER C 356 12.74 19.01 16.29
C SER C 356 12.94 19.57 14.88
N LEU C 357 12.05 19.16 13.97
CA LEU C 357 12.10 19.61 12.58
C LEU C 357 11.20 20.83 12.39
N TYR C 358 10.50 21.23 13.44
CA TYR C 358 9.64 22.39 13.36
C TYR C 358 10.49 23.65 13.44
N ARG C 359 10.15 24.66 12.65
CA ARG C 359 10.86 25.93 12.67
C ARG C 359 9.82 27.03 12.63
N GLN C 360 9.64 27.73 13.74
CA GLN C 360 8.65 28.79 13.80
C GLN C 360 8.84 29.83 12.69
N ASP C 361 10.09 30.10 12.36
CA ASP C 361 10.45 31.08 11.34
C ASP C 361 9.94 30.71 9.94
N LEU C 362 9.59 29.45 9.72
CA LEU C 362 9.07 29.06 8.41
C LEU C 362 7.57 29.32 8.32
N VAL C 363 6.93 29.60 9.44
CA VAL C 363 5.50 29.85 9.43
C VAL C 363 5.08 31.26 9.89
N SER C 364 5.92 31.93 10.67
CA SER C 364 5.55 33.25 11.15
C SER C 364 5.59 34.35 10.09
N PHE C 365 4.85 35.43 10.36
CA PHE C 365 4.81 36.57 9.45
C PHE C 365 5.55 37.74 10.08
N GLY C 370 14.11 30.74 4.83
CA GLY C 370 14.44 29.59 3.91
C GLY C 370 13.28 29.44 2.96
N TYR C 371 12.26 30.25 3.23
CA TYR C 371 11.03 30.22 2.44
C TYR C 371 10.76 31.50 1.63
N ASP C 372 10.72 31.37 0.29
CA ASP C 372 10.44 32.52 -0.56
C ASP C 372 9.04 32.36 -1.19
N GLN C 373 8.13 33.24 -0.78
CA GLN C 373 6.73 33.25 -1.25
C GLN C 373 6.57 32.94 -2.75
N LYS C 374 7.40 33.51 -3.62
CA LYS C 374 7.20 33.22 -5.04
C LYS C 374 7.61 31.84 -5.54
N ASP C 375 8.32 31.07 -4.72
CA ASP C 375 8.66 29.71 -5.14
C ASP C 375 7.35 28.92 -5.19
N ALA C 376 6.39 29.34 -4.36
CA ALA C 376 5.10 28.66 -4.30
C ALA C 376 4.35 28.69 -5.63
N GLU C 377 4.45 29.78 -6.36
CA GLU C 377 3.76 29.87 -7.65
C GLU C 377 4.31 28.81 -8.62
N GLY C 378 5.63 28.66 -8.63
CA GLY C 378 6.25 27.68 -9.51
C GLY C 378 5.86 26.27 -9.12
N PHE C 379 5.87 26.01 -7.82
CA PHE C 379 5.50 24.70 -7.28
C PHE C 379 4.09 24.36 -7.76
N ILE C 380 3.17 25.31 -7.57
CA ILE C 380 1.78 25.15 -7.96
C ILE C 380 1.60 24.93 -9.47
N LYS C 381 2.27 25.73 -10.29
CA LYS C 381 2.14 25.59 -11.74
C LYS C 381 2.58 24.19 -12.19
N ILE C 382 3.71 23.73 -11.67
CA ILE C 382 4.22 22.42 -12.03
C ILE C 382 3.29 21.31 -11.53
N GLN C 383 2.83 21.44 -10.28
CA GLN C 383 1.92 20.44 -9.74
C GLN C 383 0.65 20.40 -10.58
N ALA C 384 0.27 21.57 -11.10
CA ALA C 384 -0.94 21.68 -11.90
C ALA C 384 -0.86 21.24 -13.35
N LEU C 385 0.36 21.19 -13.91
CA LEU C 385 0.50 20.82 -15.31
C LEU C 385 -0.31 19.62 -15.80
N ARG C 386 -0.13 18.44 -15.19
CA ARG C 386 -0.86 17.26 -15.66
C ARG C 386 -2.39 17.44 -15.60
N LEU C 387 -2.88 18.21 -14.63
CA LEU C 387 -4.32 18.44 -14.50
C LEU C 387 -4.80 19.35 -15.64
N ARG C 388 -3.96 20.32 -15.99
CA ARG C 388 -4.30 21.24 -17.05
C ARG C 388 -4.29 20.52 -18.39
N VAL C 389 -3.32 19.64 -18.61
CA VAL C 389 -3.26 18.88 -19.85
C VAL C 389 -4.52 18.01 -19.95
N ARG C 390 -4.90 17.42 -18.83
CA ARG C 390 -6.08 16.55 -18.77
C ARG C 390 -7.34 17.32 -19.16
N ALA C 391 -7.53 18.49 -18.56
CA ALA C 391 -8.70 19.34 -18.83
C ALA C 391 -8.74 19.72 -20.31
N LEU C 392 -7.61 20.18 -20.84
CA LEU C 392 -7.56 20.58 -22.23
C LEU C 392 -7.92 19.41 -23.14
N VAL C 393 -7.37 18.24 -22.88
CA VAL C 393 -7.69 17.09 -23.72
C VAL C 393 -9.20 16.82 -23.70
N GLU C 394 -9.84 16.97 -22.54
CA GLU C 394 -11.29 16.76 -22.52
C GLU C 394 -11.92 17.92 -23.28
N ARG C 395 -11.07 18.82 -23.76
CA ARG C 395 -11.45 20.00 -24.53
C ARG C 395 -12.34 20.95 -23.76
N MET D 1 -10.95 44.51 -17.75
CA MET D 1 -10.58 43.24 -17.07
C MET D 1 -11.46 43.00 -15.86
N LYS D 2 -11.96 41.79 -15.70
CA LYS D 2 -12.78 41.47 -14.54
C LYS D 2 -12.05 40.45 -13.70
N ILE D 3 -12.25 40.50 -12.40
CA ILE D 3 -11.61 39.58 -11.48
C ILE D 3 -12.63 39.12 -10.43
N VAL D 4 -12.81 37.81 -10.30
CA VAL D 4 -13.74 37.28 -9.30
C VAL D 4 -12.93 36.90 -8.07
N LEU D 5 -13.24 37.54 -6.95
CA LEU D 5 -12.52 37.32 -5.70
C LEU D 5 -13.30 36.51 -4.66
N ALA D 6 -12.59 35.59 -4.02
CA ALA D 6 -13.18 34.77 -2.95
C ALA D 6 -13.16 35.75 -1.77
N TYR D 7 -14.30 36.36 -1.53
CA TYR D 7 -14.46 37.38 -0.49
C TYR D 7 -15.19 36.90 0.76
N SER D 8 -14.51 36.90 1.90
CA SER D 8 -15.10 36.46 3.15
C SER D 8 -15.69 37.61 3.95
N GLY D 9 -15.36 38.84 3.56
CA GLY D 9 -15.87 39.99 4.29
C GLY D 9 -14.96 40.43 5.42
N GLY D 10 -13.82 39.78 5.56
CA GLY D 10 -12.89 40.12 6.62
C GLY D 10 -12.00 41.29 6.23
N LEU D 11 -11.14 41.71 7.15
CA LEU D 11 -10.23 42.84 6.91
C LEU D 11 -9.31 42.55 5.72
N ASP D 12 -8.78 41.33 5.67
CA ASP D 12 -7.86 40.97 4.60
C ASP D 12 -8.43 40.90 3.20
N THR D 13 -9.56 40.22 3.03
CA THR D 13 -10.13 40.14 1.70
C THR D 13 -10.70 41.50 1.33
N SER D 14 -10.93 42.34 2.33
CA SER D 14 -11.42 43.70 2.11
C SER D 14 -10.25 44.49 1.54
N ILE D 15 -9.11 44.39 2.21
CA ILE D 15 -7.89 45.05 1.76
C ILE D 15 -7.58 44.58 0.34
N ILE D 16 -7.75 43.27 0.12
CA ILE D 16 -7.49 42.67 -1.19
C ILE D 16 -8.44 43.20 -2.26
N LEU D 17 -9.68 43.45 -1.88
CA LEU D 17 -10.63 43.94 -2.87
C LEU D 17 -10.12 45.28 -3.42
N LYS D 18 -9.67 46.17 -2.54
CA LYS D 18 -9.14 47.49 -2.92
C LYS D 18 -7.84 47.34 -3.70
N TRP D 19 -6.96 46.49 -3.19
CA TRP D 19 -5.66 46.25 -3.81
C TRP D 19 -5.80 45.80 -5.27
N LEU D 20 -6.72 44.88 -5.53
CA LEU D 20 -6.94 44.40 -6.88
C LEU D 20 -7.35 45.52 -7.83
N LYS D 21 -8.30 46.34 -7.38
CA LYS D 21 -8.80 47.44 -8.17
C LYS D 21 -7.66 48.40 -8.53
N GLU D 22 -6.88 48.78 -7.53
CA GLU D 22 -5.76 49.70 -7.74
C GLU D 22 -4.67 49.08 -8.58
N THR D 23 -4.32 47.84 -8.25
CA THR D 23 -3.25 47.14 -8.95
C THR D 23 -3.56 46.78 -10.39
N TYR D 24 -4.76 46.25 -10.62
CA TYR D 24 -5.17 45.85 -11.95
C TYR D 24 -6.17 46.76 -12.65
N ARG D 25 -6.78 47.67 -11.92
CA ARG D 25 -7.77 48.56 -12.49
C ARG D 25 -8.83 47.71 -13.19
N ALA D 26 -9.21 46.61 -12.56
CA ALA D 26 -10.22 45.73 -13.13
C ALA D 26 -11.48 45.81 -12.27
N GLU D 27 -12.60 45.37 -12.82
CA GLU D 27 -13.86 45.37 -12.06
C GLU D 27 -13.77 44.08 -11.25
N VAL D 28 -14.09 44.16 -9.97
CA VAL D 28 -14.02 42.98 -9.11
C VAL D 28 -15.39 42.46 -8.70
N ILE D 29 -15.62 41.17 -8.95
CA ILE D 29 -16.88 40.56 -8.54
C ILE D 29 -16.53 39.82 -7.27
N ALA D 30 -17.16 40.23 -6.17
CA ALA D 30 -16.92 39.61 -4.88
C ALA D 30 -17.85 38.41 -4.77
N PHE D 31 -17.33 37.29 -4.28
CA PHE D 31 -18.12 36.09 -4.09
C PHE D 31 -17.96 35.66 -2.65
N THR D 32 -19.08 35.51 -1.96
CA THR D 32 -19.06 35.07 -0.58
C THR D 32 -19.93 33.84 -0.52
N ALA D 33 -19.39 32.77 0.04
CA ALA D 33 -20.14 31.53 0.15
C ALA D 33 -20.49 31.24 1.60
N ASP D 34 -21.73 30.85 1.83
CA ASP D 34 -22.13 30.49 3.17
C ASP D 34 -21.91 28.99 3.25
N ILE D 35 -20.89 28.58 4.01
CA ILE D 35 -20.59 27.17 4.17
C ILE D 35 -20.58 26.88 5.67
N GLY D 36 -21.33 27.70 6.41
CA GLY D 36 -21.43 27.51 7.84
C GLY D 36 -20.48 28.27 8.74
N GLN D 37 -19.89 29.36 8.27
CA GLN D 37 -18.97 30.13 9.12
C GLN D 37 -19.74 30.80 10.24
N GLY D 38 -21.06 30.76 10.16
CA GLY D 38 -21.87 31.40 11.19
C GLY D 38 -21.80 32.90 11.06
N GLU D 39 -21.83 33.37 9.82
CA GLU D 39 -21.76 34.81 9.52
C GLU D 39 -22.90 35.12 8.57
N GLU D 40 -23.42 36.34 8.60
CA GLU D 40 -24.46 36.66 7.64
C GLU D 40 -23.71 37.08 6.40
N VAL D 41 -23.82 36.26 5.35
CA VAL D 41 -23.11 36.54 4.13
C VAL D 41 -23.67 37.73 3.37
N GLU D 42 -24.90 38.14 3.67
CA GLU D 42 -25.44 39.30 2.99
C GLU D 42 -24.75 40.51 3.60
N GLU D 43 -24.27 40.38 4.83
CA GLU D 43 -23.56 41.50 5.42
C GLU D 43 -22.27 41.66 4.63
N ALA D 44 -21.60 40.54 4.33
CA ALA D 44 -20.36 40.62 3.56
C ALA D 44 -20.64 41.07 2.13
N ARG D 45 -21.75 40.63 1.55
CA ARG D 45 -22.05 41.02 0.17
C ARG D 45 -22.24 42.54 0.07
N GLU D 46 -22.89 43.14 1.06
CA GLU D 46 -23.10 44.58 1.03
C GLU D 46 -21.78 45.32 1.29
N LYS D 47 -20.98 44.81 2.23
CA LYS D 47 -19.72 45.45 2.54
C LYS D 47 -18.79 45.39 1.33
N ALA D 48 -18.92 44.34 0.53
CA ALA D 48 -18.10 44.19 -0.66
C ALA D 48 -18.48 45.31 -1.63
N LEU D 49 -19.76 45.65 -1.69
CA LEU D 49 -20.23 46.70 -2.57
C LEU D 49 -19.74 48.06 -2.09
N ARG D 50 -19.62 48.21 -0.77
CA ARG D 50 -19.14 49.45 -0.17
C ARG D 50 -17.64 49.60 -0.41
N THR D 51 -16.95 48.47 -0.42
CA THR D 51 -15.51 48.47 -0.59
C THR D 51 -15.09 48.70 -2.04
N GLY D 52 -16.04 48.60 -2.97
CA GLY D 52 -15.70 48.85 -4.36
C GLY D 52 -16.01 47.77 -5.37
N ALA D 53 -16.58 46.66 -4.93
CA ALA D 53 -16.91 45.57 -5.85
C ALA D 53 -17.91 46.07 -6.89
N SER D 54 -17.74 45.69 -8.16
CA SER D 54 -18.68 46.13 -9.19
C SER D 54 -19.89 45.20 -9.17
N LYS D 55 -19.75 44.07 -8.46
CA LYS D 55 -20.81 43.08 -8.32
C LYS D 55 -20.46 42.20 -7.13
N ALA D 56 -21.43 41.93 -6.27
CA ALA D 56 -21.20 41.08 -5.11
C ALA D 56 -22.25 39.97 -5.12
N ILE D 57 -21.78 38.74 -5.08
CA ILE D 57 -22.65 37.57 -5.10
C ILE D 57 -22.49 36.81 -3.80
N ALA D 58 -23.60 36.28 -3.29
CA ALA D 58 -23.58 35.51 -2.06
C ALA D 58 -24.51 34.33 -2.25
N LEU D 59 -23.98 33.12 -2.06
CA LEU D 59 -24.77 31.90 -2.22
C LEU D 59 -24.73 31.04 -0.96
N ASP D 60 -25.83 30.36 -0.68
CA ASP D 60 -25.90 29.46 0.45
C ASP D 60 -25.44 28.12 -0.12
N LEU D 61 -24.22 27.71 0.21
CA LEU D 61 -23.69 26.45 -0.31
C LEU D 61 -23.56 25.37 0.73
N LYS D 62 -24.26 25.53 1.86
CA LYS D 62 -24.17 24.55 2.92
C LYS D 62 -24.50 23.12 2.51
N GLU D 63 -25.62 22.94 1.81
CA GLU D 63 -26.02 21.62 1.37
C GLU D 63 -25.04 21.03 0.35
N GLU D 64 -24.60 21.85 -0.62
CA GLU D 64 -23.65 21.35 -1.63
C GLU D 64 -22.34 20.96 -0.93
N PHE D 65 -21.91 21.79 0.02
CA PHE D 65 -20.68 21.53 0.76
C PHE D 65 -20.70 20.15 1.42
N VAL D 66 -21.71 19.89 2.24
CA VAL D 66 -21.80 18.61 2.93
C VAL D 66 -22.08 17.46 1.96
N ARG D 67 -23.07 17.63 1.10
CA ARG D 67 -23.45 16.59 0.15
C ARG D 67 -22.40 16.15 -0.87
N ASP D 68 -21.80 17.12 -1.56
CA ASP D 68 -20.83 16.82 -2.61
C ASP D 68 -19.35 16.85 -2.23
N PHE D 69 -19.03 17.25 -1.01
CA PHE D 69 -17.63 17.31 -0.59
C PHE D 69 -17.36 16.63 0.74
N VAL D 70 -18.07 17.04 1.79
CA VAL D 70 -17.85 16.44 3.08
C VAL D 70 -18.25 14.96 3.09
N PHE D 71 -19.41 14.62 2.54
CA PHE D 71 -19.86 13.23 2.54
C PHE D 71 -18.97 12.26 1.73
N PRO D 72 -18.59 12.64 0.50
CA PRO D 72 -17.73 11.73 -0.29
C PRO D 72 -16.40 11.48 0.45
N MET D 73 -15.88 12.52 1.10
CA MET D 73 -14.64 12.45 1.86
C MET D 73 -14.79 11.55 3.08
N MET D 74 -15.91 11.70 3.79
CA MET D 74 -16.16 10.88 4.96
C MET D 74 -16.30 9.41 4.61
N ARG D 75 -16.89 9.13 3.46
CA ARG D 75 -17.07 7.73 3.02
C ARG D 75 -15.73 7.01 2.95
N ALA D 76 -14.69 7.77 2.68
CA ALA D 76 -13.34 7.23 2.56
C ALA D 76 -12.62 7.09 3.89
N GLY D 77 -13.25 7.54 4.97
CA GLY D 77 -12.60 7.48 6.26
C GLY D 77 -11.33 8.31 6.27
N ALA D 78 -11.38 9.44 5.57
CA ALA D 78 -10.21 10.31 5.45
C ALA D 78 -9.76 11.02 6.74
N VAL D 79 -8.52 10.76 7.12
CA VAL D 79 -7.91 11.40 8.29
C VAL D 79 -6.45 11.69 7.97
N TYR D 80 -6.07 12.96 8.03
CA TYR D 80 -4.69 13.34 7.74
C TYR D 80 -3.82 13.26 8.98
N GLU D 81 -2.68 12.59 8.81
CA GLU D 81 -1.68 12.40 9.86
C GLU D 81 -2.22 12.05 11.24
N GLY D 82 -3.08 11.04 11.28
CA GLY D 82 -3.63 10.57 12.53
C GLY D 82 -4.83 11.27 13.16
N TYR D 83 -4.93 12.59 13.01
CA TYR D 83 -6.04 13.29 13.64
C TYR D 83 -6.83 14.34 12.85
N TYR D 84 -6.23 14.94 11.83
CA TYR D 84 -6.94 15.98 11.11
C TYR D 84 -8.07 15.51 10.19
N LEU D 85 -9.29 15.92 10.52
CA LEU D 85 -10.48 15.55 9.76
C LEU D 85 -10.72 16.39 8.51
N LEU D 86 -9.72 17.18 8.16
CA LEU D 86 -9.76 17.99 6.93
C LEU D 86 -10.85 19.05 6.77
N GLY D 87 -11.30 19.65 7.87
CA GLY D 87 -12.33 20.65 7.81
C GLY D 87 -12.14 21.79 6.82
N THR D 88 -10.95 22.37 6.79
CA THR D 88 -10.69 23.46 5.86
C THR D 88 -10.41 22.93 4.46
N SER D 89 -9.62 21.86 4.39
CA SER D 89 -9.24 21.24 3.12
C SER D 89 -10.36 20.92 2.11
N ILE D 90 -11.44 20.26 2.54
CA ILE D 90 -12.52 19.94 1.59
C ILE D 90 -13.38 21.12 1.23
N ALA D 91 -13.21 22.24 1.91
CA ALA D 91 -14.03 23.42 1.61
C ALA D 91 -13.49 24.21 0.42
N ARG D 92 -12.19 24.41 0.36
CA ARG D 92 -11.57 25.17 -0.72
C ARG D 92 -11.98 24.77 -2.13
N PRO D 93 -12.00 23.47 -2.45
CA PRO D 93 -12.40 23.02 -3.79
C PRO D 93 -13.77 23.57 -4.19
N LEU D 94 -14.71 23.53 -3.25
CA LEU D 94 -16.08 24.00 -3.45
C LEU D 94 -16.04 25.47 -3.86
N ILE D 95 -15.35 26.27 -3.06
CA ILE D 95 -15.24 27.70 -3.31
C ILE D 95 -14.60 27.96 -4.67
N ALA D 96 -13.44 27.38 -4.91
CA ALA D 96 -12.76 27.57 -6.19
C ALA D 96 -13.67 27.20 -7.36
N LYS D 97 -14.46 26.14 -7.20
CA LYS D 97 -15.38 25.70 -8.24
C LYS D 97 -16.37 26.79 -8.59
N HIS D 98 -16.84 27.51 -7.58
CA HIS D 98 -17.80 28.58 -7.84
C HIS D 98 -17.10 29.81 -8.43
N LEU D 99 -15.88 30.08 -7.99
CA LEU D 99 -15.11 31.21 -8.51
C LEU D 99 -14.92 31.07 -10.02
N VAL D 100 -14.68 29.84 -10.45
CA VAL D 100 -14.47 29.56 -11.85
C VAL D 100 -15.77 29.59 -12.64
N ARG D 101 -16.87 29.16 -12.02
CA ARG D 101 -18.17 29.17 -12.68
C ARG D 101 -18.58 30.62 -12.89
N ILE D 102 -18.46 31.42 -11.84
CA ILE D 102 -18.80 32.83 -11.89
C ILE D 102 -17.97 33.58 -12.92
N ALA D 103 -16.67 33.28 -12.97
CA ALA D 103 -15.79 33.95 -13.93
C ALA D 103 -16.27 33.65 -15.34
N GLU D 104 -16.69 32.40 -15.56
CA GLU D 104 -17.17 31.98 -16.88
C GLU D 104 -18.46 32.74 -17.17
N GLU D 105 -19.32 32.84 -16.16
CA GLU D 105 -20.59 33.53 -16.32
C GLU D 105 -20.44 35.04 -16.55
N GLU D 106 -19.51 35.66 -15.84
CA GLU D 106 -19.28 37.10 -15.93
C GLU D 106 -18.27 37.55 -16.98
N GLY D 107 -17.61 36.61 -17.64
CA GLY D 107 -16.62 36.99 -18.64
C GLY D 107 -15.37 37.56 -17.98
N ALA D 108 -15.01 36.99 -16.82
CA ALA D 108 -13.84 37.42 -16.09
C ALA D 108 -12.70 36.47 -16.42
N GLU D 109 -11.59 37.02 -16.85
CA GLU D 109 -10.45 36.18 -17.21
C GLU D 109 -9.66 35.72 -15.98
N ALA D 110 -9.94 36.30 -14.82
CA ALA D 110 -9.19 35.94 -13.62
C ALA D 110 -9.98 35.77 -12.33
N ILE D 111 -9.41 35.00 -11.41
CA ILE D 111 -9.99 34.78 -10.10
C ILE D 111 -8.90 35.13 -9.09
N ALA D 112 -9.32 35.42 -7.87
CA ALA D 112 -8.37 35.77 -6.82
C ALA D 112 -8.83 35.23 -5.48
N HIS D 113 -7.88 34.99 -4.59
CA HIS D 113 -8.17 34.48 -3.26
C HIS D 113 -7.19 35.11 -2.27
N GLY D 114 -7.55 35.08 -0.99
CA GLY D 114 -6.68 35.68 0.01
C GLY D 114 -5.89 34.70 0.87
N ALA D 115 -5.50 33.56 0.31
CA ALA D 115 -4.71 32.60 1.07
C ALA D 115 -3.27 33.09 0.99
N THR D 116 -2.46 32.87 2.03
CA THR D 116 -1.08 33.33 2.01
C THR D 116 -0.12 32.44 1.22
N GLY D 117 1.08 32.96 0.99
CA GLY D 117 2.07 32.20 0.23
C GLY D 117 2.82 31.15 1.03
N LYS D 118 2.53 31.04 2.32
CA LYS D 118 3.18 30.07 3.18
C LYS D 118 2.32 28.84 3.44
N GLY D 119 1.11 28.82 2.90
CA GLY D 119 0.27 27.68 3.18
C GLY D 119 -0.26 26.70 2.16
N ASN D 120 -1.25 25.91 2.59
CA ASN D 120 -1.89 24.89 1.76
C ASN D 120 -3.03 25.43 0.92
N ASP D 121 -3.83 26.33 1.49
CA ASP D 121 -4.98 26.90 0.77
C ASP D 121 -4.67 27.44 -0.61
N GLN D 122 -3.53 28.09 -0.75
CA GLN D 122 -3.15 28.64 -2.05
C GLN D 122 -3.10 27.51 -3.06
N VAL D 123 -2.53 26.38 -2.66
CA VAL D 123 -2.43 25.25 -3.57
C VAL D 123 -3.82 24.69 -3.88
N ARG D 124 -4.67 24.57 -2.87
CA ARG D 124 -6.03 24.05 -3.04
C ARG D 124 -6.87 24.89 -4.00
N PHE D 125 -6.85 26.21 -3.86
CA PHE D 125 -7.63 27.08 -4.74
C PHE D 125 -7.11 26.98 -6.17
N GLU D 126 -5.79 27.04 -6.32
CA GLU D 126 -5.20 27.01 -7.65
C GLU D 126 -5.23 25.68 -8.37
N LEU D 127 -4.97 24.58 -7.67
CA LEU D 127 -5.04 23.29 -8.36
C LEU D 127 -6.49 23.08 -8.82
N THR D 128 -7.45 23.52 -8.02
CA THR D 128 -8.86 23.37 -8.40
C THR D 128 -9.15 24.23 -9.63
N ALA D 129 -8.76 25.49 -9.55
CA ALA D 129 -8.98 26.44 -10.64
C ALA D 129 -8.41 25.95 -11.97
N TYR D 130 -7.12 25.60 -11.98
CA TYR D 130 -6.45 25.12 -13.19
C TYR D 130 -7.02 23.80 -13.70
N ALA D 131 -7.42 22.94 -12.78
CA ALA D 131 -7.97 21.66 -13.16
C ALA D 131 -9.33 21.81 -13.84
N LEU D 132 -10.09 22.83 -13.44
CA LEU D 132 -11.41 23.06 -14.01
C LEU D 132 -11.42 23.94 -15.25
N LYS D 133 -10.51 24.90 -15.31
CA LYS D 133 -10.40 25.81 -16.45
C LYS D 133 -8.90 26.09 -16.58
N PRO D 134 -8.20 25.28 -17.39
CA PRO D 134 -6.75 25.40 -17.60
C PRO D 134 -6.17 26.76 -17.95
N ASP D 135 -6.92 27.61 -18.65
CA ASP D 135 -6.33 28.90 -18.99
C ASP D 135 -6.83 30.06 -18.16
N ILE D 136 -7.37 29.74 -16.99
CA ILE D 136 -7.86 30.77 -16.08
C ILE D 136 -6.60 31.42 -15.53
N LYS D 137 -6.69 32.67 -15.11
CA LYS D 137 -5.54 33.34 -14.53
C LYS D 137 -5.87 33.46 -13.05
N VAL D 138 -4.86 33.24 -12.20
CA VAL D 138 -5.08 33.34 -10.78
C VAL D 138 -4.20 34.41 -10.18
N ILE D 139 -4.78 35.21 -9.31
CA ILE D 139 -4.05 36.26 -8.62
C ILE D 139 -4.09 35.96 -7.14
N ALA D 140 -2.93 35.90 -6.52
CA ALA D 140 -2.83 35.65 -5.09
C ALA D 140 -2.12 36.87 -4.53
N PRO D 141 -2.88 37.91 -4.19
CA PRO D 141 -2.29 39.13 -3.63
C PRO D 141 -1.23 38.94 -2.56
N TRP D 142 -1.39 37.95 -1.67
CA TRP D 142 -0.38 37.75 -0.63
C TRP D 142 0.99 37.45 -1.21
N ARG D 143 1.03 36.86 -2.41
CA ARG D 143 2.32 36.55 -3.03
C ARG D 143 2.77 37.68 -3.94
N GLU D 144 1.88 38.64 -4.21
CA GLU D 144 2.23 39.74 -5.13
C GLU D 144 2.43 41.12 -4.51
N TRP D 145 1.86 41.37 -3.33
CA TRP D 145 1.99 42.70 -2.75
C TRP D 145 3.24 43.01 -1.95
N SER D 146 3.34 44.26 -1.49
CA SER D 146 4.49 44.74 -0.75
C SER D 146 4.36 44.97 0.74
N PHE D 147 3.15 44.86 1.29
CA PHE D 147 3.01 45.07 2.74
C PHE D 147 4.11 44.29 3.43
N GLN D 148 4.78 44.95 4.38
CA GLN D 148 5.85 44.28 5.12
C GLN D 148 5.49 44.31 6.60
N GLY D 149 4.22 44.05 6.89
CA GLY D 149 3.76 44.04 8.26
C GLY D 149 2.26 44.22 8.38
N ARG D 150 1.73 43.93 9.56
CA ARG D 150 0.30 44.05 9.83
C ARG D 150 -0.01 45.53 9.92
N LYS D 151 0.92 46.27 10.53
CA LYS D 151 0.76 47.71 10.71
C LYS D 151 0.54 48.40 9.37
N GLU D 152 1.28 47.96 8.34
CA GLU D 152 1.15 48.55 7.01
C GLU D 152 -0.21 48.25 6.39
N MET D 153 -0.72 47.05 6.63
CA MET D 153 -2.00 46.66 6.08
C MET D 153 -3.16 47.48 6.66
N ILE D 154 -3.13 47.70 7.97
CA ILE D 154 -4.18 48.48 8.64
C ILE D 154 -4.12 49.94 8.18
N ALA D 155 -2.91 50.48 8.07
CA ALA D 155 -2.76 51.86 7.62
C ALA D 155 -3.39 51.95 6.25
N TYR D 156 -3.12 50.95 5.41
CA TYR D 156 -3.67 50.91 4.06
C TYR D 156 -5.20 50.82 4.15
N ALA D 157 -5.69 50.06 5.15
CA ALA D 157 -7.13 49.88 5.33
C ALA D 157 -7.78 51.22 5.69
N GLU D 158 -7.23 51.90 6.69
CA GLU D 158 -7.76 53.18 7.12
C GLU D 158 -7.61 54.20 6.00
N ALA D 159 -6.41 54.31 5.43
CA ALA D 159 -6.21 55.24 4.34
C ALA D 159 -7.27 55.02 3.25
N HIS D 160 -7.86 53.82 3.22
CA HIS D 160 -8.86 53.51 2.19
C HIS D 160 -10.33 53.47 2.60
N GLY D 161 -10.61 53.61 3.90
CA GLY D 161 -12.00 53.60 4.34
C GLY D 161 -12.52 52.25 4.80
N ILE D 162 -11.62 51.30 5.00
CA ILE D 162 -12.05 49.98 5.46
C ILE D 162 -12.02 49.86 6.96
N PRO D 163 -13.15 49.50 7.56
CA PRO D 163 -13.20 49.35 9.02
C PRO D 163 -12.04 48.46 9.48
N VAL D 164 -11.40 48.83 10.58
CA VAL D 164 -10.30 48.03 11.13
C VAL D 164 -10.73 47.71 12.55
N PRO D 165 -10.09 46.73 13.19
CA PRO D 165 -10.47 46.38 14.57
C PRO D 165 -10.15 47.48 15.59
N PRO D 171 -4.32 37.10 18.09
CA PRO D 171 -3.45 36.19 18.91
C PRO D 171 -3.34 34.84 18.19
N TYR D 172 -4.17 34.67 17.17
CA TYR D 172 -4.19 33.47 16.34
C TYR D 172 -5.20 33.71 15.22
N SER D 173 -5.17 32.86 14.21
CA SER D 173 -6.07 32.99 13.07
C SER D 173 -7.04 31.81 13.04
N MET D 174 -8.28 32.06 12.65
CA MET D 174 -9.25 30.98 12.58
C MET D 174 -9.96 30.89 11.25
N ASP D 175 -10.45 29.69 10.95
CA ASP D 175 -11.18 29.44 9.72
C ASP D 175 -12.31 28.51 10.14
N ALA D 176 -13.52 28.99 10.01
CA ALA D 176 -14.68 28.23 10.42
C ALA D 176 -15.66 27.92 9.30
N ASN D 177 -16.28 26.74 9.38
CA ASN D 177 -17.29 26.32 8.43
C ASN D 177 -18.14 25.22 9.10
N LEU D 178 -19.12 24.70 8.38
CA LEU D 178 -20.02 23.68 8.94
C LEU D 178 -19.34 22.44 9.51
N LEU D 179 -18.12 22.16 9.07
CA LEU D 179 -17.38 20.99 9.52
C LEU D 179 -16.50 21.24 10.74
N HIS D 180 -15.84 22.39 10.81
CA HIS D 180 -14.97 22.65 11.95
C HIS D 180 -14.55 24.10 12.03
N ILE D 181 -13.71 24.37 13.03
CA ILE D 181 -13.12 25.68 13.16
C ILE D 181 -11.67 25.37 13.38
N SER D 182 -10.83 25.94 12.54
CA SER D 182 -9.39 25.77 12.62
C SER D 182 -8.78 26.97 13.33
N TYR D 183 -7.77 26.71 14.16
CA TYR D 183 -7.06 27.75 14.88
C TYR D 183 -5.55 27.53 14.73
N GLU D 184 -4.84 28.54 14.24
CA GLU D 184 -3.39 28.45 14.12
C GLU D 184 -2.75 29.84 13.99
N GLY D 185 -1.46 29.91 14.25
CA GLY D 185 -0.75 31.18 14.18
C GLY D 185 -0.63 31.81 15.55
N GLY D 186 0.15 32.90 15.63
CA GLY D 186 0.33 33.59 16.88
C GLY D 186 0.80 32.73 18.04
N VAL D 187 0.06 32.80 19.14
CA VAL D 187 0.37 32.06 20.36
C VAL D 187 0.49 30.55 20.10
N LEU D 188 -0.21 30.07 19.09
CA LEU D 188 -0.21 28.64 18.76
C LEU D 188 1.08 28.15 18.09
N GLU D 189 1.93 29.06 17.63
CA GLU D 189 3.18 28.69 16.96
C GLU D 189 4.22 28.03 17.87
N ASP D 190 3.96 28.00 19.17
CA ASP D 190 4.88 27.34 20.08
C ASP D 190 4.23 26.00 20.40
N PRO D 191 4.70 24.92 19.75
CA PRO D 191 4.13 23.60 19.98
C PRO D 191 4.19 23.05 21.41
N TRP D 192 4.83 23.78 22.31
CA TRP D 192 4.90 23.34 23.70
C TRP D 192 3.88 24.08 24.55
N ALA D 193 3.26 25.09 23.96
CA ALA D 193 2.26 25.89 24.66
C ALA D 193 0.82 25.47 24.39
N GLU D 194 0.10 25.12 25.44
CA GLU D 194 -1.30 24.71 25.31
C GLU D 194 -2.09 25.89 24.77
N PRO D 195 -3.13 25.63 23.96
CA PRO D 195 -3.92 26.75 23.43
C PRO D 195 -4.51 27.53 24.59
N PRO D 196 -4.76 28.84 24.40
CA PRO D 196 -5.32 29.69 25.45
C PRO D 196 -6.73 29.32 25.93
N LYS D 197 -6.99 29.55 27.21
CA LYS D 197 -8.28 29.25 27.78
C LYS D 197 -9.32 30.06 27.02
N GLY D 198 -10.49 29.49 26.79
CA GLY D 198 -11.53 30.22 26.10
C GLY D 198 -11.38 30.41 24.60
N MET D 199 -10.40 29.76 23.98
CA MET D 199 -10.20 29.90 22.54
C MET D 199 -11.31 29.26 21.70
N PHE D 200 -11.70 28.04 22.06
CA PHE D 200 -12.73 27.32 21.30
C PHE D 200 -14.08 28.00 21.26
N ARG D 201 -14.71 27.96 20.09
CA ARG D 201 -15.99 28.59 19.90
C ARG D 201 -17.14 27.66 19.51
N MET D 202 -16.81 26.58 18.81
CA MET D 202 -17.84 25.64 18.35
C MET D 202 -18.20 24.62 19.44
N THR D 203 -17.24 24.29 20.29
CA THR D 203 -17.50 23.33 21.33
C THR D 203 -17.38 23.94 22.72
N GLN D 204 -18.24 23.46 23.61
CA GLN D 204 -18.22 23.94 24.98
C GLN D 204 -17.09 23.25 25.71
N ASP D 205 -16.44 24.00 26.59
CA ASP D 205 -15.36 23.49 27.40
C ASP D 205 -15.82 22.22 28.12
N PRO D 206 -15.11 21.09 27.92
CA PRO D 206 -15.50 19.85 28.60
C PRO D 206 -15.76 20.02 30.08
N GLU D 207 -15.02 20.91 30.73
CA GLU D 207 -15.19 21.16 32.15
C GLU D 207 -16.53 21.82 32.47
N GLU D 208 -17.16 22.39 31.45
CA GLU D 208 -18.45 23.06 31.65
C GLU D 208 -19.58 22.30 30.96
N ALA D 209 -19.28 21.12 30.43
CA ALA D 209 -20.28 20.32 29.73
C ALA D 209 -21.20 19.58 30.71
N PRO D 210 -22.39 19.16 30.24
CA PRO D 210 -23.38 18.43 31.05
C PRO D 210 -22.80 17.32 31.91
N ASP D 211 -23.38 17.12 33.08
CA ASP D 211 -22.90 16.10 33.99
C ASP D 211 -23.44 14.71 33.69
N ALA D 212 -24.49 14.67 32.90
CA ALA D 212 -25.08 13.40 32.51
C ALA D 212 -24.69 13.17 31.05
N PRO D 213 -24.21 11.96 30.74
CA PRO D 213 -23.83 11.69 29.34
C PRO D 213 -25.10 11.78 28.51
N GLU D 214 -24.94 11.99 27.21
CA GLU D 214 -26.10 12.06 26.32
C GLU D 214 -25.89 10.99 25.26
N TYR D 215 -26.93 10.22 24.98
CA TYR D 215 -26.81 9.18 23.95
C TYR D 215 -27.35 9.72 22.64
N VAL D 216 -26.72 9.33 21.55
CA VAL D 216 -27.15 9.76 20.24
C VAL D 216 -27.06 8.58 19.29
N GLU D 217 -28.01 8.50 18.37
CA GLU D 217 -28.02 7.43 17.38
C GLU D 217 -28.00 8.07 16.01
N VAL D 218 -27.15 7.54 15.14
CA VAL D 218 -27.05 8.06 13.78
C VAL D 218 -27.31 6.92 12.78
N GLU D 219 -28.22 7.16 11.86
CA GLU D 219 -28.56 6.17 10.86
C GLU D 219 -27.77 6.43 9.59
N PHE D 220 -27.26 5.37 8.98
CA PHE D 220 -26.53 5.49 7.73
C PHE D 220 -27.26 4.71 6.67
N PHE D 221 -27.27 5.26 5.45
CA PHE D 221 -27.89 4.56 4.33
C PHE D 221 -26.90 4.61 3.19
N GLU D 222 -26.47 3.44 2.75
CA GLU D 222 -25.52 3.34 1.65
C GLU D 222 -24.29 4.25 1.77
N GLY D 223 -23.72 4.33 2.95
CA GLY D 223 -22.52 5.13 3.15
C GLY D 223 -22.66 6.56 3.64
N ASP D 224 -23.86 7.12 3.63
CA ASP D 224 -24.06 8.49 4.11
C ASP D 224 -25.04 8.52 5.28
N PRO D 225 -24.81 9.43 6.24
CA PRO D 225 -25.70 9.55 7.40
C PRO D 225 -27.01 10.23 6.96
N VAL D 226 -28.14 9.67 7.35
CA VAL D 226 -29.43 10.21 6.93
C VAL D 226 -30.39 10.64 8.02
N ALA D 227 -30.15 10.22 9.25
CA ALA D 227 -31.04 10.57 10.36
C ALA D 227 -30.28 10.64 11.67
N VAL D 228 -30.81 11.45 12.59
CA VAL D 228 -30.22 11.59 13.93
C VAL D 228 -31.36 11.38 14.91
N ASN D 229 -31.14 10.46 15.86
CA ASN D 229 -32.15 10.13 16.85
C ASN D 229 -33.52 9.88 16.21
N GLY D 230 -33.51 9.23 15.06
CA GLY D 230 -34.74 8.91 14.36
C GLY D 230 -35.31 9.98 13.46
N GLU D 231 -34.72 11.17 13.47
CA GLU D 231 -35.22 12.25 12.63
C GLU D 231 -34.41 12.32 11.33
N ARG D 232 -35.08 12.15 10.20
CA ARG D 232 -34.38 12.24 8.91
C ARG D 232 -33.97 13.69 8.74
N LEU D 233 -32.73 13.93 8.35
CA LEU D 233 -32.23 15.27 8.14
C LEU D 233 -31.42 15.35 6.86
N SER D 234 -31.52 16.47 6.16
CA SER D 234 -30.76 16.67 4.94
C SER D 234 -29.30 16.73 5.39
N PRO D 235 -28.36 16.60 4.45
CA PRO D 235 -26.93 16.63 4.76
C PRO D 235 -26.43 17.79 5.66
N ALA D 236 -26.68 19.02 5.27
CA ALA D 236 -26.23 20.17 6.08
C ALA D 236 -26.97 20.26 7.40
N ALA D 237 -28.26 19.93 7.37
CA ALA D 237 -29.09 19.95 8.58
C ALA D 237 -28.55 18.89 9.54
N LEU D 238 -28.19 17.74 8.98
CA LEU D 238 -27.68 16.65 9.81
C LEU D 238 -26.34 17.00 10.45
N LEU D 239 -25.44 17.65 9.71
CA LEU D 239 -24.13 18.00 10.27
C LEU D 239 -24.35 19.08 11.34
N GLN D 240 -25.27 20.00 11.08
CA GLN D 240 -25.57 21.07 12.02
C GLN D 240 -26.07 20.45 13.33
N ARG D 241 -27.05 19.57 13.23
CA ARG D 241 -27.61 18.90 14.41
C ARG D 241 -26.54 18.22 15.23
N LEU D 242 -25.64 17.49 14.56
CA LEU D 242 -24.57 16.81 15.27
C LEU D 242 -23.54 17.77 15.83
N ASN D 243 -23.43 18.97 15.25
CA ASN D 243 -22.50 19.96 15.77
C ASN D 243 -23.07 20.46 17.09
N GLU D 244 -24.39 20.66 17.13
CA GLU D 244 -25.06 21.14 18.35
C GLU D 244 -24.92 20.12 19.48
N ILE D 245 -25.27 18.87 19.19
CA ILE D 245 -25.18 17.81 20.19
C ILE D 245 -23.76 17.62 20.68
N GLY D 246 -22.82 17.42 19.77
CA GLY D 246 -21.44 17.22 20.16
C GLY D 246 -20.80 18.46 20.78
N GLY D 247 -21.12 19.63 20.23
CA GLY D 247 -20.55 20.86 20.74
C GLY D 247 -20.89 21.06 22.21
N ARG D 248 -22.15 20.88 22.53
CA ARG D 248 -22.64 21.02 23.89
C ARG D 248 -21.77 20.19 24.81
N HIS D 249 -21.25 19.08 24.29
CA HIS D 249 -20.42 18.21 25.12
C HIS D 249 -18.90 18.38 25.02
N GLY D 250 -18.45 19.30 24.17
CA GLY D 250 -17.01 19.56 24.05
C GLY D 250 -16.26 18.54 23.20
N VAL D 251 -17.00 17.78 22.43
CA VAL D 251 -16.44 16.73 21.57
C VAL D 251 -15.73 17.21 20.31
N GLY D 252 -14.69 16.48 19.91
CA GLY D 252 -13.97 16.76 18.67
C GLY D 252 -12.80 17.72 18.63
N ARG D 253 -12.07 17.86 19.75
CA ARG D 253 -10.92 18.76 19.80
C ARG D 253 -9.59 18.02 19.60
N VAL D 254 -8.76 18.54 18.70
CA VAL D 254 -7.45 17.94 18.47
C VAL D 254 -6.40 19.03 18.38
N ASP D 255 -5.17 18.67 18.72
CA ASP D 255 -4.04 19.59 18.73
C ASP D 255 -2.83 18.87 18.13
N ILE D 256 -2.39 19.30 16.96
CA ILE D 256 -1.29 18.63 16.27
C ILE D 256 -0.31 19.55 15.55
N VAL D 257 0.88 19.02 15.29
CA VAL D 257 1.88 19.71 14.50
C VAL D 257 1.81 18.86 13.23
N GLU D 258 1.32 19.46 12.15
CA GLU D 258 1.16 18.78 10.87
C GLU D 258 2.16 19.25 9.83
N ASN D 259 2.31 18.46 8.77
CA ASN D 259 3.24 18.78 7.68
C ASN D 259 2.48 19.41 6.53
N ARG D 260 2.74 20.67 6.22
CA ARG D 260 2.07 21.31 5.10
C ARG D 260 2.65 20.73 3.82
N PHE D 261 1.89 20.80 2.75
CA PHE D 261 2.29 20.30 1.44
C PHE D 261 3.47 21.12 0.94
N VAL D 262 3.51 22.34 1.43
CA VAL D 262 4.52 23.28 1.04
C VAL D 262 5.88 23.10 1.72
N GLY D 263 6.01 22.05 2.53
CA GLY D 263 7.29 21.76 3.15
C GLY D 263 7.56 21.90 4.64
N MET D 264 6.93 22.87 5.31
CA MET D 264 7.21 23.04 6.73
C MET D 264 6.11 22.54 7.67
N LYS D 265 6.46 22.30 8.92
CA LYS D 265 5.51 21.85 9.93
C LYS D 265 4.79 23.06 10.52
N SER D 266 3.55 22.84 10.92
CA SER D 266 2.73 23.90 11.46
C SER D 266 1.86 23.37 12.60
N ARG D 267 1.74 24.15 13.68
CA ARG D 267 0.93 23.72 14.83
C ARG D 267 -0.51 24.15 14.62
N GLY D 268 -1.42 23.18 14.53
CA GLY D 268 -2.82 23.49 14.31
C GLY D 268 -3.75 22.93 15.38
N VAL D 269 -4.85 23.62 15.63
CA VAL D 269 -5.83 23.19 16.62
C VAL D 269 -7.18 23.18 15.92
N TYR D 270 -7.96 22.14 16.11
CA TYR D 270 -9.25 22.01 15.45
C TYR D 270 -10.38 21.47 16.34
N GLU D 271 -11.59 21.93 16.09
CA GLU D 271 -12.76 21.43 16.81
C GLU D 271 -13.72 20.98 15.73
N THR D 272 -14.02 19.68 15.75
CA THR D 272 -14.88 19.04 14.75
C THR D 272 -15.91 18.16 15.46
N PRO D 273 -16.81 18.77 16.25
CA PRO D 273 -17.84 18.02 16.99
C PRO D 273 -18.67 17.04 16.16
N GLY D 274 -19.48 17.57 15.25
CA GLY D 274 -20.33 16.73 14.42
C GLY D 274 -19.54 15.71 13.63
N GLY D 275 -18.44 16.15 13.01
CA GLY D 275 -17.63 15.24 12.22
C GLY D 275 -16.99 14.12 13.01
N THR D 276 -16.60 14.42 14.25
CA THR D 276 -15.98 13.42 15.09
C THR D 276 -17.01 12.33 15.46
N ILE D 277 -18.25 12.76 15.71
CA ILE D 277 -19.28 11.79 16.04
C ILE D 277 -19.53 10.92 14.81
N LEU D 278 -19.55 11.55 13.63
CA LEU D 278 -19.78 10.84 12.39
C LEU D 278 -18.65 9.86 12.06
N TYR D 279 -17.42 10.24 12.38
CA TYR D 279 -16.29 9.37 12.11
C TYR D 279 -16.51 8.04 12.84
N HIS D 280 -16.76 8.13 14.15
CA HIS D 280 -16.98 6.95 14.97
C HIS D 280 -18.27 6.20 14.68
N ALA D 281 -19.33 6.94 14.36
CA ALA D 281 -20.62 6.31 14.05
C ALA D 281 -20.45 5.47 12.78
N ARG D 282 -19.78 6.02 11.79
CA ARG D 282 -19.56 5.31 10.53
C ARG D 282 -18.79 4.02 10.77
N ARG D 283 -17.68 4.10 11.49
CA ARG D 283 -16.90 2.90 11.74
C ARG D 283 -17.71 1.86 12.50
N ALA D 284 -18.58 2.32 13.40
CA ALA D 284 -19.41 1.40 14.17
C ALA D 284 -20.35 0.62 13.26
N VAL D 285 -20.96 1.31 12.30
CA VAL D 285 -21.86 0.65 11.37
C VAL D 285 -21.05 -0.24 10.42
N GLU D 286 -19.86 0.25 10.04
CA GLU D 286 -18.97 -0.51 9.16
C GLU D 286 -18.55 -1.83 9.78
N SER D 287 -18.41 -1.86 11.11
CA SER D 287 -17.98 -3.07 11.80
C SER D 287 -18.96 -4.23 11.66
N LEU D 288 -20.21 -3.93 11.27
CA LEU D 288 -21.22 -4.96 11.08
C LEU D 288 -21.49 -5.20 9.60
N THR D 289 -21.27 -4.17 8.78
CA THR D 289 -21.57 -4.28 7.36
C THR D 289 -20.44 -4.45 6.35
N LEU D 290 -19.19 -4.35 6.80
CA LEU D 290 -18.07 -4.52 5.87
C LEU D 290 -17.27 -5.77 6.12
N ASP D 291 -16.86 -6.41 5.02
CA ASP D 291 -16.07 -7.61 5.09
C ASP D 291 -14.67 -7.28 5.62
N ARG D 292 -14.12 -8.23 6.37
CA ARG D 292 -12.80 -8.09 6.96
C ARG D 292 -11.73 -7.62 5.99
N GLU D 293 -11.59 -8.33 4.87
CA GLU D 293 -10.58 -7.98 3.90
C GLU D 293 -10.83 -6.65 3.23
N VAL D 294 -12.08 -6.35 2.91
CA VAL D 294 -12.43 -5.08 2.29
C VAL D 294 -11.98 -3.98 3.24
N LEU D 295 -12.40 -4.10 4.50
CA LEU D 295 -12.04 -3.13 5.52
C LEU D 295 -10.54 -2.91 5.62
N HIS D 296 -9.78 -3.98 5.77
CA HIS D 296 -8.32 -3.87 5.90
C HIS D 296 -7.68 -3.16 4.71
N GLN D 297 -8.16 -3.44 3.51
CA GLN D 297 -7.62 -2.80 2.32
C GLN D 297 -8.02 -1.32 2.30
N ARG D 298 -9.29 -1.08 2.62
CA ARG D 298 -9.82 0.28 2.64
C ARG D 298 -9.02 1.15 3.61
N ASP D 299 -8.75 0.63 4.80
CA ASP D 299 -8.01 1.38 5.80
C ASP D 299 -6.57 1.71 5.38
N MET D 300 -5.99 0.88 4.52
CA MET D 300 -4.63 1.14 4.07
C MET D 300 -4.58 2.17 2.95
N LEU D 301 -5.74 2.49 2.38
CA LEU D 301 -5.82 3.48 1.32
C LEU D 301 -6.29 4.82 1.85
N SER D 302 -7.05 4.80 2.94
CA SER D 302 -7.56 6.02 3.53
C SER D 302 -6.52 7.13 3.67
N PRO D 303 -5.36 6.83 4.28
CA PRO D 303 -4.30 7.83 4.48
C PRO D 303 -3.85 8.53 3.19
N LYS D 304 -3.87 7.79 2.08
CA LYS D 304 -3.47 8.34 0.79
C LYS D 304 -4.52 9.33 0.30
N TYR D 305 -5.79 8.94 0.41
CA TYR D 305 -6.90 9.79 0.01
C TYR D 305 -6.86 11.06 0.84
N ALA D 306 -6.50 10.91 2.11
CA ALA D 306 -6.43 12.05 3.02
C ALA D 306 -5.36 13.05 2.57
N GLU D 307 -4.18 12.57 2.20
CA GLU D 307 -3.15 13.52 1.78
C GLU D 307 -3.56 14.20 0.47
N LEU D 308 -4.30 13.50 -0.39
CA LEU D 308 -4.76 14.09 -1.64
C LEU D 308 -5.68 15.27 -1.34
N VAL D 309 -6.63 15.06 -0.44
CA VAL D 309 -7.55 16.12 -0.06
C VAL D 309 -6.78 17.27 0.60
N TYR D 310 -5.85 16.93 1.48
CA TYR D 310 -5.05 17.93 2.19
C TYR D 310 -4.17 18.75 1.25
N TYR D 311 -3.54 18.11 0.27
CA TYR D 311 -2.68 18.82 -0.66
C TYR D 311 -3.45 19.67 -1.64
N GLY D 312 -4.72 19.32 -1.88
CA GLY D 312 -5.54 20.08 -2.79
C GLY D 312 -5.91 19.34 -4.07
N PHE D 313 -5.64 18.05 -4.14
CA PHE D 313 -5.98 17.29 -5.33
C PHE D 313 -7.38 16.71 -5.27
N TRP D 314 -8.38 17.57 -5.18
CA TRP D 314 -9.77 17.12 -5.13
C TRP D 314 -10.25 16.80 -6.54
N TYR D 315 -10.17 17.79 -7.43
CA TYR D 315 -10.57 17.55 -8.82
C TYR D 315 -9.34 17.04 -9.56
N ALA D 316 -8.88 15.86 -9.16
CA ALA D 316 -7.70 15.22 -9.76
C ALA D 316 -8.08 13.77 -10.02
N PRO D 317 -7.55 13.17 -11.10
CA PRO D 317 -7.90 11.78 -11.41
C PRO D 317 -7.58 10.73 -10.33
N GLU D 318 -6.53 10.94 -9.54
CA GLU D 318 -6.16 9.98 -8.49
C GLU D 318 -7.24 9.88 -7.45
N ARG D 319 -7.71 11.05 -7.03
CA ARG D 319 -8.72 11.13 -5.99
C ARG D 319 -10.05 10.58 -6.49
N GLU D 320 -10.42 10.91 -7.73
CA GLU D 320 -11.67 10.41 -8.29
C GLU D 320 -11.62 8.89 -8.47
N ALA D 321 -10.43 8.36 -8.75
CA ALA D 321 -10.25 6.92 -8.92
C ALA D 321 -10.42 6.26 -7.56
N LEU D 322 -9.70 6.77 -6.57
CA LEU D 322 -9.83 6.21 -5.22
C LEU D 322 -11.27 6.33 -4.78
N GLN D 323 -11.93 7.44 -5.15
CA GLN D 323 -13.33 7.63 -4.76
C GLN D 323 -14.21 6.49 -5.25
N ALA D 324 -13.94 6.00 -6.46
CA ALA D 324 -14.73 4.90 -7.02
C ALA D 324 -14.62 3.68 -6.10
N TYR D 325 -13.43 3.46 -5.56
CA TYR D 325 -13.20 2.35 -4.65
C TYR D 325 -13.97 2.55 -3.35
N PHE D 326 -13.74 3.69 -2.71
CA PHE D 326 -14.40 4.02 -1.46
C PHE D 326 -15.92 4.02 -1.55
N ASP D 327 -16.45 4.57 -2.65
CA ASP D 327 -17.89 4.61 -2.84
C ASP D 327 -18.47 3.20 -2.97
N HIS D 328 -17.75 2.33 -3.65
CA HIS D 328 -18.18 0.95 -3.85
C HIS D 328 -18.32 0.26 -2.50
N VAL D 329 -17.31 0.42 -1.67
CA VAL D 329 -17.27 -0.16 -0.34
C VAL D 329 -18.33 0.45 0.57
N ALA D 330 -18.43 1.77 0.51
CA ALA D 330 -19.39 2.52 1.34
C ALA D 330 -20.84 2.18 1.09
N ARG D 331 -21.14 1.68 -0.09
CA ARG D 331 -22.51 1.34 -0.47
C ARG D 331 -23.17 0.34 0.50
N SER D 332 -22.36 -0.47 1.19
CA SER D 332 -22.91 -1.46 2.14
C SER D 332 -23.09 -0.88 3.54
N VAL D 333 -22.56 0.31 3.78
CA VAL D 333 -22.67 0.89 5.11
C VAL D 333 -24.07 1.45 5.36
N THR D 334 -24.93 0.56 5.84
CA THR D 334 -26.32 0.85 6.13
C THR D 334 -26.66 0.27 7.50
N GLY D 335 -27.08 1.13 8.41
CA GLY D 335 -27.41 0.68 9.74
C GLY D 335 -27.43 1.84 10.72
N VAL D 336 -27.35 1.55 12.01
CA VAL D 336 -27.39 2.56 13.06
C VAL D 336 -26.30 2.41 14.12
N ALA D 337 -25.70 3.54 14.47
CA ALA D 337 -24.66 3.56 15.50
C ALA D 337 -25.26 4.28 16.71
N ARG D 338 -24.97 3.80 17.91
CA ARG D 338 -25.45 4.45 19.12
C ARG D 338 -24.19 4.86 19.86
N LEU D 339 -24.06 6.16 20.07
CA LEU D 339 -22.89 6.70 20.74
C LEU D 339 -23.25 7.42 22.03
N LYS D 340 -22.30 7.46 22.94
CA LYS D 340 -22.46 8.10 24.23
C LYS D 340 -21.49 9.28 24.32
N LEU D 341 -22.03 10.47 24.56
CA LEU D 341 -21.22 11.68 24.66
C LEU D 341 -21.06 12.14 26.11
N TYR D 342 -19.80 12.37 26.51
CA TYR D 342 -19.55 12.81 27.87
C TYR D 342 -18.26 13.62 28.02
N LYS D 343 -18.41 14.86 28.50
CA LYS D 343 -17.29 15.77 28.72
C LYS D 343 -16.08 15.58 27.82
N GLY D 344 -16.23 15.99 26.55
CA GLY D 344 -15.14 15.89 25.60
C GLY D 344 -14.96 14.59 24.84
N ASN D 345 -15.51 13.50 25.36
CA ASN D 345 -15.34 12.20 24.71
C ASN D 345 -16.58 11.63 24.01
N VAL D 346 -16.34 10.81 22.98
CA VAL D 346 -17.39 10.14 22.22
C VAL D 346 -17.17 8.65 22.41
N TYR D 347 -18.19 7.93 22.85
CA TYR D 347 -18.07 6.49 23.07
C TYR D 347 -19.09 5.69 22.28
N VAL D 348 -18.60 4.76 21.46
CA VAL D 348 -19.51 3.89 20.72
C VAL D 348 -20.02 2.91 21.77
N VAL D 349 -21.33 2.76 21.88
CA VAL D 349 -21.88 1.81 22.85
C VAL D 349 -22.75 0.76 22.21
N GLY D 350 -22.97 0.88 20.91
CA GLY D 350 -23.79 -0.09 20.21
C GLY D 350 -23.96 0.18 18.73
N ARG D 351 -24.34 -0.85 17.99
CA ARG D 351 -24.56 -0.74 16.56
C ARG D 351 -25.44 -1.89 16.08
N LYS D 352 -26.25 -1.60 15.06
CA LYS D 352 -27.13 -2.59 14.48
C LYS D 352 -27.24 -2.31 13.00
N ALA D 353 -27.60 -3.32 12.22
CA ALA D 353 -27.72 -3.17 10.78
C ALA D 353 -28.62 -4.24 10.17
N PRO D 354 -29.43 -3.84 9.16
CA PRO D 354 -30.37 -4.71 8.44
C PRO D 354 -29.66 -5.95 7.89
N LYS D 355 -28.45 -5.74 7.37
CA LYS D 355 -27.67 -6.83 6.82
C LYS D 355 -26.37 -7.04 7.56
N SER D 356 -26.45 -7.07 8.88
CA SER D 356 -25.26 -7.28 9.71
C SER D 356 -24.62 -8.62 9.42
N LEU D 357 -23.30 -8.63 9.30
CA LEU D 357 -22.58 -9.86 9.05
C LEU D 357 -22.23 -10.56 10.35
N TYR D 358 -22.61 -9.95 11.47
CA TYR D 358 -22.35 -10.54 12.78
C TYR D 358 -23.33 -11.67 13.03
N ARG D 359 -22.83 -12.79 13.55
CA ARG D 359 -23.67 -13.96 13.86
C ARG D 359 -23.29 -14.44 15.24
N GLN D 360 -24.20 -14.29 16.19
CA GLN D 360 -23.89 -14.72 17.55
C GLN D 360 -23.58 -16.21 17.62
N ASP D 361 -24.28 -17.02 16.82
CA ASP D 361 -24.01 -18.45 16.88
C ASP D 361 -22.58 -18.83 16.49
N LEU D 362 -21.86 -17.93 15.84
CA LEU D 362 -20.48 -18.25 15.47
C LEU D 362 -19.53 -18.02 16.64
N VAL D 363 -19.98 -17.27 17.64
CA VAL D 363 -19.15 -16.96 18.80
C VAL D 363 -19.68 -17.57 20.10
N SER D 364 -20.98 -17.89 20.13
CA SER D 364 -21.61 -18.47 21.31
C SER D 364 -21.09 -19.86 21.61
N PHE D 365 -21.05 -20.21 22.89
CA PHE D 365 -20.57 -21.52 23.30
C PHE D 365 -21.74 -22.45 23.63
N GLY D 370 -20.03 -22.50 12.83
CA GLY D 370 -19.83 -22.20 11.36
C GLY D 370 -18.81 -23.17 10.82
N TYR D 371 -18.27 -23.97 11.73
CA TYR D 371 -17.28 -24.96 11.38
C TYR D 371 -17.04 -25.76 12.64
N ASP D 372 -16.37 -26.89 12.54
CA ASP D 372 -16.10 -27.63 13.74
C ASP D 372 -14.63 -27.48 14.07
N GLN D 373 -14.33 -27.83 15.31
CA GLN D 373 -13.00 -27.73 15.87
C GLN D 373 -11.86 -28.17 14.97
N LYS D 374 -12.03 -29.33 14.35
CA LYS D 374 -10.99 -29.86 13.48
C LYS D 374 -10.65 -28.90 12.33
N ASP D 375 -11.63 -28.14 11.85
CA ASP D 375 -11.37 -27.20 10.77
C ASP D 375 -10.24 -26.24 11.15
N ALA D 376 -10.32 -25.72 12.37
CA ALA D 376 -9.31 -24.79 12.87
C ALA D 376 -7.91 -25.42 12.88
N GLU D 377 -7.84 -26.69 13.23
CA GLU D 377 -6.54 -27.37 13.26
C GLU D 377 -5.88 -27.38 11.88
N GLY D 378 -6.67 -27.72 10.86
CA GLY D 378 -6.13 -27.76 9.51
C GLY D 378 -5.72 -26.38 9.02
N PHE D 379 -6.52 -25.38 9.37
CA PHE D 379 -6.26 -23.99 9.02
C PHE D 379 -4.91 -23.60 9.59
N ILE D 380 -4.71 -23.88 10.88
CA ILE D 380 -3.46 -23.58 11.55
C ILE D 380 -2.27 -24.29 10.92
N LYS D 381 -2.43 -25.59 10.66
CA LYS D 381 -1.35 -26.37 10.06
C LYS D 381 -0.90 -25.79 8.72
N ILE D 382 -1.88 -25.46 7.87
CA ILE D 382 -1.58 -24.90 6.55
C ILE D 382 -0.93 -23.52 6.69
N GLN D 383 -1.45 -22.70 7.60
CA GLN D 383 -0.89 -21.38 7.82
C GLN D 383 0.54 -21.50 8.35
N ALA D 384 0.80 -22.55 9.12
CA ALA D 384 2.11 -22.74 9.72
C ALA D 384 3.16 -23.39 8.81
N LEU D 385 2.71 -24.04 7.74
CA LEU D 385 3.64 -24.72 6.85
C LEU D 385 4.91 -23.94 6.47
N ARG D 386 4.77 -22.74 5.91
CA ARG D 386 5.95 -21.99 5.50
C ARG D 386 6.87 -21.60 6.66
N LEU D 387 6.30 -21.39 7.84
CA LEU D 387 7.10 -21.04 8.99
C LEU D 387 7.93 -22.25 9.43
N ARG D 388 7.32 -23.44 9.38
CA ARG D 388 8.03 -24.65 9.77
C ARG D 388 9.15 -24.98 8.79
N VAL D 389 8.89 -24.82 7.49
CA VAL D 389 9.91 -25.08 6.49
C VAL D 389 11.07 -24.11 6.78
N ARG D 390 10.71 -22.86 7.07
CA ARG D 390 11.71 -21.82 7.37
C ARG D 390 12.57 -22.27 8.55
N ALA D 391 11.94 -22.65 9.64
CA ALA D 391 12.66 -23.08 10.85
C ALA D 391 13.56 -24.28 10.56
N LEU D 392 13.05 -25.24 9.80
CA LEU D 392 13.81 -26.42 9.46
C LEU D 392 15.05 -26.08 8.66
N VAL D 393 14.91 -25.25 7.64
CA VAL D 393 16.06 -24.86 6.81
C VAL D 393 17.10 -24.15 7.66
N GLU D 394 16.63 -23.31 8.58
CA GLU D 394 17.56 -22.62 9.46
C GLU D 394 18.19 -23.74 10.29
N ARG D 395 17.52 -24.90 10.30
CA ARG D 395 17.96 -26.07 11.08
C ARG D 395 18.96 -25.63 12.10
S SO4 E . 26.30 18.20 -22.37
O1 SO4 E . 26.87 16.75 -21.98
O2 SO4 E . 25.66 17.99 -23.66
O3 SO4 E . 25.45 18.61 -21.41
O4 SO4 E . 27.53 18.96 -22.54
P AMP F . 22.35 14.89 -20.54
O1P AMP F . 21.66 15.81 -21.71
O2P AMP F . 21.20 13.77 -20.31
O3P AMP F . 23.46 14.23 -21.04
O5' AMP F . 22.58 15.82 -19.43
C5' AMP F . 23.13 15.58 -18.00
C4' AMP F . 23.69 16.83 -17.35
O4' AMP F . 24.21 16.34 -16.05
C3' AMP F . 24.93 17.50 -18.22
O3' AMP F . 24.31 18.67 -18.91
C2' AMP F . 25.94 17.77 -17.02
O2' AMP F . 25.84 19.04 -16.38
C1' AMP F . 25.66 16.61 -15.95
N9 AMP F . 26.53 15.34 -16.27
C8 AMP F . 26.22 14.19 -17.07
N7 AMP F . 27.17 13.21 -17.17
C5 AMP F . 28.17 13.77 -16.38
C6 AMP F . 29.47 13.28 -16.01
N6 AMP F . 29.87 12.05 -16.47
N1 AMP F . 30.25 14.10 -15.19
C2 AMP F . 29.81 15.34 -14.72
N3 AMP F . 28.58 15.87 -15.03
C4 AMP F . 27.82 15.07 -15.83
O51 AS1 G . 15.95 9.28 -16.15
O52 AS1 G . 14.24 10.62 -16.22
C5 AS1 G . 15.01 9.81 -16.80
C4 AS1 G . 14.84 9.50 -18.26
N4 AS1 G . 13.66 9.69 -19.07
C3 AS1 G . 16.13 9.02 -18.94
C2 AS1 G . 17.06 10.22 -19.15
C1 AS1 G . 18.12 11.24 -19.44
N2 AS1 G . 18.81 12.60 -19.96
C AS1 G . 18.47 13.67 -20.58
N3 AS1 G . 17.71 13.30 -21.72
N1 AS1 G . 18.44 14.98 -20.31
CA AS1 G . 17.41 15.59 -19.72
CG AS1 G . 17.58 17.06 -19.24
OG2 AS1 G . 16.87 17.99 -19.56
OG1 AS1 G . 18.51 17.34 -18.50
CB AS1 G . 16.18 14.56 -18.92
CD AS1 G . 15.13 15.00 -17.87
OD1 AS1 G . 13.98 14.46 -17.85
OD2 AS1 G . 15.51 15.85 -17.00
S SO4 H . -8.29 -35.26 -14.93
O1 SO4 H . -8.68 -33.98 -15.87
O2 SO4 H . -6.90 -35.51 -15.23
O3 SO4 H . -8.51 -34.92 -13.65
O4 SO4 H . -9.08 -36.36 -15.45
P AMP I . -5.47 -30.69 -13.16
O1P AMP I . -4.85 -32.16 -13.61
O2P AMP I . -5.18 -30.73 -11.50
O3P AMP I . -4.71 -29.72 -13.75
O5' AMP I . -6.87 -30.78 -13.60
C5' AMP I . -8.13 -29.91 -13.26
C4' AMP I . -9.23 -30.49 -12.28
O4' AMP I . -10.23 -29.39 -12.33
C3' AMP I . -9.89 -31.86 -12.89
O3' AMP I . -9.52 -32.88 -11.89
C2' AMP I . -11.43 -31.46 -12.94
O2' AMP I . -12.26 -31.97 -11.92
C1' AMP I . -11.49 -29.86 -12.99
N9 AMP I . -11.52 -29.39 -14.47
C8 AMP I . -10.46 -28.84 -15.26
N7 AMP I . -10.73 -28.48 -16.55
C5 AMP I . -12.06 -28.84 -16.60
C6 AMP I . -13.01 -28.73 -17.69
N6 AMP I . -12.58 -28.21 -18.87
N1 AMP I . -14.31 -29.18 -17.43
C2 AMP I . -14.70 -29.70 -16.20
N3 AMP I . -13.87 -29.84 -15.13
C4 AMP I . -12.59 -29.40 -15.37
O51 AS1 J . -2.37 -21.64 -11.08
O52 AS1 J . -1.68 -22.33 -9.14
C5 AS1 J . -1.53 -22.24 -10.37
C4 AS1 J . -0.35 -22.91 -11.01
N4 AS1 J . 0.94 -23.16 -10.48
C3 AS1 J . -0.66 -23.46 -12.41
C2 AS1 J . -1.58 -24.68 -12.33
C1 AS1 J . -2.46 -25.88 -12.50
N2 AS1 J . -3.00 -27.41 -12.35
C AS1 J . -2.60 -28.50 -11.76
N3 AS1 J . -1.21 -28.62 -12.03
N1 AS1 J . -3.03 -29.34 -10.79
CA AS1 J . -2.95 -29.06 -9.50
CG AS1 J . -3.87 -29.80 -8.48
OG2 AS1 J . -3.52 -30.19 -7.36
OG1 AS1 J . -5.01 -30.08 -8.79
CB AS1 J . -2.34 -27.42 -9.04
CD AS1 J . -2.79 -26.60 -7.82
OD1 AS1 J . -1.94 -26.08 -7.05
OD2 AS1 J . -4.03 -26.40 -7.69
S SO4 K . -8.38 -19.97 32.10
O1 SO4 K . -7.13 -18.97 32.33
O2 SO4 K . -9.57 -19.24 32.53
O3 SO4 K . -8.42 -20.32 30.81
O4 SO4 K . -8.07 -21.04 33.03
P AMP L . -7.86 -16.58 28.57
O1P AMP L . -9.48 -16.85 28.57
O2P AMP L . -7.81 -14.96 28.33
O3P AMP L . -7.33 -16.83 29.86
O5' AMP L . -7.29 -17.42 27.47
C5' AMP L . -5.78 -17.63 27.15
C4' AMP L . -5.22 -19.07 27.29
O4' AMP L . -3.78 -18.90 27.03
C3' AMP L . -5.40 -19.71 28.80
O3' AMP L . -6.58 -20.59 28.64
C2' AMP L . -3.98 -20.38 28.94
O2' AMP L . -3.83 -21.67 28.44
C1' AMP L . -2.99 -19.39 28.18
N9 AMP L . -2.55 -18.25 29.12
C8 AMP L . -3.11 -16.93 29.30
N7 AMP L . -2.51 -16.11 30.20
C5 AMP L . -1.49 -16.94 30.64
C6 AMP L . -0.47 -16.71 31.60
N6 AMP L . -0.44 -15.48 32.22
N1 AMP L . 0.43 -17.78 31.84
C2 AMP L . 0.35 -19.00 31.19
N3 AMP L . -0.60 -19.29 30.25
C4 AMP L . -1.49 -18.25 30.02
O51 AS1 M . -6.96 -10.36 20.93
O52 AS1 M . -8.11 -11.47 19.46
C5 AS1 M . -8.07 -10.70 20.45
C4 AS1 M . -9.34 -10.23 21.11
N4 AS1 M . -10.64 -10.06 20.52
C3 AS1 M . -9.18 -9.99 22.61
C2 AS1 M . -9.03 -11.32 23.32
C1 AS1 M . -8.87 -12.48 24.26
N2 AS1 M . -9.20 -13.85 25.02
C AS1 M . -10.19 -14.71 25.03
N3 AS1 M . -11.40 -13.96 25.05
N1 AS1 M . -10.38 -15.99 24.74
CA AS1 M . -10.48 -16.45 23.49
CG AS1 M . -10.22 -17.94 23.19
OG2 AS1 M . -10.87 -18.66 22.44
OG1 AS1 M . -9.31 -18.53 23.76
CB AS1 M . -10.28 -15.27 22.14
CD AS1 M . -9.97 -15.60 20.67
OD1 AS1 M . -9.24 -16.58 20.38
OD2 AS1 M . -10.56 -14.90 19.79
S SO4 N . -10.08 37.06 5.43
O1 SO4 N . -11.24 35.95 5.21
O2 SO4 N . -9.94 37.23 6.88
O3 SO4 N . -8.94 36.64 4.84
O4 SO4 N . -10.69 38.27 4.85
P AMP O . -8.53 31.95 6.03
O1P AMP O . -7.49 32.99 6.76
O2P AMP O . -8.00 30.52 6.60
O3P AMP O . -9.81 32.14 6.53
O5' AMP O . -8.39 32.18 4.57
C5' AMP O . -9.18 31.57 3.36
C4' AMP O . -9.24 32.45 2.08
O4' AMP O . -10.10 31.67 1.14
C3' AMP O . -9.96 33.90 2.32
O3' AMP O . -8.78 34.83 2.40
C2' AMP O . -10.83 33.94 0.99
O2' AMP O . -10.21 34.45 -0.15
C1' AMP O . -11.26 32.43 0.72
N9 AMP O . -12.55 32.08 1.55
C8 AMP O . -12.70 31.40 2.80
N7 AMP O . -13.96 31.21 3.28
C5 AMP O . -14.69 31.83 2.25
C6 AMP O . -16.11 32.03 2.07
N6 AMP O . -16.98 31.55 3.04
N1 AMP O . -16.51 32.69 0.90
C2 AMP O . -15.61 33.16 -0.05
N3 AMP O . -14.25 33.02 0.06
C4 AMP O . -13.86 32.36 1.20
O51 AS1 P . -6.32 22.67 6.32
O52 AS1 P . -4.23 22.94 5.83
C5 AS1 P . -5.18 22.98 6.66
C4 AS1 P . -4.91 23.46 8.07
N4 AS1 P . -3.69 23.39 8.81
C3 AS1 P . -6.07 24.19 8.70
C2 AS1 P . -6.35 25.52 8.04
C1 AS1 P . -6.65 26.92 7.60
N2 AS1 P . -6.56 28.48 7.20
C AS1 P . -5.68 29.41 7.27
N3 AS1 P . -5.19 29.43 8.60
N1 AS1 P . -4.97 30.15 6.41
CA AS1 P . -3.87 29.73 5.80
CG AS1 P . -3.33 30.53 4.57
OG2 AS1 P . -4.00 31.05 3.69
OG1 AS1 P . -2.14 30.66 4.40
CB AS1 P . -3.47 27.96 5.88
CD AS1 P . -2.50 27.19 4.96
OD1 AS1 P . -1.81 26.24 5.43
OD2 AS1 P . -2.49 27.53 3.75
#